data_7T61
#
_entry.id   7T61
#
_cell.length_a   79.480
_cell.length_b   82.290
_cell.length_c   220.730
_cell.angle_alpha   90.000
_cell.angle_beta   90.000
_cell.angle_gamma   90.000
#
_symmetry.space_group_name_H-M   'P 21 21 21'
#
loop_
_entity.id
_entity.type
_entity.pdbx_description
1 polymer 'Acyl-[acyl-carrier-protein]--UDP-N-acetylglucosamine O-acyltransferase'
2 non-polymer GLYCEROL
3 non-polymer (3S)-3-({[(Z)-phenylmethylidene]carbamoyl}amino)-N-(1H-tetrazol-5-yl)-1-[3-(trifluoromethyl)benzoyl]-2,3-dihydro-1H-indole-3-carboxamide
4 non-polymer 'ACETATE ION'
5 water water
#
_entity_poly.entity_id   1
_entity_poly.type   'polypeptide(L)'
_entity_poly.pdbx_seq_one_letter_code
;MSLIDPRAIIDPSARLAADVQVGPWSIVGAEVEIGEGTVIGPHVVLKGPTKIGKHNRIYQFSSVGEDTPDLKYKGEPTRL
VIGDHNVIREGVTIHRGTVQDRAETTIGDHNLIMAYAHIGHDSVIGNHCILVNNTALAGHVHVDDWAILSGYTLVHQYCR
IGAHSFSGMGSAIGKDVPAYVTVFGNPAEARSMNFEGMRRRGFSSEAIHALRRAYKVVYRQGHTVEEALAELAESAAQFP
EVAVFRDSIQSATRGITR
;
_entity_poly.pdbx_strand_id   A,B,C,D,E,F
#
# COMPACT_ATOMS: atom_id res chain seq x y z
N SER A 2 -46.90 -0.09 -1.81
CA SER A 2 -46.45 -0.87 -0.63
C SER A 2 -45.73 -2.15 -1.08
N LEU A 3 -44.72 -2.55 -0.32
CA LEU A 3 -44.20 -3.94 -0.29
C LEU A 3 -43.95 -4.33 1.17
N ILE A 4 -44.75 -5.25 1.70
CA ILE A 4 -44.55 -5.90 3.01
C ILE A 4 -43.87 -7.23 2.71
N ASP A 5 -42.58 -7.35 3.04
CA ASP A 5 -41.79 -8.57 2.78
C ASP A 5 -42.35 -9.68 3.64
N PRO A 6 -42.56 -10.89 3.08
CA PRO A 6 -43.20 -11.98 3.80
C PRO A 6 -42.32 -12.53 4.94
N ARG A 7 -41.03 -12.22 4.93
CA ARG A 7 -40.10 -12.62 6.03
C ARG A 7 -40.17 -11.64 7.20
N ALA A 8 -40.82 -10.48 7.06
CA ALA A 8 -41.12 -9.61 8.21
C ALA A 8 -42.21 -10.28 9.08
N ILE A 9 -42.22 -9.96 10.37
CA ILE A 9 -43.31 -10.36 11.30
C ILE A 9 -44.14 -9.11 11.60
N ILE A 10 -45.42 -9.14 11.24
CA ILE A 10 -46.37 -8.02 11.46
C ILE A 10 -47.42 -8.49 12.48
N ASP A 11 -47.40 -7.92 13.69
CA ASP A 11 -48.39 -8.24 14.75
C ASP A 11 -49.79 -7.90 14.23
N PRO A 12 -50.81 -8.76 14.49
CA PRO A 12 -52.19 -8.45 14.10
C PRO A 12 -52.67 -7.06 14.56
N SER A 13 -52.17 -6.55 15.70
CA SER A 13 -52.61 -5.24 16.28
C SER A 13 -51.85 -4.07 15.65
N ALA A 14 -50.82 -4.31 14.83
CA ALA A 14 -50.07 -3.23 14.12
C ALA A 14 -50.98 -2.64 13.05
N ARG A 15 -50.80 -1.35 12.72
CA ARG A 15 -51.58 -0.64 11.66
C ARG A 15 -50.61 0.04 10.66
N LEU A 16 -50.70 -0.35 9.39
CA LEU A 16 -49.84 0.11 8.27
C LEU A 16 -50.72 0.91 7.33
N ALA A 17 -50.36 2.17 7.07
CA ALA A 17 -51.03 3.06 6.09
C ALA A 17 -50.57 2.72 4.66
N ALA A 18 -51.11 3.42 3.66
CA ALA A 18 -50.78 3.26 2.23
C ALA A 18 -49.26 3.46 2.01
N ASP A 19 -48.67 2.71 1.09
CA ASP A 19 -47.31 2.91 0.52
C ASP A 19 -46.23 2.65 1.58
N VAL A 20 -46.56 1.97 2.68
CA VAL A 20 -45.58 1.57 3.73
C VAL A 20 -44.80 0.36 3.21
N GLN A 21 -43.46 0.41 3.31
CA GLN A 21 -42.60 -0.76 2.96
C GLN A 21 -41.98 -1.30 4.24
N VAL A 22 -41.94 -2.62 4.37
CA VAL A 22 -41.28 -3.32 5.51
C VAL A 22 -40.35 -4.38 4.94
N GLY A 23 -39.05 -4.21 5.18
CA GLY A 23 -38.01 -5.10 4.63
C GLY A 23 -38.01 -6.45 5.34
N PRO A 24 -37.28 -7.43 4.78
CA PRO A 24 -37.25 -8.77 5.35
C PRO A 24 -36.69 -8.80 6.78
N TRP A 25 -37.18 -9.74 7.59
CA TRP A 25 -36.70 -10.04 8.95
C TRP A 25 -36.85 -8.83 9.88
N SER A 26 -37.81 -7.94 9.59
CA SER A 26 -38.16 -6.83 10.51
C SER A 26 -39.35 -7.28 11.38
N ILE A 27 -39.49 -6.70 12.58
CA ILE A 27 -40.61 -6.96 13.51
C ILE A 27 -41.37 -5.65 13.70
N VAL A 28 -42.63 -5.63 13.27
CA VAL A 28 -43.61 -4.56 13.59
C VAL A 28 -44.51 -5.13 14.70
N GLY A 29 -44.13 -4.85 15.95
CA GLY A 29 -44.73 -5.41 17.16
C GLY A 29 -46.14 -4.88 17.41
N ALA A 30 -46.78 -5.33 18.48
CA ALA A 30 -48.15 -4.94 18.84
C ALA A 30 -48.21 -3.44 19.11
N GLU A 31 -49.29 -2.78 18.71
CA GLU A 31 -49.59 -1.36 19.00
C GLU A 31 -48.60 -0.45 18.27
N VAL A 32 -47.97 -0.91 17.20
CA VAL A 32 -47.17 -0.02 16.31
C VAL A 32 -48.06 0.43 15.16
N GLU A 33 -48.17 1.74 14.98
CA GLU A 33 -48.88 2.41 13.86
C GLU A 33 -47.83 3.08 12.94
N ILE A 34 -47.85 2.78 11.64
CA ILE A 34 -46.91 3.37 10.65
C ILE A 34 -47.65 4.18 9.60
N GLY A 35 -47.22 5.42 9.41
CA GLY A 35 -47.89 6.42 8.58
C GLY A 35 -47.50 6.30 7.11
N GLU A 36 -48.29 6.95 6.26
CA GLU A 36 -48.23 6.86 4.78
C GLU A 36 -46.78 6.97 4.31
N GLY A 37 -46.34 6.02 3.48
CA GLY A 37 -45.10 6.12 2.68
C GLY A 37 -43.83 5.89 3.49
N THR A 38 -43.95 5.47 4.75
CA THR A 38 -42.77 5.20 5.63
C THR A 38 -42.11 3.92 5.14
N VAL A 39 -40.78 3.93 5.04
CA VAL A 39 -39.96 2.76 4.64
C VAL A 39 -39.19 2.24 5.86
N ILE A 40 -39.51 1.02 6.26
CA ILE A 40 -38.78 0.24 7.29
C ILE A 40 -37.82 -0.67 6.54
N GLY A 41 -36.52 -0.55 6.82
CA GLY A 41 -35.47 -1.37 6.18
C GLY A 41 -35.57 -2.84 6.61
N PRO A 42 -34.62 -3.69 6.19
CA PRO A 42 -34.54 -5.05 6.71
C PRO A 42 -33.96 -5.07 8.14
N HIS A 43 -34.18 -6.13 8.91
CA HIS A 43 -33.57 -6.34 10.25
C HIS A 43 -33.92 -5.17 11.18
N VAL A 44 -35.12 -4.60 11.11
CA VAL A 44 -35.52 -3.51 12.05
C VAL A 44 -36.44 -4.11 13.12
N VAL A 45 -36.24 -3.72 14.39
CA VAL A 45 -37.15 -4.10 15.51
C VAL A 45 -37.95 -2.86 15.92
N LEU A 46 -39.26 -2.88 15.68
CA LEU A 46 -40.25 -1.86 16.13
C LEU A 46 -41.08 -2.48 17.25
N LYS A 47 -41.29 -1.72 18.32
CA LYS A 47 -42.04 -2.18 19.51
C LYS A 47 -42.95 -1.01 19.92
N GLY A 48 -44.12 -1.32 20.47
CA GLY A 48 -45.16 -0.31 20.78
C GLY A 48 -45.47 -0.24 22.26
N PRO A 49 -46.46 0.57 22.69
CA PRO A 49 -47.21 1.44 21.78
C PRO A 49 -46.36 2.57 21.16
N THR A 50 -46.30 2.55 19.83
CA THR A 50 -45.48 3.48 19.00
C THR A 50 -46.33 3.99 17.83
N LYS A 51 -46.36 5.31 17.66
CA LYS A 51 -46.98 6.00 16.51
C LYS A 51 -45.85 6.62 15.65
N ILE A 52 -45.69 6.13 14.40
CA ILE A 52 -44.74 6.66 13.38
C ILE A 52 -45.56 7.29 12.25
N GLY A 53 -45.19 8.52 11.85
CA GLY A 53 -45.93 9.33 10.87
C GLY A 53 -45.53 8.99 9.44
N LYS A 54 -45.54 9.98 8.56
CA LYS A 54 -45.49 9.76 7.10
C LYS A 54 -44.07 9.97 6.57
N HIS A 55 -43.68 9.15 5.58
CA HIS A 55 -42.52 9.40 4.69
C HIS A 55 -41.24 9.35 5.53
N ASN A 56 -41.23 8.52 6.57
CA ASN A 56 -40.03 8.28 7.42
C ASN A 56 -39.20 7.20 6.75
N ARG A 57 -37.92 7.14 7.08
CA ARG A 57 -37.01 6.07 6.61
C ARG A 57 -36.27 5.53 7.85
N ILE A 58 -36.38 4.23 8.14
CA ILE A 58 -35.72 3.62 9.32
C ILE A 58 -34.81 2.50 8.82
N TYR A 59 -33.49 2.63 9.06
CA TYR A 59 -32.48 1.67 8.53
C TYR A 59 -32.36 0.46 9.45
N GLN A 60 -31.79 -0.59 8.87
CA GLN A 60 -31.46 -1.89 9.49
C GLN A 60 -30.77 -1.76 10.86
N PHE A 61 -31.09 -2.72 11.72
CA PHE A 61 -30.45 -3.01 13.04
C PHE A 61 -30.89 -1.99 14.09
N SER A 62 -31.82 -1.10 13.74
CA SER A 62 -32.41 -0.10 14.66
C SER A 62 -33.42 -0.80 15.58
N SER A 63 -33.43 -0.41 16.85
CA SER A 63 -34.45 -0.82 17.85
C SER A 63 -35.28 0.40 18.21
N VAL A 64 -36.48 0.50 17.67
CA VAL A 64 -37.34 1.70 17.83
C VAL A 64 -38.58 1.33 18.66
N GLY A 65 -38.71 1.96 19.84
CA GLY A 65 -39.82 1.74 20.78
C GLY A 65 -39.49 0.69 21.82
N GLU A 66 -38.21 0.45 22.11
CA GLU A 66 -37.82 -0.50 23.20
C GLU A 66 -38.11 0.14 24.57
N ASP A 67 -38.15 -0.70 25.61
CA ASP A 67 -38.26 -0.29 27.03
C ASP A 67 -36.87 0.16 27.48
N THR A 68 -36.79 1.18 28.33
CA THR A 68 -35.54 1.58 29.04
C THR A 68 -35.03 0.39 29.84
N PRO A 69 -33.70 0.15 29.90
CA PRO A 69 -33.18 -0.89 30.79
C PRO A 69 -33.09 -0.37 32.23
N ASP A 70 -33.13 0.95 32.40
CA ASP A 70 -32.82 1.72 33.65
C ASP A 70 -33.71 1.21 34.79
N LEU A 71 -34.97 0.88 34.48
CA LEU A 71 -35.93 0.13 35.34
C LEU A 71 -35.75 -1.38 35.10
N LYS A 72 -35.91 -2.21 36.13
CA LYS A 72 -36.07 -3.69 35.99
C LYS A 72 -37.56 -3.98 35.73
N TYR A 73 -38.42 -3.41 36.57
CA TYR A 73 -39.89 -3.51 36.47
C TYR A 73 -40.35 -2.33 35.61
N LYS A 74 -40.81 -2.64 34.39
CA LYS A 74 -41.21 -1.62 33.38
C LYS A 74 -42.63 -1.15 33.68
N GLY A 75 -42.89 0.15 33.55
CA GLY A 75 -44.24 0.71 33.60
C GLY A 75 -44.84 0.72 32.20
N GLU A 76 -46.10 0.31 32.06
CA GLU A 76 -46.81 0.29 30.76
C GLU A 76 -48.23 0.78 31.00
N PRO A 77 -48.83 1.57 30.10
CA PRO A 77 -48.31 1.78 28.75
C PRO A 77 -47.56 3.10 28.53
N THR A 78 -46.27 3.04 28.18
CA THR A 78 -45.51 4.24 27.77
C THR A 78 -45.39 4.25 26.25
N ARG A 79 -45.28 5.44 25.65
CA ARG A 79 -45.47 5.68 24.21
C ARG A 79 -44.16 6.18 23.58
N LEU A 80 -44.04 5.97 22.28
CA LEU A 80 -43.08 6.67 21.39
C LEU A 80 -43.90 7.26 20.24
N VAL A 81 -43.75 8.56 20.00
CA VAL A 81 -44.39 9.29 18.88
C VAL A 81 -43.28 9.86 17.98
N ILE A 82 -43.32 9.51 16.70
CA ILE A 82 -42.40 10.03 15.64
C ILE A 82 -43.28 10.69 14.58
N GLY A 83 -42.94 11.92 14.21
CA GLY A 83 -43.65 12.68 13.17
C GLY A 83 -43.24 12.23 11.78
N ASP A 84 -43.06 13.19 10.88
CA ASP A 84 -42.99 12.94 9.42
C ASP A 84 -41.59 13.30 8.87
N HIS A 85 -41.17 12.61 7.82
CA HIS A 85 -39.97 12.95 7.00
C HIS A 85 -38.69 12.84 7.83
N ASN A 86 -38.64 11.93 8.80
CA ASN A 86 -37.44 11.64 9.61
C ASN A 86 -36.61 10.57 8.93
N VAL A 87 -35.29 10.67 9.05
CA VAL A 87 -34.34 9.59 8.67
C VAL A 87 -33.69 9.07 9.96
N ILE A 88 -33.82 7.76 10.19
CA ILE A 88 -33.21 7.04 11.33
C ILE A 88 -32.27 5.99 10.74
N ARG A 89 -30.96 6.23 10.86
CA ARG A 89 -29.89 5.45 10.19
C ARG A 89 -29.67 4.15 10.96
N GLU A 90 -28.62 3.41 10.58
CA GLU A 90 -28.31 2.03 11.03
C GLU A 90 -28.16 1.95 12.56
N GLY A 91 -28.78 0.96 13.18
CA GLY A 91 -28.55 0.61 14.59
C GLY A 91 -28.97 1.67 15.60
N VAL A 92 -29.82 2.64 15.24
CA VAL A 92 -30.29 3.68 16.18
C VAL A 92 -31.14 2.99 17.27
N THR A 93 -31.04 3.43 18.53
CA THR A 93 -31.95 2.98 19.62
C THR A 93 -32.79 4.17 20.08
N ILE A 94 -34.12 3.97 20.08
CA ILE A 94 -35.13 4.95 20.60
C ILE A 94 -36.00 4.22 21.62
N HIS A 95 -36.00 4.71 22.86
CA HIS A 95 -36.73 4.09 24.00
C HIS A 95 -38.02 4.87 24.20
N ARG A 96 -39.06 4.18 24.65
CA ARG A 96 -40.36 4.78 24.97
C ARG A 96 -40.21 5.51 26.32
N GLY A 97 -41.25 6.22 26.76
CA GLY A 97 -41.21 7.03 28.00
C GLY A 97 -41.28 6.15 29.24
N THR A 98 -41.30 6.78 30.43
CA THR A 98 -41.49 6.09 31.73
C THR A 98 -42.76 6.65 32.41
N VAL A 99 -43.48 5.80 33.14
CA VAL A 99 -44.78 6.15 33.79
C VAL A 99 -44.53 7.27 34.80
N GLN A 100 -43.38 7.24 35.46
CA GLN A 100 -42.92 8.28 36.43
C GLN A 100 -43.11 9.68 35.82
N ASP A 101 -42.59 9.86 34.60
CA ASP A 101 -42.30 11.19 34.00
C ASP A 101 -43.29 11.49 32.88
N ARG A 102 -42.83 11.64 31.62
CA ARG A 102 -43.73 12.09 30.51
C ARG A 102 -44.60 10.93 30.04
N ALA A 103 -44.16 9.69 30.28
CA ALA A 103 -44.75 8.44 29.74
C ALA A 103 -44.70 8.43 28.21
N GLU A 104 -43.90 9.32 27.60
CA GLU A 104 -43.78 9.47 26.12
C GLU A 104 -42.40 10.01 25.77
N THR A 105 -41.78 9.38 24.77
CA THR A 105 -40.67 9.93 23.96
C THR A 105 -41.23 10.45 22.64
N THR A 106 -40.88 11.67 22.26
CA THR A 106 -41.50 12.46 21.18
C THR A 106 -40.41 12.93 20.22
N ILE A 107 -40.56 12.63 18.94
CA ILE A 107 -39.70 13.19 17.85
C ILE A 107 -40.64 13.86 16.85
N GLY A 108 -40.30 15.06 16.41
CA GLY A 108 -41.11 15.81 15.43
C GLY A 108 -40.79 15.40 14.00
N ASP A 109 -40.58 16.38 13.14
CA ASP A 109 -40.53 16.24 11.66
C ASP A 109 -39.13 16.59 11.14
N HIS A 110 -38.70 15.94 10.06
CA HIS A 110 -37.55 16.40 9.22
C HIS A 110 -36.22 16.29 10.01
N ASN A 111 -36.13 15.35 10.96
CA ASN A 111 -34.91 15.11 11.74
C ASN A 111 -34.06 14.02 11.08
N LEU A 112 -32.75 14.16 11.23
CA LEU A 112 -31.74 13.20 10.76
C LEU A 112 -31.02 12.65 11.98
N ILE A 113 -31.23 11.37 12.26
CA ILE A 113 -30.65 10.63 13.39
C ILE A 113 -29.74 9.58 12.79
N MET A 114 -28.43 9.79 12.96
CA MET A 114 -27.37 9.04 12.22
C MET A 114 -27.01 7.79 13.03
N ALA A 115 -26.18 6.93 12.48
CA ALA A 115 -26.03 5.53 12.92
C ALA A 115 -25.66 5.45 14.42
N TYR A 116 -26.34 4.56 15.13
CA TYR A 116 -26.00 4.14 16.51
C TYR A 116 -26.26 5.26 17.52
N ALA A 117 -26.96 6.32 17.12
CA ALA A 117 -27.46 7.35 18.06
C ALA A 117 -28.44 6.67 19.02
N HIS A 118 -28.55 7.21 20.23
CA HIS A 118 -29.43 6.73 21.31
C HIS A 118 -30.34 7.88 21.75
N ILE A 119 -31.66 7.67 21.67
CA ILE A 119 -32.67 8.63 22.20
C ILE A 119 -33.32 7.97 23.43
N GLY A 120 -32.92 8.42 24.61
CA GLY A 120 -33.35 7.85 25.91
C GLY A 120 -34.79 8.21 26.25
N HIS A 121 -35.35 7.46 27.19
CA HIS A 121 -36.75 7.58 27.68
C HIS A 121 -37.12 9.02 27.97
N ASP A 122 -38.30 9.45 27.52
CA ASP A 122 -38.96 10.73 27.91
C ASP A 122 -38.29 11.92 27.20
N SER A 123 -37.35 11.67 26.29
CA SER A 123 -36.69 12.77 25.51
C SER A 123 -37.68 13.34 24.50
N VAL A 124 -37.50 14.60 24.12
CA VAL A 124 -38.35 15.33 23.12
C VAL A 124 -37.41 15.95 22.09
N ILE A 125 -37.51 15.56 20.82
CA ILE A 125 -36.81 16.21 19.68
C ILE A 125 -37.85 17.00 18.89
N GLY A 126 -37.53 18.25 18.55
CA GLY A 126 -38.38 19.12 17.71
C GLY A 126 -38.26 18.75 16.23
N ASN A 127 -38.04 19.75 15.38
CA ASN A 127 -38.00 19.61 13.91
C ASN A 127 -36.61 20.04 13.40
N HIS A 128 -36.14 19.41 12.31
CA HIS A 128 -34.97 19.82 11.49
C HIS A 128 -33.67 19.71 12.31
N CYS A 129 -33.67 18.82 13.30
CA CYS A 129 -32.49 18.49 14.14
C CYS A 129 -31.62 17.48 13.43
N ILE A 130 -30.31 17.50 13.72
CA ILE A 130 -29.34 16.48 13.25
C ILE A 130 -28.62 15.95 14.49
N LEU A 131 -28.77 14.66 14.78
CA LEU A 131 -27.94 13.91 15.75
C LEU A 131 -26.95 13.04 14.98
N VAL A 132 -25.66 13.39 15.04
CA VAL A 132 -24.59 12.70 14.27
C VAL A 132 -24.29 11.38 14.98
N ASN A 133 -23.60 10.47 14.30
CA ASN A 133 -23.26 9.11 14.77
C ASN A 133 -23.04 9.07 16.29
N ASN A 134 -23.74 8.15 16.97
CA ASN A 134 -23.45 7.72 18.35
C ASN A 134 -23.69 8.86 19.33
N THR A 135 -24.44 9.90 18.94
CA THR A 135 -25.02 10.88 19.87
C THR A 135 -25.89 10.10 20.85
N ALA A 136 -25.78 10.38 22.15
CA ALA A 136 -26.56 9.63 23.17
C ALA A 136 -27.25 10.61 24.10
N LEU A 137 -28.58 10.61 24.10
CA LEU A 137 -29.42 11.39 25.05
C LEU A 137 -29.88 10.44 26.17
N ALA A 138 -29.38 10.62 27.39
CA ALA A 138 -29.52 9.66 28.52
C ALA A 138 -31.01 9.46 28.88
N GLY A 139 -31.82 10.51 28.76
CA GLY A 139 -33.22 10.55 29.23
C GLY A 139 -33.67 11.97 29.58
N HIS A 140 -34.94 12.28 29.31
N HIS A 140 -34.94 12.28 29.32
CA HIS A 140 -35.51 13.62 29.63
CA HIS A 140 -35.61 13.60 29.56
C HIS A 140 -34.68 14.73 28.98
C HIS A 140 -34.80 14.73 28.93
N VAL A 141 -34.24 14.50 27.74
CA VAL A 141 -33.48 15.55 27.03
C VAL A 141 -34.44 16.24 26.06
N HIS A 142 -34.47 17.56 26.05
CA HIS A 142 -35.29 18.36 25.10
C HIS A 142 -34.33 18.95 24.08
N VAL A 143 -34.48 18.59 22.80
CA VAL A 143 -33.69 19.14 21.66
C VAL A 143 -34.64 20.01 20.84
N ASP A 144 -34.47 21.31 20.88
CA ASP A 144 -35.33 22.27 20.15
C ASP A 144 -34.87 22.34 18.67
N ASP A 145 -35.66 23.02 17.83
CA ASP A 145 -35.57 22.95 16.35
C ASP A 145 -34.17 23.35 15.85
N TRP A 146 -33.71 22.66 14.81
CA TRP A 146 -32.50 23.00 14.02
C TRP A 146 -31.20 22.77 14.81
N ALA A 147 -31.25 22.26 16.03
CA ALA A 147 -30.04 21.96 16.81
C ALA A 147 -29.22 20.87 16.09
N ILE A 148 -27.90 20.92 16.21
CA ILE A 148 -26.97 19.92 15.63
C ILE A 148 -26.07 19.41 16.75
N LEU A 149 -26.13 18.11 17.03
CA LEU A 149 -25.19 17.43 17.96
C LEU A 149 -24.22 16.60 17.11
N SER A 150 -22.93 16.94 17.18
CA SER A 150 -21.86 16.35 16.35
C SER A 150 -21.59 14.93 16.86
N GLY A 151 -20.76 14.15 16.14
CA GLY A 151 -20.57 12.72 16.43
C GLY A 151 -20.24 12.50 17.90
N TYR A 152 -20.87 11.51 18.54
CA TYR A 152 -20.52 11.01 19.89
C TYR A 152 -20.74 12.11 20.96
N THR A 153 -21.70 12.98 20.74
CA THR A 153 -22.15 13.94 21.79
C THR A 153 -22.95 13.14 22.82
N LEU A 154 -22.60 13.29 24.09
CA LEU A 154 -23.27 12.64 25.25
C LEU A 154 -24.03 13.73 26.00
N VAL A 155 -25.30 13.49 26.37
CA VAL A 155 -26.14 14.49 27.07
C VAL A 155 -26.70 13.82 28.33
N HIS A 156 -26.41 14.38 29.50
CA HIS A 156 -26.95 13.90 30.81
C HIS A 156 -28.47 14.10 30.83
N GLN A 157 -29.17 13.42 31.71
CA GLN A 157 -30.64 13.52 31.85
C GLN A 157 -31.01 14.96 32.16
N TYR A 158 -32.17 15.38 31.66
CA TYR A 158 -32.94 16.61 31.99
C TYR A 158 -32.36 17.82 31.24
N CYS A 159 -31.28 17.66 30.48
CA CYS A 159 -30.63 18.81 29.78
C CYS A 159 -31.49 19.29 28.62
N ARG A 160 -31.56 20.60 28.41
CA ARG A 160 -32.23 21.25 27.26
C ARG A 160 -31.15 21.69 26.25
N ILE A 161 -31.32 21.29 24.98
CA ILE A 161 -30.46 21.69 23.85
C ILE A 161 -31.26 22.73 23.06
N GLY A 162 -30.82 24.00 23.09
CA GLY A 162 -31.59 25.14 22.54
C GLY A 162 -31.64 25.09 21.01
N ALA A 163 -32.56 25.84 20.43
CA ALA A 163 -32.82 25.89 18.97
C ALA A 163 -31.55 26.41 18.30
N HIS A 164 -31.14 25.78 17.19
CA HIS A 164 -30.02 26.24 16.34
C HIS A 164 -28.68 26.12 17.07
N SER A 165 -28.63 25.41 18.20
CA SER A 165 -27.38 25.23 18.98
C SER A 165 -26.54 24.15 18.29
N PHE A 166 -25.29 24.04 18.70
CA PHE A 166 -24.29 23.15 18.06
C PHE A 166 -23.34 22.59 19.12
N SER A 167 -23.12 21.29 19.11
CA SER A 167 -22.08 20.64 19.95
C SER A 167 -20.93 20.13 19.07
N GLY A 168 -19.69 20.25 19.53
CA GLY A 168 -18.50 19.73 18.86
C GLY A 168 -18.43 18.23 19.06
N MET A 169 -17.63 17.53 18.23
N MET A 169 -17.66 17.51 18.22
CA MET A 169 -17.52 16.06 18.31
CA MET A 169 -17.62 16.03 18.31
C MET A 169 -17.08 15.64 19.72
C MET A 169 -17.10 15.63 19.69
N GLY A 170 -17.64 14.54 20.25
CA GLY A 170 -17.27 14.02 21.58
C GLY A 170 -17.60 14.98 22.73
N SER A 171 -18.49 15.98 22.54
CA SER A 171 -18.97 16.86 23.62
C SER A 171 -19.67 15.99 24.67
N ALA A 172 -19.49 16.31 25.96
CA ALA A 172 -20.29 15.73 27.06
C ALA A 172 -21.02 16.86 27.78
N ILE A 173 -22.33 16.99 27.53
CA ILE A 173 -23.20 18.12 27.95
C ILE A 173 -23.86 17.73 29.29
N GLY A 174 -23.66 18.53 30.34
CA GLY A 174 -24.25 18.31 31.68
C GLY A 174 -25.16 19.44 32.12
N LYS A 175 -25.24 20.54 31.39
CA LYS A 175 -26.14 21.67 31.71
C LYS A 175 -26.82 22.12 30.40
N ASP A 176 -27.92 22.87 30.51
CA ASP A 176 -28.71 23.39 29.36
C ASP A 176 -27.76 24.10 28.40
N VAL A 177 -27.96 23.90 27.10
CA VAL A 177 -27.29 24.70 26.04
C VAL A 177 -28.31 25.69 25.51
N PRO A 178 -28.07 27.01 25.70
CA PRO A 178 -28.95 28.05 25.21
C PRO A 178 -29.07 27.97 23.68
N ALA A 179 -30.16 28.50 23.12
CA ALA A 179 -30.35 28.60 21.67
C ALA A 179 -29.10 29.24 21.05
N TYR A 180 -28.71 28.74 19.87
CA TYR A 180 -27.61 29.25 19.03
C TYR A 180 -26.22 28.97 19.59
N VAL A 181 -26.07 28.48 20.84
CA VAL A 181 -24.73 28.41 21.48
C VAL A 181 -23.95 27.20 20.92
N THR A 182 -22.67 27.40 20.69
CA THR A 182 -21.72 26.34 20.29
C THR A 182 -21.05 25.86 21.57
N VAL A 183 -20.99 24.54 21.79
CA VAL A 183 -20.30 23.95 22.97
C VAL A 183 -19.34 22.86 22.48
N PHE A 184 -18.23 22.68 23.22
CA PHE A 184 -17.15 21.72 22.90
C PHE A 184 -16.58 21.10 24.18
N GLY A 185 -16.14 19.84 24.06
CA GLY A 185 -15.30 19.18 25.08
C GLY A 185 -16.09 18.39 26.12
N ASN A 186 -15.37 17.68 26.97
CA ASN A 186 -15.90 16.85 28.08
C ASN A 186 -15.14 17.28 29.33
N PRO A 187 -15.72 18.06 30.27
CA PRO A 187 -17.11 18.57 30.17
C PRO A 187 -17.26 19.68 29.13
N ALA A 188 -18.49 19.91 28.65
CA ALA A 188 -18.80 20.87 27.56
C ALA A 188 -18.61 22.32 28.08
N GLU A 189 -18.05 23.19 27.27
CA GLU A 189 -17.91 24.64 27.53
C GLU A 189 -18.45 25.44 26.35
N ALA A 190 -19.15 26.53 26.63
CA ALA A 190 -19.64 27.52 25.65
C ALA A 190 -18.42 28.14 24.97
N ARG A 191 -18.45 28.27 23.64
CA ARG A 191 -17.36 28.91 22.86
C ARG A 191 -17.90 30.15 22.15
N SER A 192 -18.95 29.98 21.36
CA SER A 192 -19.49 31.07 20.50
C SER A 192 -20.98 30.84 20.23
N MET A 193 -21.47 31.44 19.16
CA MET A 193 -22.80 31.13 18.59
C MET A 193 -22.64 30.54 17.20
N ASN A 194 -23.72 29.93 16.71
CA ASN A 194 -23.80 29.19 15.42
C ASN A 194 -24.18 30.20 14.33
N PHE A 195 -23.28 31.13 14.05
CA PHE A 195 -23.48 32.21 13.04
C PHE A 195 -23.71 31.56 11.68
N GLU A 196 -22.92 30.53 11.38
CA GLU A 196 -23.03 29.73 10.13
C GLU A 196 -24.49 29.30 9.92
N GLY A 197 -25.14 28.78 10.98
CA GLY A 197 -26.54 28.31 10.93
C GLY A 197 -27.53 29.45 10.77
N MET A 198 -27.35 30.56 11.49
CA MET A 198 -28.25 31.73 11.34
C MET A 198 -28.27 32.13 9.85
N ARG A 199 -27.10 32.21 9.21
CA ARG A 199 -26.97 32.63 7.79
C ARG A 199 -27.75 31.64 6.91
N ARG A 200 -27.49 30.34 7.08
CA ARG A 200 -28.08 29.23 6.28
C ARG A 200 -29.60 29.17 6.44
N ARG A 201 -30.16 29.80 7.46
CA ARG A 201 -31.64 29.83 7.68
C ARG A 201 -32.14 31.26 7.47
N GLY A 202 -31.27 32.13 6.93
CA GLY A 202 -31.65 33.42 6.32
C GLY A 202 -31.94 34.52 7.32
N PHE A 203 -31.29 34.48 8.50
CA PHE A 203 -31.39 35.56 9.53
C PHE A 203 -30.83 36.85 8.94
N SER A 204 -31.49 37.98 9.17
CA SER A 204 -30.99 39.32 8.82
C SER A 204 -29.66 39.54 9.54
N SER A 205 -28.77 40.36 8.96
CA SER A 205 -27.50 40.77 9.59
C SER A 205 -27.79 41.45 10.94
N GLU A 206 -28.87 42.23 11.01
CA GLU A 206 -29.25 42.99 12.24
C GLU A 206 -29.52 41.95 13.34
N ALA A 207 -30.35 40.95 13.05
CA ALA A 207 -30.65 39.82 13.95
C ALA A 207 -29.34 39.15 14.42
N ILE A 208 -28.43 38.86 13.49
CA ILE A 208 -27.17 38.12 13.78
C ILE A 208 -26.30 38.96 14.73
N HIS A 209 -26.29 40.28 14.53
CA HIS A 209 -25.53 41.26 15.35
C HIS A 209 -26.19 41.43 16.72
N ALA A 210 -27.52 41.43 16.79
CA ALA A 210 -28.28 41.48 18.07
C ALA A 210 -28.01 40.19 18.87
N LEU A 211 -27.84 39.05 18.19
CA LEU A 211 -27.54 37.75 18.86
C LEU A 211 -26.08 37.71 19.33
N ARG A 212 -25.13 38.24 18.55
CA ARG A 212 -23.70 38.38 18.97
C ARG A 212 -23.65 39.17 20.28
N ARG A 213 -24.36 40.29 20.34
CA ARG A 213 -24.36 41.19 21.53
C ARG A 213 -25.06 40.44 22.67
N ALA A 214 -26.10 39.67 22.35
CA ALA A 214 -26.88 38.88 23.32
C ALA A 214 -25.97 37.86 24.02
N TYR A 215 -25.09 37.18 23.27
CA TYR A 215 -24.07 36.25 23.81
C TYR A 215 -23.23 36.95 24.89
N LYS A 216 -22.66 38.11 24.57
CA LYS A 216 -21.76 38.90 25.46
C LYS A 216 -22.50 39.29 26.75
N VAL A 217 -23.72 39.80 26.64
CA VAL A 217 -24.60 40.11 27.80
C VAL A 217 -24.61 38.94 28.79
N VAL A 218 -24.79 37.71 28.31
CA VAL A 218 -25.08 36.53 29.19
C VAL A 218 -23.78 35.94 29.75
N TYR A 219 -22.73 35.87 28.93
CA TYR A 219 -21.50 35.08 29.18
C TYR A 219 -20.31 35.96 29.60
N ARG A 220 -20.23 37.22 29.17
CA ARG A 220 -18.95 38.00 29.21
C ARG A 220 -19.01 39.27 30.08
N GLN A 221 -20.14 39.60 30.72
CA GLN A 221 -20.29 40.93 31.40
C GLN A 221 -20.77 40.77 32.84
N GLY A 222 -20.48 39.63 33.48
CA GLY A 222 -20.59 39.39 34.93
C GLY A 222 -22.00 39.59 35.46
N HIS A 223 -22.98 39.51 34.59
CA HIS A 223 -24.37 39.73 35.04
C HIS A 223 -25.03 38.45 35.54
N THR A 224 -25.74 38.54 36.65
CA THR A 224 -26.66 37.46 37.06
C THR A 224 -27.53 37.11 35.83
N VAL A 225 -28.15 35.93 35.84
CA VAL A 225 -29.14 35.54 34.80
C VAL A 225 -30.27 36.58 34.81
N GLU A 226 -30.78 36.94 35.99
CA GLU A 226 -31.86 37.95 36.19
C GLU A 226 -31.51 39.26 35.48
N GLU A 227 -30.29 39.77 35.69
CA GLU A 227 -29.79 41.03 35.09
C GLU A 227 -29.66 40.89 33.57
N ALA A 228 -29.25 39.71 33.09
CA ALA A 228 -29.10 39.40 31.65
C ALA A 228 -30.48 39.45 30.98
N LEU A 229 -31.48 38.80 31.59
CA LEU A 229 -32.90 38.78 31.13
C LEU A 229 -33.39 40.23 31.00
N ALA A 230 -33.12 41.08 32.00
CA ALA A 230 -33.53 42.50 32.03
C ALA A 230 -32.82 43.23 30.88
N GLU A 231 -31.51 43.02 30.73
CA GLU A 231 -30.67 43.68 29.70
C GLU A 231 -31.11 43.25 28.30
N LEU A 232 -31.56 42.00 28.16
CA LEU A 232 -31.92 41.39 26.84
C LEU A 232 -33.35 41.77 26.43
N ALA A 233 -34.17 42.31 27.34
CA ALA A 233 -35.63 42.55 27.17
C ALA A 233 -35.95 43.30 25.86
N GLU A 234 -35.25 44.42 25.59
CA GLU A 234 -35.47 45.35 24.47
C GLU A 234 -35.13 44.68 23.12
N SER A 235 -33.92 44.15 22.99
CA SER A 235 -33.44 43.36 21.82
C SER A 235 -34.42 42.21 21.54
N ALA A 236 -34.85 41.51 22.60
CA ALA A 236 -35.81 40.38 22.51
C ALA A 236 -37.13 40.88 21.92
N ALA A 237 -37.61 42.06 22.34
CA ALA A 237 -38.90 42.62 21.86
C ALA A 237 -38.76 43.00 20.37
N GLN A 238 -37.59 43.50 19.95
CA GLN A 238 -37.37 43.93 18.54
C GLN A 238 -37.16 42.70 17.65
N PHE A 239 -36.37 41.72 18.10
CA PHE A 239 -35.97 40.54 17.28
C PHE A 239 -36.53 39.25 17.87
N PRO A 240 -37.50 38.58 17.21
CA PRO A 240 -37.97 37.26 17.64
C PRO A 240 -36.82 36.25 17.83
N GLU A 241 -35.76 36.40 17.04
CA GLU A 241 -34.57 35.51 17.06
C GLU A 241 -33.85 35.68 18.40
N VAL A 242 -33.79 36.90 18.94
CA VAL A 242 -33.17 37.19 20.26
C VAL A 242 -34.08 36.64 21.38
N ALA A 243 -35.40 36.78 21.21
CA ALA A 243 -36.42 36.25 22.14
C ALA A 243 -36.22 34.74 22.33
N VAL A 244 -35.94 34.00 21.26
CA VAL A 244 -35.67 32.53 21.33
C VAL A 244 -34.47 32.31 22.26
N PHE A 245 -33.42 33.12 22.11
CA PHE A 245 -32.21 33.06 22.97
C PHE A 245 -32.59 33.36 24.43
N ARG A 246 -33.29 34.48 24.64
CA ARG A 246 -33.70 34.96 25.99
C ARG A 246 -34.55 33.88 26.66
N ASP A 247 -35.54 33.33 25.94
CA ASP A 247 -36.44 32.27 26.47
C ASP A 247 -35.62 31.05 26.90
N SER A 248 -34.58 30.70 26.16
CA SER A 248 -33.78 29.47 26.43
C SER A 248 -33.01 29.69 27.74
N ILE A 249 -32.60 30.92 28.02
CA ILE A 249 -31.86 31.25 29.28
C ILE A 249 -32.82 31.32 30.46
N GLN A 250 -34.02 31.85 30.24
CA GLN A 250 -35.03 32.01 31.30
C GLN A 250 -35.58 30.64 31.73
N SER A 251 -35.58 29.67 30.82
CA SER A 251 -36.16 28.33 31.12
C SER A 251 -35.15 27.48 31.90
N ALA A 252 -33.87 27.87 31.92
CA ALA A 252 -32.78 27.10 32.57
C ALA A 252 -32.74 27.35 34.08
N THR A 253 -33.53 26.63 34.87
CA THR A 253 -33.58 26.80 36.35
C THR A 253 -32.38 26.16 37.05
N ARG A 254 -31.66 25.24 36.39
CA ARG A 254 -30.50 24.52 37.01
C ARG A 254 -29.20 25.03 36.36
N GLY A 255 -29.24 26.21 35.73
CA GLY A 255 -28.07 26.90 35.17
C GLY A 255 -27.71 26.43 33.77
N ILE A 256 -26.81 27.15 33.12
CA ILE A 256 -26.51 26.99 31.67
C ILE A 256 -25.05 26.55 31.53
N THR A 257 -24.74 25.84 30.44
CA THR A 257 -23.35 25.56 30.01
C THR A 257 -22.62 26.90 29.84
N ARG A 258 -21.51 27.10 30.56
CA ARG A 258 -20.71 28.34 30.54
C ARG A 258 -19.33 28.06 29.95
N SER B 2 -25.02 -25.47 -0.13
CA SER B 2 -23.75 -24.94 -0.71
C SER B 2 -23.17 -23.86 0.24
N LEU B 3 -22.33 -22.97 -0.30
CA LEU B 3 -21.60 -21.89 0.44
C LEU B 3 -22.44 -20.60 0.49
N ILE B 4 -23.43 -20.47 -0.39
CA ILE B 4 -24.49 -19.44 -0.30
C ILE B 4 -25.65 -20.04 0.50
N ASP B 5 -25.85 -19.57 1.74
CA ASP B 5 -26.98 -20.04 2.59
C ASP B 5 -28.27 -19.77 1.82
N PRO B 6 -29.25 -20.71 1.82
CA PRO B 6 -30.48 -20.50 1.06
C PRO B 6 -31.31 -19.33 1.64
N ARG B 7 -31.01 -18.90 2.88
CA ARG B 7 -31.76 -17.80 3.56
C ARG B 7 -31.12 -16.43 3.25
N ALA B 8 -30.07 -16.39 2.42
CA ALA B 8 -29.42 -15.16 1.92
C ALA B 8 -30.17 -14.63 0.69
N ILE B 9 -30.18 -13.31 0.48
CA ILE B 9 -30.71 -12.62 -0.72
C ILE B 9 -29.51 -12.28 -1.60
N ILE B 10 -29.42 -12.86 -2.80
CA ILE B 10 -28.35 -12.54 -3.79
C ILE B 10 -29.03 -11.86 -5.00
N ASP B 11 -28.81 -10.57 -5.21
CA ASP B 11 -29.38 -9.85 -6.37
C ASP B 11 -28.92 -10.56 -7.64
N PRO B 12 -29.78 -10.68 -8.67
CA PRO B 12 -29.36 -11.24 -9.96
C PRO B 12 -28.10 -10.56 -10.51
N SER B 13 -27.94 -9.26 -10.34
CA SER B 13 -26.80 -8.50 -10.93
C SER B 13 -25.51 -8.70 -10.10
N ALA B 14 -25.56 -9.41 -8.96
CA ALA B 14 -24.38 -9.63 -8.08
C ALA B 14 -23.41 -10.58 -8.78
N ARG B 15 -22.10 -10.35 -8.61
CA ARG B 15 -20.99 -11.18 -9.17
C ARG B 15 -20.16 -11.75 -8.01
N LEU B 16 -20.30 -13.05 -7.73
CA LEU B 16 -19.60 -13.82 -6.65
C LEU B 16 -18.66 -14.87 -7.27
N ALA B 17 -17.36 -14.85 -6.92
CA ALA B 17 -16.41 -15.96 -7.16
C ALA B 17 -16.95 -17.26 -6.56
N ALA B 18 -16.64 -18.41 -7.17
CA ALA B 18 -17.34 -19.71 -6.94
C ALA B 18 -17.20 -20.19 -5.49
N ASP B 19 -16.16 -19.76 -4.75
CA ASP B 19 -15.90 -20.26 -3.36
C ASP B 19 -16.36 -19.25 -2.28
N VAL B 20 -17.02 -18.16 -2.65
CA VAL B 20 -17.50 -17.10 -1.71
C VAL B 20 -18.50 -17.76 -0.76
N GLN B 21 -18.37 -17.54 0.56
CA GLN B 21 -19.38 -17.95 1.57
C GLN B 21 -20.25 -16.74 1.96
N VAL B 22 -21.56 -16.98 2.10
CA VAL B 22 -22.56 -15.98 2.57
C VAL B 22 -23.45 -16.69 3.59
N GLY B 23 -23.52 -16.16 4.81
CA GLY B 23 -24.30 -16.75 5.90
C GLY B 23 -25.78 -16.42 5.75
N PRO B 24 -26.65 -16.99 6.60
CA PRO B 24 -28.09 -16.74 6.54
C PRO B 24 -28.48 -15.29 6.84
N TRP B 25 -29.59 -14.86 6.23
CA TRP B 25 -30.29 -13.55 6.38
C TRP B 25 -29.35 -12.39 5.98
N SER B 26 -28.37 -12.66 5.12
CA SER B 26 -27.48 -11.61 4.56
C SER B 26 -28.03 -11.18 3.20
N ILE B 27 -27.74 -9.94 2.81
CA ILE B 27 -28.18 -9.34 1.53
C ILE B 27 -26.94 -8.99 0.70
N VAL B 28 -26.80 -9.60 -0.48
CA VAL B 28 -25.80 -9.16 -1.49
C VAL B 28 -26.55 -8.42 -2.60
N GLY B 29 -26.53 -7.08 -2.55
CA GLY B 29 -27.38 -6.22 -3.38
C GLY B 29 -26.93 -6.18 -4.83
N ALA B 30 -27.68 -5.42 -5.64
CA ALA B 30 -27.40 -5.10 -7.05
C ALA B 30 -26.01 -4.46 -7.18
N GLU B 31 -25.25 -4.84 -8.21
CA GLU B 31 -23.94 -4.26 -8.56
C GLU B 31 -22.95 -4.42 -7.40
N VAL B 32 -23.04 -5.53 -6.67
CA VAL B 32 -22.01 -5.91 -5.65
C VAL B 32 -21.20 -7.08 -6.22
N GLU B 33 -19.87 -6.95 -6.20
CA GLU B 33 -18.92 -8.00 -6.61
C GLU B 33 -18.14 -8.46 -5.37
N ILE B 34 -17.95 -9.77 -5.22
CA ILE B 34 -17.19 -10.37 -4.09
C ILE B 34 -16.16 -11.35 -4.68
N GLY B 35 -14.89 -11.15 -4.33
CA GLY B 35 -13.78 -11.95 -4.87
C GLY B 35 -13.52 -13.21 -4.09
N GLU B 36 -12.45 -13.93 -4.48
CA GLU B 36 -12.08 -15.29 -4.01
C GLU B 36 -11.86 -15.31 -2.49
N GLY B 37 -12.41 -16.31 -1.82
CA GLY B 37 -12.13 -16.63 -0.41
C GLY B 37 -12.94 -15.78 0.57
N THR B 38 -13.65 -14.76 0.11
CA THR B 38 -14.35 -13.83 1.03
C THR B 38 -15.45 -14.60 1.75
N VAL B 39 -15.51 -14.46 3.07
CA VAL B 39 -16.60 -15.00 3.95
C VAL B 39 -17.47 -13.84 4.41
N ILE B 40 -18.74 -13.84 4.02
CA ILE B 40 -19.81 -12.95 4.54
C ILE B 40 -20.53 -13.71 5.66
N GLY B 41 -20.53 -13.16 6.88
CA GLY B 41 -21.24 -13.73 8.03
C GLY B 41 -22.74 -13.61 7.86
N PRO B 42 -23.54 -14.01 8.87
CA PRO B 42 -24.99 -13.83 8.83
C PRO B 42 -25.35 -12.37 9.09
N HIS B 43 -26.58 -11.96 8.76
CA HIS B 43 -27.15 -10.62 9.09
C HIS B 43 -26.26 -9.50 8.52
N VAL B 44 -25.68 -9.65 7.34
CA VAL B 44 -24.84 -8.60 6.72
C VAL B 44 -25.62 -7.98 5.57
N VAL B 45 -25.57 -6.65 5.44
CA VAL B 45 -26.20 -5.89 4.31
C VAL B 45 -25.07 -5.33 3.45
N LEU B 46 -24.93 -5.82 2.22
CA LEU B 46 -24.00 -5.26 1.21
C LEU B 46 -24.84 -4.54 0.16
N LYS B 47 -24.58 -3.26 -0.05
CA LYS B 47 -25.20 -2.44 -1.12
C LYS B 47 -24.11 -2.00 -2.10
N GLY B 48 -24.50 -1.78 -3.36
CA GLY B 48 -23.62 -1.45 -4.47
C GLY B 48 -23.95 -0.08 -5.04
N PRO B 49 -23.20 0.42 -6.05
CA PRO B 49 -22.09 -0.34 -6.64
C PRO B 49 -20.86 -0.49 -5.70
N THR B 50 -20.48 -1.73 -5.43
CA THR B 50 -19.42 -2.08 -4.45
C THR B 50 -18.57 -3.23 -5.00
N LYS B 51 -17.24 -3.10 -4.94
CA LYS B 51 -16.30 -4.19 -5.26
C LYS B 51 -15.60 -4.63 -3.97
N ILE B 52 -15.73 -5.91 -3.63
CA ILE B 52 -14.98 -6.53 -2.49
C ILE B 52 -14.02 -7.54 -3.11
N GLY B 53 -12.75 -7.50 -2.72
CA GLY B 53 -11.71 -8.42 -3.20
C GLY B 53 -11.73 -9.75 -2.48
N LYS B 54 -10.55 -10.34 -2.29
CA LYS B 54 -10.33 -11.77 -1.95
C LYS B 54 -10.01 -11.93 -0.47
N HIS B 55 -10.39 -13.08 0.11
CA HIS B 55 -10.03 -13.57 1.47
C HIS B 55 -10.41 -12.54 2.55
N ASN B 56 -11.43 -11.73 2.29
CA ASN B 56 -12.02 -10.77 3.26
C ASN B 56 -12.95 -11.55 4.18
N ARG B 57 -13.15 -11.05 5.40
CA ARG B 57 -14.14 -11.58 6.36
C ARG B 57 -15.00 -10.39 6.85
N ILE B 58 -16.32 -10.46 6.68
CA ILE B 58 -17.29 -9.42 7.11
C ILE B 58 -18.26 -10.05 8.10
N TYR B 59 -18.21 -9.60 9.35
CA TYR B 59 -19.07 -10.09 10.47
C TYR B 59 -20.47 -9.49 10.41
N GLN B 60 -21.36 -10.15 11.15
CA GLN B 60 -22.80 -9.85 11.37
C GLN B 60 -23.03 -8.38 11.71
N PHE B 61 -24.17 -7.85 11.23
CA PHE B 61 -24.80 -6.57 11.61
C PHE B 61 -24.07 -5.41 10.93
N SER B 62 -23.11 -5.72 10.05
CA SER B 62 -22.38 -4.74 9.23
C SER B 62 -23.24 -4.31 8.03
N SER B 63 -23.20 -3.00 7.74
CA SER B 63 -23.82 -2.32 6.58
C SER B 63 -22.69 -1.75 5.72
N VAL B 64 -22.33 -2.48 4.65
CA VAL B 64 -21.21 -2.11 3.74
C VAL B 64 -21.80 -1.67 2.40
N GLY B 65 -21.64 -0.38 2.06
CA GLY B 65 -22.02 0.20 0.74
C GLY B 65 -23.25 1.07 0.79
N GLU B 66 -23.74 1.48 1.96
CA GLU B 66 -24.95 2.34 2.03
C GLU B 66 -24.61 3.74 1.54
N ASP B 67 -25.63 4.49 1.12
CA ASP B 67 -25.56 5.94 0.85
C ASP B 67 -25.15 6.66 2.13
N THR B 68 -24.27 7.66 2.02
CA THR B 68 -23.99 8.62 3.11
C THR B 68 -25.27 9.42 3.39
N PRO B 69 -25.56 9.74 4.67
CA PRO B 69 -26.66 10.65 4.99
C PRO B 69 -26.33 12.11 4.66
N ASP B 70 -25.06 12.43 4.36
CA ASP B 70 -24.60 13.80 4.02
C ASP B 70 -25.61 14.41 3.05
N LEU B 71 -26.18 15.56 3.40
CA LEU B 71 -27.28 16.22 2.66
C LEU B 71 -26.78 16.63 1.26
N LYS B 72 -25.46 16.79 1.10
CA LYS B 72 -24.84 17.16 -0.20
C LYS B 72 -25.02 16.02 -1.22
N TYR B 73 -25.09 14.75 -0.77
CA TYR B 73 -25.28 13.57 -1.67
C TYR B 73 -26.73 13.56 -2.18
N LYS B 74 -26.94 13.44 -3.51
CA LYS B 74 -28.29 13.51 -4.14
C LYS B 74 -28.53 12.24 -4.99
N GLY B 75 -28.07 11.09 -4.51
CA GLY B 75 -28.41 9.76 -5.06
C GLY B 75 -27.57 9.36 -6.27
N GLU B 76 -26.48 10.07 -6.56
CA GLU B 76 -25.66 9.85 -7.79
C GLU B 76 -25.05 8.44 -7.73
N PRO B 77 -24.60 7.88 -8.88
CA PRO B 77 -23.97 6.55 -8.88
C PRO B 77 -22.51 6.69 -8.41
N THR B 78 -22.26 6.35 -7.16
CA THR B 78 -20.93 6.41 -6.49
C THR B 78 -20.62 5.01 -6.00
N ARG B 79 -19.37 4.75 -5.62
CA ARG B 79 -18.84 3.37 -5.47
C ARG B 79 -18.14 3.16 -4.12
N LEU B 80 -17.92 1.90 -3.79
CA LEU B 80 -17.05 1.43 -2.69
C LEU B 80 -16.16 0.32 -3.23
N VAL B 81 -14.85 0.44 -2.98
CA VAL B 81 -13.82 -0.57 -3.35
C VAL B 81 -13.09 -1.00 -2.08
N ILE B 82 -13.15 -2.29 -1.76
CA ILE B 82 -12.39 -2.95 -0.67
C ILE B 82 -11.44 -3.98 -1.30
N GLY B 83 -10.17 -4.01 -0.86
CA GLY B 83 -9.16 -4.93 -1.37
C GLY B 83 -9.28 -6.31 -0.78
N ASP B 84 -8.14 -6.88 -0.35
CA ASP B 84 -7.96 -8.30 0.03
C ASP B 84 -7.45 -8.44 1.47
N HIS B 85 -7.82 -9.54 2.13
CA HIS B 85 -7.36 -9.98 3.48
C HIS B 85 -7.78 -8.98 4.56
N ASN B 86 -8.91 -8.28 4.36
CA ASN B 86 -9.49 -7.35 5.36
C ASN B 86 -10.41 -8.13 6.30
N VAL B 87 -10.38 -7.78 7.58
CA VAL B 87 -11.37 -8.26 8.58
C VAL B 87 -12.25 -7.06 8.97
N ILE B 88 -13.55 -7.17 8.71
CA ILE B 88 -14.58 -6.18 9.11
C ILE B 88 -15.45 -6.83 10.18
N ARG B 89 -15.39 -6.32 11.42
CA ARG B 89 -16.05 -6.93 12.60
C ARG B 89 -17.53 -6.49 12.68
N GLU B 90 -18.20 -6.90 13.75
CA GLU B 90 -19.65 -6.73 14.00
C GLU B 90 -20.06 -5.26 13.88
N GLY B 91 -21.15 -4.99 13.16
CA GLY B 91 -21.84 -3.69 13.15
C GLY B 91 -21.05 -2.58 12.50
N VAL B 92 -20.05 -2.88 11.64
CA VAL B 92 -19.27 -1.82 10.95
C VAL B 92 -20.15 -1.19 9.87
N THR B 93 -20.10 0.13 9.73
CA THR B 93 -20.77 0.87 8.65
C THR B 93 -19.70 1.46 7.73
N ILE B 94 -19.84 1.23 6.42
CA ILE B 94 -18.99 1.85 5.36
C ILE B 94 -19.92 2.43 4.30
N HIS B 95 -19.79 3.71 4.01
CA HIS B 95 -20.56 4.43 2.98
C HIS B 95 -19.78 4.56 1.69
N ARG B 96 -20.50 4.57 0.57
CA ARG B 96 -19.96 4.83 -0.80
C ARG B 96 -19.62 6.33 -0.88
N GLY B 97 -18.97 6.73 -1.97
CA GLY B 97 -18.48 8.09 -2.22
C GLY B 97 -19.57 9.07 -2.63
N THR B 98 -19.16 10.30 -2.90
CA THR B 98 -19.99 11.41 -3.43
C THR B 98 -19.28 11.96 -4.67
N VAL B 99 -20.04 12.59 -5.57
CA VAL B 99 -19.48 13.11 -6.86
C VAL B 99 -18.64 14.36 -6.60
N GLN B 100 -18.87 15.07 -5.48
CA GLN B 100 -18.12 16.29 -5.07
C GLN B 100 -16.61 15.99 -4.97
N ASP B 101 -16.22 14.73 -4.79
CA ASP B 101 -14.80 14.28 -4.75
C ASP B 101 -14.53 13.37 -5.97
N ARG B 102 -14.20 12.09 -5.76
CA ARG B 102 -13.88 11.11 -6.84
C ARG B 102 -14.95 10.01 -6.90
N ALA B 103 -16.09 10.21 -6.22
CA ALA B 103 -17.24 9.28 -6.23
C ALA B 103 -16.80 7.87 -5.81
N GLU B 104 -15.83 7.73 -4.91
CA GLU B 104 -15.41 6.41 -4.37
C GLU B 104 -14.92 6.48 -2.92
N THR B 105 -15.36 5.54 -2.09
CA THR B 105 -14.73 5.17 -0.81
C THR B 105 -13.83 3.97 -1.10
N THR B 106 -12.60 3.96 -0.55
CA THR B 106 -11.55 2.99 -0.94
C THR B 106 -10.89 2.45 0.33
N ILE B 107 -10.84 1.13 0.45
CA ILE B 107 -10.09 0.37 1.48
C ILE B 107 -9.11 -0.57 0.75
N GLY B 108 -7.83 -0.54 1.14
CA GLY B 108 -6.76 -1.38 0.57
C GLY B 108 -6.78 -2.80 1.12
N ASP B 109 -5.66 -3.28 1.66
CA ASP B 109 -5.49 -4.71 2.04
C ASP B 109 -4.99 -4.85 3.49
N HIS B 110 -5.33 -5.97 4.11
CA HIS B 110 -4.78 -6.44 5.42
C HIS B 110 -5.24 -5.53 6.55
N ASN B 111 -6.40 -4.88 6.39
CA ASN B 111 -6.93 -3.90 7.37
C ASN B 111 -7.75 -4.66 8.40
N LEU B 112 -7.64 -4.27 9.67
CA LEU B 112 -8.50 -4.80 10.77
C LEU B 112 -9.42 -3.67 11.22
N ILE B 113 -10.72 -3.81 10.95
CA ILE B 113 -11.76 -2.80 11.28
C ILE B 113 -12.72 -3.42 12.31
N MET B 114 -12.55 -3.05 13.57
CA MET B 114 -13.19 -3.73 14.71
C MET B 114 -14.61 -3.15 14.90
N ALA B 115 -15.36 -3.69 15.85
CA ALA B 115 -16.81 -3.59 15.98
C ALA B 115 -17.27 -2.12 16.04
N TYR B 116 -18.30 -1.79 15.24
CA TYR B 116 -19.04 -0.51 15.25
C TYR B 116 -18.16 0.67 14.81
N ALA B 117 -17.00 0.40 14.21
CA ALA B 117 -16.23 1.41 13.46
C ALA B 117 -17.10 1.93 12.31
N HIS B 118 -16.84 3.17 11.93
CA HIS B 118 -17.55 3.85 10.81
C HIS B 118 -16.52 4.42 9.85
N ILE B 119 -16.71 4.16 8.55
CA ILE B 119 -15.91 4.76 7.45
C ILE B 119 -16.85 5.57 6.58
N GLY B 120 -16.77 6.90 6.68
CA GLY B 120 -17.64 7.84 5.97
C GLY B 120 -17.25 7.99 4.50
N HIS B 121 -18.17 8.54 3.73
CA HIS B 121 -18.07 8.76 2.25
C HIS B 121 -16.70 9.33 1.88
N ASP B 122 -16.10 8.77 0.82
CA ASP B 122 -14.90 9.31 0.11
C ASP B 122 -13.65 9.12 0.98
N SER B 123 -13.74 8.37 2.09
CA SER B 123 -12.56 8.01 2.90
C SER B 123 -11.70 7.04 2.09
N VAL B 124 -10.38 7.11 2.30
CA VAL B 124 -9.37 6.21 1.65
C VAL B 124 -8.51 5.64 2.77
N ILE B 125 -8.65 4.34 2.98
CA ILE B 125 -7.81 3.53 3.92
C ILE B 125 -6.79 2.75 3.07
N GLY B 126 -5.52 2.83 3.44
CA GLY B 126 -4.40 2.10 2.80
C GLY B 126 -4.34 0.64 3.24
N ASN B 127 -3.16 0.13 3.60
CA ASN B 127 -2.93 -1.29 3.93
C ASN B 127 -2.46 -1.42 5.38
N HIS B 128 -2.77 -2.54 6.02
CA HIS B 128 -2.29 -2.92 7.38
C HIS B 128 -2.74 -1.91 8.45
N CYS B 129 -3.83 -1.17 8.24
CA CYS B 129 -4.35 -0.22 9.26
C CYS B 129 -5.17 -0.98 10.30
N ILE B 130 -5.21 -0.50 11.55
CA ILE B 130 -6.12 -1.04 12.61
C ILE B 130 -7.06 0.10 13.05
N LEU B 131 -8.36 -0.05 12.85
CA LEU B 131 -9.41 0.85 13.39
C LEU B 131 -10.08 0.07 14.52
N VAL B 132 -9.76 0.41 15.76
CA VAL B 132 -10.31 -0.26 16.97
C VAL B 132 -11.76 0.20 17.15
N ASN B 133 -12.52 -0.51 17.99
CA ASN B 133 -13.98 -0.37 18.19
C ASN B 133 -14.40 1.08 18.15
N ASN B 134 -15.44 1.40 17.36
CA ASN B 134 -16.20 2.67 17.39
C ASN B 134 -15.34 3.83 16.88
N THR B 135 -14.21 3.54 16.25
CA THR B 135 -13.47 4.57 15.47
C THR B 135 -14.41 5.07 14.38
N ALA B 136 -14.53 6.40 14.22
CA ALA B 136 -15.44 7.04 13.26
C ALA B 136 -14.66 8.03 12.39
N LEU B 137 -14.71 7.83 11.06
CA LEU B 137 -14.15 8.76 10.04
C LEU B 137 -15.32 9.45 9.36
N ALA B 138 -15.47 10.77 9.54
CA ALA B 138 -16.66 11.54 9.10
C ALA B 138 -16.82 11.48 7.58
N GLY B 139 -15.72 11.59 6.83
CA GLY B 139 -15.76 11.70 5.35
C GLY B 139 -14.47 12.28 4.79
N HIS B 140 -14.04 11.82 3.61
CA HIS B 140 -12.86 12.35 2.90
C HIS B 140 -11.63 12.18 3.80
N VAL B 141 -11.60 11.16 4.63
CA VAL B 141 -10.47 10.90 5.57
C VAL B 141 -9.54 9.89 4.88
N HIS B 142 -8.25 10.24 4.81
CA HIS B 142 -7.17 9.39 4.25
C HIS B 142 -6.37 8.79 5.41
N VAL B 143 -6.44 7.48 5.61
CA VAL B 143 -5.60 6.76 6.60
C VAL B 143 -4.54 5.97 5.83
N ASP B 144 -3.28 6.34 6.00
CA ASP B 144 -2.14 5.77 5.25
C ASP B 144 -1.67 4.50 5.97
N ASP B 145 -0.75 3.75 5.36
CA ASP B 145 -0.41 2.36 5.77
C ASP B 145 0.01 2.31 7.25
N TRP B 146 -0.42 1.25 7.94
CA TRP B 146 0.04 0.82 9.28
C TRP B 146 -0.47 1.74 10.41
N ALA B 147 -1.24 2.79 10.09
CA ALA B 147 -1.82 3.67 11.13
C ALA B 147 -2.68 2.81 12.06
N ILE B 148 -2.63 3.09 13.37
CA ILE B 148 -3.51 2.48 14.39
C ILE B 148 -4.34 3.61 15.00
N LEU B 149 -5.67 3.48 14.95
CA LEU B 149 -6.61 4.40 15.66
C LEU B 149 -7.25 3.59 16.80
N SER B 150 -6.93 3.92 18.05
CA SER B 150 -7.41 3.21 19.25
C SER B 150 -8.91 3.45 19.40
N GLY B 151 -9.55 2.75 20.32
CA GLY B 151 -11.02 2.69 20.47
C GLY B 151 -11.60 4.08 20.52
N TYR B 152 -12.69 4.30 19.80
CA TYR B 152 -13.55 5.52 19.88
C TYR B 152 -12.75 6.74 19.42
N THR B 153 -11.83 6.54 18.46
CA THR B 153 -11.12 7.68 17.81
C THR B 153 -12.07 8.35 16.82
N LEU B 154 -12.27 9.64 16.95
CA LEU B 154 -13.18 10.44 16.08
C LEU B 154 -12.32 11.27 15.13
N VAL B 155 -12.61 11.25 13.84
CA VAL B 155 -11.87 12.03 12.80
C VAL B 155 -12.84 12.90 11.97
N HIS B 156 -12.56 14.20 11.98
CA HIS B 156 -13.33 15.16 11.16
C HIS B 156 -13.03 14.96 9.66
N GLN B 157 -13.89 15.52 8.82
CA GLN B 157 -13.75 15.41 7.34
C GLN B 157 -12.42 15.99 6.90
N TYR B 158 -11.83 15.39 5.86
CA TYR B 158 -10.67 15.90 5.08
C TYR B 158 -9.37 15.77 5.88
N CYS B 159 -9.44 15.21 7.10
CA CYS B 159 -8.24 15.00 7.96
C CYS B 159 -7.46 13.82 7.38
N ARG B 160 -6.14 13.93 7.37
CA ARG B 160 -5.23 12.90 6.87
C ARG B 160 -4.52 12.27 8.08
N ILE B 161 -4.50 10.95 8.12
CA ILE B 161 -3.87 10.14 9.19
C ILE B 161 -2.65 9.48 8.53
N GLY B 162 -1.47 9.87 8.99
CA GLY B 162 -0.19 9.53 8.33
C GLY B 162 0.21 8.09 8.59
N ALA B 163 1.13 7.58 7.77
CA ALA B 163 1.65 6.20 7.89
C ALA B 163 2.26 5.99 9.29
N HIS B 164 2.05 4.80 9.85
CA HIS B 164 2.56 4.32 11.16
C HIS B 164 2.19 5.27 12.31
N SER B 165 1.17 6.12 12.14
CA SER B 165 0.69 7.04 13.19
C SER B 165 -0.12 6.25 14.23
N PHE B 166 -0.38 6.85 15.39
CA PHE B 166 -1.09 6.20 16.49
C PHE B 166 -1.95 7.22 17.21
N SER B 167 -3.21 6.90 17.47
CA SER B 167 -4.11 7.70 18.35
C SER B 167 -4.46 6.87 19.59
N GLY B 168 -4.47 7.53 20.75
CA GLY B 168 -4.91 6.97 22.03
C GLY B 168 -6.43 6.84 22.08
N MET B 169 -6.92 6.11 23.08
CA MET B 169 -8.35 5.86 23.30
C MET B 169 -9.11 7.19 23.34
N GLY B 170 -10.21 7.30 22.61
CA GLY B 170 -11.12 8.46 22.71
C GLY B 170 -10.51 9.73 22.13
N SER B 171 -9.54 9.64 21.23
CA SER B 171 -8.91 10.79 20.56
C SER B 171 -9.93 11.44 19.64
N ALA B 172 -9.99 12.77 19.63
CA ALA B 172 -10.82 13.55 18.69
C ALA B 172 -9.90 14.39 17.80
N ILE B 173 -9.74 13.95 16.54
CA ILE B 173 -8.77 14.50 15.57
C ILE B 173 -9.49 15.48 14.62
N GLY B 174 -9.10 16.77 14.68
CA GLY B 174 -9.65 17.86 13.85
C GLY B 174 -8.62 18.42 12.89
N LYS B 175 -7.38 17.93 12.95
CA LYS B 175 -6.24 18.37 12.11
C LYS B 175 -5.47 17.13 11.69
N ASP B 176 -4.63 17.25 10.67
CA ASP B 176 -3.87 16.10 10.13
C ASP B 176 -2.96 15.54 11.22
N VAL B 177 -2.78 14.22 11.20
CA VAL B 177 -1.75 13.54 12.02
C VAL B 177 -0.63 13.19 11.05
N PRO B 178 0.54 13.85 11.16
CA PRO B 178 1.69 13.52 10.32
C PRO B 178 2.05 12.06 10.52
N ALA B 179 2.73 11.48 9.55
CA ALA B 179 3.23 10.09 9.61
C ALA B 179 4.06 9.93 10.88
N TYR B 180 3.96 8.75 11.50
CA TYR B 180 4.72 8.28 12.69
C TYR B 180 4.25 8.95 13.99
N VAL B 181 3.42 10.00 13.94
CA VAL B 181 3.13 10.82 15.15
C VAL B 181 2.10 10.08 16.04
N THR B 182 2.25 10.22 17.35
CA THR B 182 1.28 9.70 18.34
C THR B 182 0.42 10.88 18.84
N VAL B 183 -0.90 10.71 18.84
CA VAL B 183 -1.86 11.77 19.31
C VAL B 183 -2.78 11.17 20.38
N PHE B 184 -3.25 12.01 21.30
CA PHE B 184 -4.06 11.62 22.48
C PHE B 184 -5.02 12.77 22.78
N GLY B 185 -6.24 12.44 23.18
CA GLY B 185 -7.14 13.39 23.85
C GLY B 185 -8.15 14.01 22.93
N ASN B 186 -9.05 14.81 23.51
CA ASN B 186 -10.09 15.58 22.79
C ASN B 186 -9.98 17.02 23.27
N PRO B 187 -9.52 17.98 22.43
CA PRO B 187 -9.00 17.69 21.10
C PRO B 187 -7.63 16.98 21.11
N ALA B 188 -7.30 16.28 20.03
CA ALA B 188 -6.06 15.47 19.94
C ALA B 188 -4.84 16.38 20.09
N GLU B 189 -3.79 15.86 20.71
CA GLU B 189 -2.51 16.55 20.99
C GLU B 189 -1.34 15.66 20.55
N ALA B 190 -0.36 16.25 19.86
CA ALA B 190 0.87 15.57 19.41
C ALA B 190 1.74 15.25 20.65
N ARG B 191 2.02 13.98 20.84
CA ARG B 191 2.78 13.53 22.02
C ARG B 191 3.83 12.52 21.59
N SER B 192 4.76 12.91 20.73
CA SER B 192 5.88 12.04 20.31
C SER B 192 5.58 11.22 19.07
N MET B 193 6.47 10.27 18.82
CA MET B 193 6.33 9.40 17.65
C MET B 193 6.14 7.95 18.08
N ASN B 194 5.74 7.11 17.16
CA ASN B 194 5.35 5.70 17.37
C ASN B 194 6.60 4.82 17.29
N PHE B 195 7.57 5.05 18.18
CA PHE B 195 8.87 4.33 18.26
C PHE B 195 8.67 2.83 18.46
N GLU B 196 7.75 2.45 19.36
CA GLU B 196 7.32 1.04 19.58
C GLU B 196 6.99 0.41 18.23
N GLY B 197 6.00 0.96 17.53
CA GLY B 197 5.54 0.52 16.19
C GLY B 197 6.65 0.53 15.14
N MET B 198 7.50 1.56 15.13
CA MET B 198 8.64 1.63 14.17
C MET B 198 9.59 0.47 14.47
N ARG B 199 10.01 0.32 15.73
CA ARG B 199 10.92 -0.77 16.18
C ARG B 199 10.31 -2.12 15.83
N ARG B 200 9.04 -2.35 16.14
CA ARG B 200 8.37 -3.65 15.88
C ARG B 200 8.49 -3.97 14.39
N ARG B 201 8.07 -3.05 13.52
CA ARG B 201 7.99 -3.26 12.05
C ARG B 201 9.41 -3.33 11.46
N GLY B 202 10.44 -3.01 12.25
CA GLY B 202 11.85 -3.23 11.92
C GLY B 202 12.50 -2.02 11.25
N PHE B 203 12.09 -0.80 11.59
CA PHE B 203 12.76 0.45 11.14
C PHE B 203 14.19 0.47 11.70
N SER B 204 15.14 0.99 10.93
CA SER B 204 16.57 1.08 11.30
C SER B 204 16.74 2.16 12.38
N SER B 205 17.78 2.03 13.21
CA SER B 205 18.16 2.98 14.29
C SER B 205 18.40 4.38 13.70
N GLU B 206 19.03 4.45 12.54
CA GLU B 206 19.43 5.72 11.86
C GLU B 206 18.15 6.46 11.40
N ALA B 207 17.20 5.73 10.80
CA ALA B 207 15.90 6.28 10.36
C ALA B 207 15.14 6.86 11.56
N ILE B 208 15.08 6.11 12.66
CA ILE B 208 14.38 6.53 13.92
C ILE B 208 15.02 7.81 14.47
N HIS B 209 16.36 7.84 14.59
CA HIS B 209 17.13 9.02 15.07
C HIS B 209 16.82 10.24 14.20
N ALA B 210 16.80 10.10 12.86
CA ALA B 210 16.47 11.22 11.93
C ALA B 210 15.00 11.67 12.13
N LEU B 211 14.08 10.72 12.33
CA LEU B 211 12.64 11.03 12.61
C LEU B 211 12.52 11.78 13.96
N ARG B 212 13.24 11.34 14.99
CA ARG B 212 13.32 12.05 16.29
C ARG B 212 13.71 13.52 16.03
N ARG B 213 14.73 13.76 15.20
CA ARG B 213 15.22 15.13 14.89
C ARG B 213 14.16 15.87 14.09
N ALA B 214 13.56 15.19 13.12
CA ALA B 214 12.51 15.77 12.23
C ALA B 214 11.37 16.28 13.10
N TYR B 215 10.97 15.50 14.10
CA TYR B 215 9.93 15.88 15.09
C TYR B 215 10.30 17.22 15.75
N LYS B 216 11.57 17.39 16.16
CA LYS B 216 12.02 18.59 16.90
C LYS B 216 11.83 19.83 16.02
N VAL B 217 12.19 19.70 14.73
CA VAL B 217 12.12 20.81 13.72
C VAL B 217 10.68 21.32 13.57
N VAL B 218 9.72 20.39 13.47
CA VAL B 218 8.29 20.74 13.20
C VAL B 218 7.66 21.31 14.48
N TYR B 219 7.86 20.63 15.61
CA TYR B 219 7.06 20.85 16.84
C TYR B 219 7.78 21.75 17.86
N ARG B 220 9.12 21.80 17.90
CA ARG B 220 9.87 22.27 19.09
C ARG B 220 10.89 23.37 18.77
N GLN B 221 10.75 24.09 17.65
CA GLN B 221 11.74 25.12 17.26
C GLN B 221 11.04 26.42 16.82
N GLY B 222 9.79 26.63 17.23
CA GLY B 222 9.03 27.87 16.94
C GLY B 222 8.80 28.10 15.45
N HIS B 223 9.35 27.25 14.57
CA HIS B 223 9.16 27.33 13.10
C HIS B 223 7.65 27.33 12.79
N THR B 224 7.20 28.15 11.84
CA THR B 224 5.89 27.97 11.15
C THR B 224 6.04 26.77 10.20
N VAL B 225 4.94 26.24 9.65
CA VAL B 225 4.97 25.06 8.74
C VAL B 225 6.04 25.29 7.66
N GLU B 226 6.09 26.50 7.08
CA GLU B 226 6.99 26.87 5.94
C GLU B 226 8.46 26.74 6.35
N GLU B 227 8.87 27.44 7.42
CA GLU B 227 10.24 27.35 8.02
C GLU B 227 10.60 25.87 8.22
N ALA B 228 9.70 25.09 8.83
CA ALA B 228 9.89 23.67 9.19
C ALA B 228 10.12 22.84 7.91
N LEU B 229 9.24 23.01 6.91
CA LEU B 229 9.34 22.31 5.59
C LEU B 229 10.74 22.57 5.00
N ALA B 230 11.14 23.85 4.94
CA ALA B 230 12.47 24.29 4.45
C ALA B 230 13.59 23.66 5.27
N GLU B 231 13.46 23.63 6.60
CA GLU B 231 14.52 23.11 7.52
C GLU B 231 14.59 21.58 7.39
N LEU B 232 13.48 20.93 7.05
CA LEU B 232 13.36 19.44 6.89
C LEU B 232 14.01 19.00 5.57
N ALA B 233 13.91 19.86 4.54
CA ALA B 233 14.35 19.64 3.13
C ALA B 233 15.57 18.70 3.04
N GLU B 234 16.62 19.01 3.80
CA GLU B 234 17.93 18.30 3.83
C GLU B 234 17.74 16.83 4.28
N SER B 235 17.17 16.60 5.47
CA SER B 235 16.96 15.22 6.02
C SER B 235 15.93 14.47 5.15
N ALA B 236 14.88 15.15 4.69
CA ALA B 236 13.89 14.61 3.72
C ALA B 236 14.60 14.07 2.46
N ALA B 237 15.70 14.72 2.04
CA ALA B 237 16.50 14.33 0.86
C ALA B 237 17.37 13.10 1.16
N GLN B 238 17.67 12.81 2.44
CA GLN B 238 18.59 11.71 2.86
C GLN B 238 17.83 10.45 3.26
N PHE B 239 16.69 10.59 3.96
CA PHE B 239 15.94 9.48 4.59
C PHE B 239 14.51 9.43 4.04
N PRO B 240 14.09 8.36 3.32
CA PRO B 240 12.71 8.22 2.87
C PRO B 240 11.63 8.42 3.95
N GLU B 241 11.88 7.89 5.15
CA GLU B 241 10.93 8.02 6.29
C GLU B 241 10.74 9.52 6.58
N VAL B 242 11.81 10.30 6.55
CA VAL B 242 11.73 11.77 6.81
C VAL B 242 11.00 12.44 5.63
N ALA B 243 11.15 11.92 4.41
CA ALA B 243 10.39 12.38 3.21
C ALA B 243 8.89 12.09 3.41
N VAL B 244 8.54 10.88 3.82
CA VAL B 244 7.13 10.51 4.18
C VAL B 244 6.59 11.51 5.22
N PHE B 245 7.37 11.74 6.28
CA PHE B 245 7.01 12.69 7.36
C PHE B 245 6.77 14.05 6.71
N ARG B 246 7.78 14.56 5.98
CA ARG B 246 7.78 15.92 5.37
C ARG B 246 6.58 16.08 4.45
N ASP B 247 6.31 15.06 3.62
CA ASP B 247 5.21 15.07 2.63
C ASP B 247 3.86 15.20 3.35
N SER B 248 3.71 14.47 4.47
CA SER B 248 2.47 14.44 5.30
C SER B 248 2.18 15.84 5.87
N ILE B 249 3.22 16.62 6.18
CA ILE B 249 3.08 18.04 6.62
C ILE B 249 2.75 18.93 5.41
N GLN B 250 3.40 18.67 4.26
CA GLN B 250 3.23 19.45 3.00
C GLN B 250 1.79 19.29 2.50
N SER B 251 1.24 18.08 2.59
CA SER B 251 -0.09 17.70 2.04
C SER B 251 -1.22 18.04 3.01
N ALA B 252 -0.90 18.50 4.24
CA ALA B 252 -1.90 18.81 5.29
C ALA B 252 -2.81 19.95 4.84
N THR B 253 -4.11 19.71 4.76
CA THR B 253 -5.13 20.70 4.31
C THR B 253 -5.88 21.29 5.51
N ARG B 254 -5.75 20.71 6.70
CA ARG B 254 -6.46 21.19 7.91
C ARG B 254 -5.45 21.67 8.96
N GLY B 255 -4.20 21.89 8.54
CA GLY B 255 -3.05 22.12 9.43
C GLY B 255 -2.62 20.81 10.06
N ILE B 256 -1.74 20.85 11.05
CA ILE B 256 -1.23 19.62 11.73
C ILE B 256 -1.58 19.67 13.20
N THR B 257 -1.88 18.50 13.77
CA THR B 257 -2.07 18.32 15.22
C THR B 257 -0.74 18.70 15.89
N ARG B 258 -0.80 19.62 16.85
CA ARG B 258 0.35 20.09 17.66
C ARG B 258 0.11 19.70 19.13
N LEU C 3 -41.40 -22.25 21.89
CA LEU C 3 -40.38 -21.64 22.82
C LEU C 3 -39.13 -21.29 22.02
N ILE C 4 -38.51 -22.29 21.38
CA ILE C 4 -37.47 -22.08 20.33
C ILE C 4 -38.18 -21.76 19.02
N ASP C 5 -38.17 -20.49 18.59
CA ASP C 5 -38.77 -20.07 17.30
C ASP C 5 -38.20 -20.96 16.20
N PRO C 6 -39.03 -21.40 15.23
CA PRO C 6 -38.58 -22.31 14.17
C PRO C 6 -37.60 -21.66 13.18
N ARG C 7 -37.55 -20.32 13.13
CA ARG C 7 -36.63 -19.58 12.21
C ARG C 7 -35.26 -19.34 12.86
N ALA C 8 -35.08 -19.72 14.13
CA ALA C 8 -33.77 -19.71 14.83
C ALA C 8 -32.96 -20.91 14.35
N ILE C 9 -31.63 -20.86 14.50
CA ILE C 9 -30.70 -21.97 14.13
C ILE C 9 -30.03 -22.46 15.42
N ILE C 10 -30.32 -23.71 15.79
CA ILE C 10 -29.77 -24.35 17.01
C ILE C 10 -28.79 -25.42 16.54
N ASP C 11 -27.52 -25.31 16.89
CA ASP C 11 -26.51 -26.32 16.51
C ASP C 11 -26.86 -27.63 17.20
N PRO C 12 -26.76 -28.79 16.51
CA PRO C 12 -26.83 -30.09 17.17
C PRO C 12 -26.22 -30.16 18.58
N SER C 13 -25.02 -29.59 18.76
CA SER C 13 -24.17 -29.77 19.96
C SER C 13 -24.52 -28.75 21.07
N ALA C 14 -25.42 -27.80 20.82
CA ALA C 14 -25.92 -26.85 21.83
C ALA C 14 -26.70 -27.60 22.91
N ARG C 15 -27.01 -26.93 24.03
CA ARG C 15 -27.72 -27.51 25.20
C ARG C 15 -28.61 -26.45 25.87
N LEU C 16 -29.92 -26.66 25.82
CA LEU C 16 -30.92 -25.68 26.32
C LEU C 16 -31.78 -26.34 27.40
N ALA C 17 -31.95 -25.66 28.52
CA ALA C 17 -32.86 -26.02 29.62
C ALA C 17 -34.32 -25.85 29.18
N ALA C 18 -35.24 -26.55 29.87
CA ALA C 18 -36.66 -26.73 29.48
C ALA C 18 -37.23 -25.44 28.88
N ASP C 19 -37.22 -24.35 29.66
CA ASP C 19 -38.08 -23.17 29.40
C ASP C 19 -37.28 -22.04 28.75
N VAL C 20 -36.16 -22.35 28.07
CA VAL C 20 -35.36 -21.35 27.31
C VAL C 20 -36.18 -20.90 26.10
N GLN C 21 -36.30 -19.57 25.91
CA GLN C 21 -36.90 -18.95 24.68
C GLN C 21 -35.78 -18.45 23.78
N VAL C 22 -35.88 -18.72 22.48
CA VAL C 22 -34.96 -18.22 21.42
C VAL C 22 -35.81 -17.57 20.32
N GLY C 23 -35.58 -16.29 20.04
CA GLY C 23 -36.35 -15.53 19.04
C GLY C 23 -35.99 -15.92 17.62
N PRO C 24 -36.77 -15.43 16.63
CA PRO C 24 -36.52 -15.68 15.21
C PRO C 24 -35.19 -15.12 14.70
N TRP C 25 -34.55 -15.82 13.76
CA TRP C 25 -33.29 -15.40 13.08
C TRP C 25 -32.16 -15.23 14.11
N SER C 26 -32.16 -16.01 15.20
CA SER C 26 -31.03 -16.04 16.16
C SER C 26 -30.26 -17.35 15.96
N ILE C 27 -28.94 -17.33 16.20
CA ILE C 27 -28.07 -18.53 16.07
C ILE C 27 -27.57 -18.94 17.45
N VAL C 28 -27.86 -20.18 17.88
CA VAL C 28 -27.23 -20.80 19.08
C VAL C 28 -26.19 -21.80 18.56
N GLY C 29 -24.93 -21.35 18.46
CA GLY C 29 -23.85 -22.10 17.80
C GLY C 29 -23.38 -23.29 18.63
N ALA C 30 -22.37 -24.00 18.11
CA ALA C 30 -21.74 -25.19 18.72
C ALA C 30 -21.29 -24.87 20.16
N GLU C 31 -21.46 -25.84 21.05
CA GLU C 31 -21.03 -25.84 22.47
C GLU C 31 -21.54 -24.59 23.19
N VAL C 32 -22.78 -24.18 22.97
CA VAL C 32 -23.42 -23.09 23.76
C VAL C 32 -24.44 -23.73 24.69
N GLU C 33 -24.21 -23.60 26.00
CA GLU C 33 -25.16 -24.02 27.06
C GLU C 33 -25.98 -22.79 27.48
N ILE C 34 -27.31 -22.94 27.53
CA ILE C 34 -28.25 -21.90 28.04
C ILE C 34 -29.09 -22.51 29.16
N GLY C 35 -29.30 -21.76 30.24
CA GLY C 35 -29.92 -22.23 31.51
C GLY C 35 -31.33 -21.74 31.67
N GLU C 36 -32.03 -22.27 32.69
CA GLU C 36 -33.50 -22.16 32.90
C GLU C 36 -33.94 -20.70 32.88
N GLY C 37 -35.00 -20.42 32.14
CA GLY C 37 -35.75 -19.16 32.20
C GLY C 37 -35.05 -18.02 31.47
N THR C 38 -34.02 -18.34 30.68
CA THR C 38 -33.25 -17.37 29.84
C THR C 38 -34.02 -17.10 28.55
N VAL C 39 -34.26 -15.82 28.25
CA VAL C 39 -34.89 -15.35 26.99
C VAL C 39 -33.79 -14.81 26.08
N ILE C 40 -33.54 -15.49 24.97
CA ILE C 40 -32.68 -15.01 23.85
C ILE C 40 -33.59 -14.29 22.85
N GLY C 41 -33.35 -12.99 22.61
CA GLY C 41 -34.15 -12.16 21.69
C GLY C 41 -34.04 -12.67 20.25
N PRO C 42 -34.66 -11.96 19.29
CA PRO C 42 -34.40 -12.23 17.88
C PRO C 42 -33.03 -11.62 17.48
N HIS C 43 -32.45 -12.09 16.38
CA HIS C 43 -31.26 -11.47 15.73
C HIS C 43 -30.06 -11.52 16.68
N VAL C 44 -29.93 -12.59 17.48
CA VAL C 44 -28.79 -12.76 18.43
C VAL C 44 -27.84 -13.83 17.87
N VAL C 45 -26.55 -13.57 17.85
CA VAL C 45 -25.53 -14.60 17.50
C VAL C 45 -24.84 -15.01 18.81
N LEU C 46 -25.07 -16.25 19.26
CA LEU C 46 -24.29 -16.89 20.36
C LEU C 46 -23.28 -17.83 19.72
N LYS C 47 -22.00 -17.71 20.08
CA LYS C 47 -20.94 -18.69 19.74
C LYS C 47 -20.33 -19.24 21.04
N GLY C 48 -19.78 -20.47 20.98
CA GLY C 48 -19.20 -21.19 22.13
C GLY C 48 -17.71 -21.45 21.90
N PRO C 49 -17.02 -22.18 22.82
CA PRO C 49 -17.61 -22.70 24.05
C PRO C 49 -18.06 -21.63 25.06
N THR C 50 -19.36 -21.62 25.41
CA THR C 50 -20.01 -20.55 26.18
C THR C 50 -21.06 -21.17 27.12
N LYS C 51 -21.05 -20.78 28.39
CA LYS C 51 -22.11 -21.18 29.35
C LYS C 51 -22.91 -19.91 29.70
N ILE C 52 -24.24 -19.98 29.58
CA ILE C 52 -25.19 -18.92 30.05
C ILE C 52 -26.09 -19.54 31.13
N GLY C 53 -26.18 -18.89 32.28
CA GLY C 53 -26.95 -19.38 33.44
C GLY C 53 -28.45 -19.21 33.22
N LYS C 54 -29.14 -18.74 34.25
CA LYS C 54 -30.61 -18.84 34.36
C LYS C 54 -31.19 -17.43 34.44
N HIS C 55 -32.41 -17.25 33.91
CA HIS C 55 -33.20 -15.99 33.97
C HIS C 55 -32.39 -14.81 33.41
N ASN C 56 -31.57 -15.07 32.38
CA ASN C 56 -30.86 -14.05 31.57
C ASN C 56 -31.76 -13.60 30.42
N ARG C 57 -31.59 -12.35 29.98
CA ARG C 57 -32.26 -11.80 28.78
C ARG C 57 -31.17 -11.19 27.89
N ILE C 58 -31.09 -11.64 26.64
CA ILE C 58 -30.14 -11.12 25.62
C ILE C 58 -30.96 -10.49 24.50
N TYR C 59 -30.75 -9.20 24.26
CA TYR C 59 -31.50 -8.41 23.27
C TYR C 59 -30.89 -8.57 21.88
N GLN C 60 -31.72 -8.24 20.89
CA GLN C 60 -31.41 -8.23 19.44
C GLN C 60 -30.03 -7.59 19.14
N PHE C 61 -29.35 -8.16 18.15
CA PHE C 61 -28.14 -7.67 17.42
C PHE C 61 -26.88 -7.86 18.28
N SER C 62 -27.00 -8.57 19.40
CA SER C 62 -25.88 -8.89 20.32
C SER C 62 -25.05 -10.02 19.69
N SER C 63 -23.73 -9.97 19.84
CA SER C 63 -22.80 -11.05 19.42
C SER C 63 -22.07 -11.55 20.68
N VAL C 64 -22.61 -12.58 21.31
CA VAL C 64 -22.13 -13.10 22.62
C VAL C 64 -21.33 -14.37 22.37
N GLY C 65 -20.01 -14.29 22.53
CA GLY C 65 -19.10 -15.45 22.56
C GLY C 65 -18.26 -15.54 21.31
N GLU C 66 -18.09 -14.46 20.56
CA GLU C 66 -17.19 -14.42 19.37
C GLU C 66 -15.73 -14.48 19.82
N ASP C 67 -14.83 -14.74 18.86
CA ASP C 67 -13.37 -14.63 19.00
C ASP C 67 -12.94 -13.16 19.12
N THR C 68 -12.00 -12.87 20.00
CA THR C 68 -11.32 -11.56 20.05
C THR C 68 -10.60 -11.37 18.71
N PRO C 69 -10.61 -10.14 18.14
CA PRO C 69 -9.76 -9.84 17.00
C PRO C 69 -8.32 -9.54 17.41
N ASP C 70 -8.04 -9.48 18.72
CA ASP C 70 -6.67 -9.33 19.29
C ASP C 70 -5.78 -10.32 18.54
N LEU C 71 -4.73 -9.82 17.87
CA LEU C 71 -3.84 -10.66 17.03
C LEU C 71 -3.14 -11.73 17.87
N LYS C 72 -3.12 -11.62 19.19
CA LYS C 72 -2.45 -12.64 20.06
C LYS C 72 -3.30 -13.92 20.08
N TYR C 73 -4.61 -13.83 19.84
CA TYR C 73 -5.52 -15.01 19.73
C TYR C 73 -5.24 -15.74 18.41
N LYS C 74 -5.29 -17.08 18.40
CA LYS C 74 -5.05 -17.91 17.19
C LYS C 74 -5.96 -19.16 17.16
N GLY C 75 -7.14 -19.13 17.80
CA GLY C 75 -8.22 -20.09 17.55
C GLY C 75 -8.36 -21.18 18.61
N GLU C 76 -7.48 -21.21 19.62
CA GLU C 76 -7.56 -22.14 20.78
C GLU C 76 -8.98 -22.12 21.35
N PRO C 77 -9.46 -23.21 21.98
CA PRO C 77 -10.87 -23.35 22.34
C PRO C 77 -11.24 -22.70 23.69
N THR C 78 -10.95 -21.40 23.82
CA THR C 78 -11.18 -20.54 25.03
C THR C 78 -12.69 -20.44 25.32
N ARG C 79 -13.05 -19.97 26.51
CA ARG C 79 -14.45 -20.02 26.98
C ARG C 79 -14.97 -18.62 27.32
N LEU C 80 -16.28 -18.53 27.46
CA LEU C 80 -17.04 -17.42 28.09
C LEU C 80 -18.06 -18.05 29.03
N VAL C 81 -18.23 -17.52 30.24
CA VAL C 81 -19.21 -17.98 31.25
C VAL C 81 -20.01 -16.79 31.75
N ILE C 82 -21.34 -16.92 31.74
CA ILE C 82 -22.29 -15.85 32.19
C ILE C 82 -23.23 -16.45 33.25
N GLY C 83 -23.41 -15.75 34.36
CA GLY C 83 -24.21 -16.22 35.51
C GLY C 83 -25.71 -16.06 35.28
N ASP C 84 -26.42 -15.48 36.24
CA ASP C 84 -27.90 -15.51 36.34
C ASP C 84 -28.45 -14.09 36.51
N HIS C 85 -29.67 -13.84 36.04
CA HIS C 85 -30.43 -12.59 36.26
C HIS C 85 -29.74 -11.38 35.62
N ASN C 86 -28.91 -11.61 34.61
CA ASN C 86 -28.22 -10.59 33.77
C ASN C 86 -29.14 -10.07 32.67
N VAL C 87 -29.05 -8.77 32.37
CA VAL C 87 -29.77 -8.13 31.22
C VAL C 87 -28.71 -7.59 30.26
N ILE C 88 -28.62 -8.18 29.08
CA ILE C 88 -27.68 -7.78 28.00
C ILE C 88 -28.49 -7.13 26.87
N ARG C 89 -28.27 -5.83 26.66
CA ARG C 89 -29.16 -4.98 25.81
C ARG C 89 -28.72 -5.04 24.34
N GLU C 90 -29.29 -4.16 23.51
CA GLU C 90 -29.13 -4.15 22.02
C GLU C 90 -27.66 -4.06 21.62
N GLY C 91 -27.20 -4.96 20.74
CA GLY C 91 -25.91 -4.87 20.05
C GLY C 91 -24.68 -5.04 20.94
N VAL C 92 -24.81 -5.65 22.11
CA VAL C 92 -23.65 -5.89 23.02
C VAL C 92 -22.72 -6.93 22.38
N THR C 93 -21.40 -6.73 22.50
CA THR C 93 -20.36 -7.67 22.03
C THR C 93 -19.61 -8.18 23.27
N ILE C 94 -19.51 -9.50 23.39
CA ILE C 94 -18.79 -10.21 24.48
C ILE C 94 -17.90 -11.28 23.83
N HIS C 95 -16.59 -11.17 24.02
CA HIS C 95 -15.57 -12.08 23.43
C HIS C 95 -15.18 -13.11 24.49
N ARG C 96 -14.72 -14.26 24.02
CA ARG C 96 -14.23 -15.38 24.87
C ARG C 96 -12.76 -15.08 25.23
N GLY C 97 -12.19 -15.89 26.12
CA GLY C 97 -10.85 -15.66 26.67
C GLY C 97 -9.75 -15.91 25.66
N THR C 98 -8.49 -15.77 26.12
CA THR C 98 -7.24 -16.16 25.42
C THR C 98 -6.46 -17.11 26.34
N VAL C 99 -5.60 -17.95 25.77
CA VAL C 99 -4.86 -19.02 26.50
C VAL C 99 -3.80 -18.36 27.40
N GLN C 100 -3.31 -17.19 26.96
CA GLN C 100 -2.24 -16.39 27.63
C GLN C 100 -2.69 -16.01 29.05
N ASP C 101 -4.00 -15.89 29.29
CA ASP C 101 -4.59 -15.49 30.61
C ASP C 101 -5.89 -16.25 30.87
N ARG C 102 -5.79 -17.48 31.40
CA ARG C 102 -6.91 -18.17 32.09
C ARG C 102 -7.95 -18.71 31.08
N ALA C 103 -7.92 -18.24 29.82
CA ALA C 103 -8.70 -18.76 28.68
C ALA C 103 -10.21 -18.71 28.97
N GLU C 104 -10.67 -17.70 29.71
CA GLU C 104 -12.10 -17.52 30.08
C GLU C 104 -12.42 -16.03 30.25
N THR C 105 -13.54 -15.59 29.69
CA THR C 105 -14.24 -14.32 30.03
C THR C 105 -15.37 -14.69 30.98
N THR C 106 -15.57 -13.92 32.05
CA THR C 106 -16.49 -14.29 33.17
C THR C 106 -17.41 -13.12 33.50
N ILE C 107 -18.71 -13.40 33.59
CA ILE C 107 -19.76 -12.49 34.09
C ILE C 107 -20.54 -13.27 35.16
N GLY C 108 -20.78 -12.66 36.33
CA GLY C 108 -21.62 -13.22 37.40
C GLY C 108 -23.11 -12.91 37.22
N ASP C 109 -23.72 -12.30 38.24
CA ASP C 109 -25.19 -12.33 38.44
C ASP C 109 -25.71 -10.90 38.53
N HIS C 110 -26.94 -10.69 38.08
CA HIS C 110 -27.70 -9.41 38.26
C HIS C 110 -26.94 -8.21 37.65
N ASN C 111 -26.21 -8.43 36.57
CA ASN C 111 -25.48 -7.35 35.85
C ASN C 111 -26.39 -6.78 34.75
N LEU C 112 -26.39 -5.46 34.60
CA LEU C 112 -27.13 -4.71 33.55
C LEU C 112 -26.07 -4.14 32.59
N ILE C 113 -26.04 -4.67 31.37
CA ILE C 113 -25.06 -4.35 30.29
C ILE C 113 -25.84 -3.73 29.13
N MET C 114 -25.85 -2.40 29.05
CA MET C 114 -26.69 -1.61 28.14
C MET C 114 -26.14 -1.58 26.71
N ALA C 115 -26.90 -0.98 25.78
CA ALA C 115 -26.71 -1.13 24.31
C ALA C 115 -25.27 -0.84 23.90
N TYR C 116 -24.71 -1.69 23.05
CA TYR C 116 -23.43 -1.51 22.29
C TYR C 116 -22.24 -1.54 23.25
N ALA C 117 -22.44 -1.97 24.49
CA ALA C 117 -21.35 -2.18 25.45
C ALA C 117 -20.48 -3.30 24.89
N HIS C 118 -19.18 -3.23 25.13
CA HIS C 118 -18.19 -4.25 24.70
C HIS C 118 -17.46 -4.81 25.91
N ILE C 119 -17.30 -6.12 25.95
CA ILE C 119 -16.59 -6.87 27.04
C ILE C 119 -15.52 -7.70 26.36
N GLY C 120 -14.27 -7.22 26.43
CA GLY C 120 -13.11 -7.79 25.73
C GLY C 120 -12.65 -9.08 26.41
N HIS C 121 -11.83 -9.85 25.71
CA HIS C 121 -11.30 -11.18 26.13
C HIS C 121 -10.83 -11.12 27.58
N ASP C 122 -11.12 -12.17 28.36
CA ASP C 122 -10.49 -12.49 29.67
C ASP C 122 -10.98 -11.51 30.74
N SER C 123 -11.93 -10.64 30.41
CA SER C 123 -12.52 -9.68 31.38
C SER C 123 -13.35 -10.47 32.38
N VAL C 124 -13.38 -10.02 33.63
CA VAL C 124 -14.12 -10.66 34.74
C VAL C 124 -15.05 -9.62 35.34
N ILE C 125 -16.36 -9.80 35.16
CA ILE C 125 -17.41 -8.95 35.79
C ILE C 125 -18.04 -9.77 36.94
N GLY C 126 -18.24 -9.10 38.07
CA GLY C 126 -18.83 -9.65 39.30
C GLY C 126 -20.36 -9.63 39.23
N ASN C 127 -20.99 -9.01 40.23
CA ASN C 127 -22.46 -9.09 40.39
C ASN C 127 -22.98 -7.68 40.61
N HIS C 128 -24.21 -7.40 40.17
CA HIS C 128 -24.97 -6.14 40.39
C HIS C 128 -24.22 -4.96 39.77
N CYS C 129 -23.43 -5.20 38.73
CA CYS C 129 -22.73 -4.12 37.96
C CYS C 129 -23.70 -3.48 36.96
N ILE C 130 -23.52 -2.20 36.68
CA ILE C 130 -24.17 -1.48 35.55
C ILE C 130 -23.07 -0.98 34.59
N LEU C 131 -23.06 -1.50 33.36
CA LEU C 131 -22.27 -0.95 32.22
C LEU C 131 -23.24 -0.19 31.31
N VAL C 132 -23.19 1.14 31.33
CA VAL C 132 -24.13 1.98 30.56
C VAL C 132 -23.69 1.99 29.07
N ASN C 133 -24.60 2.38 28.16
CA ASN C 133 -24.40 2.32 26.68
C ASN C 133 -22.93 2.54 26.32
N ASN C 134 -22.38 1.65 25.48
CA ASN C 134 -21.13 1.89 24.71
C ASN C 134 -19.92 1.93 25.67
N THR C 135 -20.08 1.42 26.89
CA THR C 135 -18.93 1.11 27.76
C THR C 135 -18.06 0.07 27.03
N ALA C 136 -16.74 0.20 27.11
CA ALA C 136 -15.79 -0.67 26.39
C ALA C 136 -14.63 -1.09 27.30
N LEU C 137 -14.56 -2.39 27.61
CA LEU C 137 -13.44 -3.06 28.34
C LEU C 137 -12.57 -3.76 27.29
N ALA C 138 -11.33 -3.30 27.12
CA ALA C 138 -10.44 -3.72 26.02
C ALA C 138 -10.07 -5.19 26.20
N GLY C 139 -9.89 -5.64 27.44
CA GLY C 139 -9.49 -7.02 27.79
C GLY C 139 -8.83 -7.11 29.16
N HIS C 140 -8.91 -8.29 29.78
CA HIS C 140 -8.41 -8.59 31.14
C HIS C 140 -8.85 -7.52 32.14
N VAL C 141 -10.04 -6.93 31.98
CA VAL C 141 -10.57 -5.90 32.92
C VAL C 141 -11.39 -6.65 33.96
N HIS C 142 -11.09 -6.45 35.24
CA HIS C 142 -11.85 -7.02 36.38
C HIS C 142 -12.73 -5.92 36.97
N VAL C 143 -14.06 -6.09 36.84
CA VAL C 143 -15.08 -5.16 37.39
C VAL C 143 -15.69 -5.87 38.61
N ASP C 144 -15.44 -5.36 39.81
CA ASP C 144 -15.95 -5.97 41.07
C ASP C 144 -17.40 -5.51 41.30
N ASP C 145 -18.07 -6.18 42.23
CA ASP C 145 -19.54 -6.10 42.48
C ASP C 145 -20.01 -4.66 42.69
N TRP C 146 -21.20 -4.32 42.18
CA TRP C 146 -21.90 -3.02 42.39
C TRP C 146 -21.19 -1.86 41.67
N ALA C 147 -20.15 -2.10 40.87
CA ALA C 147 -19.48 -1.03 40.10
C ALA C 147 -20.44 -0.53 39.00
N ILE C 148 -20.47 0.79 38.80
CA ILE C 148 -21.28 1.49 37.77
C ILE C 148 -20.34 2.25 36.84
N LEU C 149 -20.30 1.87 35.55
CA LEU C 149 -19.56 2.59 34.49
C LEU C 149 -20.55 3.32 33.58
N SER C 150 -20.55 4.66 33.65
CA SER C 150 -21.48 5.55 32.90
C SER C 150 -21.18 5.47 31.38
N GLY C 151 -22.08 6.01 30.57
CA GLY C 151 -22.07 5.87 29.10
C GLY C 151 -20.70 6.16 28.53
N TYR C 152 -20.23 5.31 27.60
CA TYR C 152 -19.03 5.55 26.78
C TYR C 152 -17.78 5.58 27.67
N THR C 153 -17.81 4.90 28.83
CA THR C 153 -16.61 4.64 29.65
C THR C 153 -15.71 3.63 28.91
N LEU C 154 -14.45 4.01 28.66
CA LEU C 154 -13.43 3.17 27.97
C LEU C 154 -12.42 2.69 29.01
N VAL C 155 -12.09 1.41 29.00
CA VAL C 155 -11.11 0.83 29.98
C VAL C 155 -10.00 0.11 29.21
N HIS C 156 -8.76 0.47 29.56
CA HIS C 156 -7.58 -0.19 28.98
C HIS C 156 -7.41 -1.58 29.59
N GLN C 157 -6.61 -2.42 28.95
CA GLN C 157 -6.38 -3.82 29.37
C GLN C 157 -5.84 -3.85 30.81
N TYR C 158 -6.18 -4.90 31.56
CA TYR C 158 -5.59 -5.27 32.87
C TYR C 158 -6.04 -4.33 34.01
N CYS C 159 -6.85 -3.30 33.76
CA CYS C 159 -7.31 -2.39 34.84
C CYS C 159 -8.32 -3.11 35.75
N ARG C 160 -8.23 -2.85 37.05
CA ARG C 160 -9.18 -3.35 38.07
C ARG C 160 -10.11 -2.20 38.47
N ILE C 161 -11.42 -2.41 38.27
CA ILE C 161 -12.51 -1.48 38.67
C ILE C 161 -13.09 -2.00 40.00
N GLY C 162 -12.89 -1.29 41.12
CA GLY C 162 -13.21 -1.77 42.47
C GLY C 162 -14.70 -1.78 42.76
N ALA C 163 -15.12 -2.57 43.74
CA ALA C 163 -16.53 -2.66 44.19
C ALA C 163 -17.04 -1.26 44.51
N HIS C 164 -18.28 -0.98 44.12
CA HIS C 164 -18.97 0.31 44.46
C HIS C 164 -18.31 1.52 43.80
N SER C 165 -17.46 1.28 42.81
CA SER C 165 -16.81 2.39 42.06
C SER C 165 -17.78 2.93 41.00
N PHE C 166 -17.52 4.15 40.56
CA PHE C 166 -18.37 4.86 39.59
C PHE C 166 -17.47 5.67 38.65
N SER C 167 -17.73 5.56 37.35
CA SER C 167 -17.09 6.42 36.32
C SER C 167 -18.16 7.34 35.74
N GLY C 168 -17.77 8.57 35.44
CA GLY C 168 -18.62 9.55 34.75
C GLY C 168 -18.67 9.27 33.24
N MET C 169 -19.62 9.90 32.56
CA MET C 169 -19.82 9.75 31.10
C MET C 169 -18.50 10.04 30.39
N GLY C 170 -18.09 9.14 29.50
CA GLY C 170 -16.97 9.37 28.57
C GLY C 170 -15.63 9.29 29.28
N SER C 171 -15.58 8.67 30.46
CA SER C 171 -14.31 8.43 31.22
C SER C 171 -13.41 7.48 30.42
N ALA C 172 -12.11 7.65 30.51
CA ALA C 172 -11.11 6.73 29.93
C ALA C 172 -10.12 6.35 31.04
N ILE C 173 -10.25 5.11 31.51
CA ILE C 173 -9.60 4.56 32.72
C ILE C 173 -8.36 3.82 32.23
N GLY C 174 -7.19 4.18 32.74
CA GLY C 174 -5.89 3.57 32.38
C GLY C 174 -5.15 3.00 33.57
N LYS C 175 -5.69 3.16 34.78
CA LYS C 175 -5.07 2.62 36.01
C LYS C 175 -6.22 2.09 36.88
N ASP C 176 -5.90 1.24 37.85
CA ASP C 176 -6.90 0.64 38.76
C ASP C 176 -7.74 1.77 39.36
N VAL C 177 -9.05 1.56 39.43
CA VAL C 177 -10.01 2.40 40.20
C VAL C 177 -10.26 1.67 41.51
N PRO C 178 -9.85 2.23 42.66
CA PRO C 178 -10.15 1.61 43.95
C PRO C 178 -11.65 1.49 44.23
N ALA C 179 -12.03 0.55 45.11
CA ALA C 179 -13.42 0.38 45.58
C ALA C 179 -13.99 1.73 46.03
N TYR C 180 -15.25 2.00 45.68
CA TYR C 180 -16.05 3.18 46.10
C TYR C 180 -15.61 4.48 45.41
N VAL C 181 -14.49 4.52 44.70
CA VAL C 181 -13.97 5.79 44.13
C VAL C 181 -14.81 6.19 42.91
N THR C 182 -15.13 7.48 42.80
CA THR C 182 -15.75 8.11 41.61
C THR C 182 -14.64 8.72 40.74
N VAL C 183 -14.63 8.41 39.44
CA VAL C 183 -13.60 8.89 38.47
C VAL C 183 -14.31 9.55 37.28
N PHE C 184 -13.69 10.57 36.68
CA PHE C 184 -14.26 11.38 35.59
C PHE C 184 -13.13 11.77 34.62
N GLY C 185 -13.48 11.86 33.34
CA GLY C 185 -12.67 12.49 32.29
C GLY C 185 -11.77 11.51 31.56
N ASN C 186 -11.06 12.05 30.57
CA ASN C 186 -10.08 11.33 29.71
C ASN C 186 -8.79 12.14 29.73
N PRO C 187 -7.75 11.73 30.50
CA PRO C 187 -7.77 10.50 31.27
C PRO C 187 -8.57 10.65 32.58
N ALA C 188 -9.08 9.55 33.10
CA ALA C 188 -9.89 9.50 34.35
C ALA C 188 -9.06 10.06 35.51
N GLU C 189 -9.69 10.82 36.38
CA GLU C 189 -9.09 11.28 37.66
C GLU C 189 -10.08 11.01 38.81
N ALA C 190 -9.56 10.64 39.97
CA ALA C 190 -10.34 10.48 41.23
C ALA C 190 -11.04 11.80 41.56
N ARG C 191 -12.30 11.76 41.98
CA ARG C 191 -13.04 12.98 42.41
C ARG C 191 -13.48 12.81 43.86
N SER C 192 -14.12 11.69 44.18
CA SER C 192 -14.74 11.46 45.51
C SER C 192 -15.03 9.98 45.74
N MET C 193 -15.94 9.68 46.66
CA MET C 193 -16.41 8.30 46.96
C MET C 193 -17.90 8.19 46.66
N ASN C 194 -18.32 7.00 46.25
CA ASN C 194 -19.73 6.69 45.88
C ASN C 194 -20.51 6.56 47.18
N PHE C 195 -20.70 7.67 47.90
CA PHE C 195 -21.47 7.71 49.17
C PHE C 195 -22.88 7.22 48.88
N GLU C 196 -23.42 7.67 47.73
CA GLU C 196 -24.71 7.21 47.13
C GLU C 196 -24.80 5.68 47.22
N GLY C 197 -23.82 4.97 46.62
CA GLY C 197 -23.83 3.49 46.55
C GLY C 197 -23.71 2.80 47.91
N MET C 198 -23.08 3.47 48.89
CA MET C 198 -23.01 2.97 50.29
C MET C 198 -24.38 3.11 50.95
N ARG C 199 -25.03 4.27 50.79
CA ARG C 199 -26.45 4.45 51.20
C ARG C 199 -27.31 3.35 50.56
N ARG C 200 -27.08 3.03 49.28
CA ARG C 200 -27.87 2.04 48.51
C ARG C 200 -27.69 0.62 49.08
N ARG C 201 -26.60 0.35 49.79
CA ARG C 201 -26.32 -1.00 50.37
C ARG C 201 -26.61 -1.02 51.87
N GLY C 202 -27.23 0.03 52.42
CA GLY C 202 -27.51 0.15 53.85
C GLY C 202 -26.25 -0.05 54.66
N PHE C 203 -25.21 0.74 54.36
CA PHE C 203 -23.99 0.91 55.19
C PHE C 203 -24.37 1.74 56.42
N SER C 204 -23.93 1.29 57.61
CA SER C 204 -23.99 2.09 58.86
C SER C 204 -23.29 3.43 58.59
N SER C 205 -23.75 4.51 59.24
CA SER C 205 -23.19 5.88 59.08
C SER C 205 -21.75 5.90 59.63
N GLU C 206 -21.38 4.92 60.44
CA GLU C 206 -20.01 4.76 61.01
C GLU C 206 -19.07 4.27 59.90
N ALA C 207 -19.45 3.20 59.21
CA ALA C 207 -18.71 2.60 58.07
C ALA C 207 -18.60 3.60 56.91
N ILE C 208 -19.57 4.52 56.77
CA ILE C 208 -19.55 5.63 55.76
C ILE C 208 -18.54 6.69 56.20
N HIS C 209 -18.47 7.04 57.49
CA HIS C 209 -17.48 8.01 58.03
C HIS C 209 -16.09 7.37 57.95
N ALA C 210 -15.97 6.09 58.29
CA ALA C 210 -14.73 5.30 58.17
C ALA C 210 -14.20 5.39 56.73
N LEU C 211 -15.09 5.28 55.73
CA LEU C 211 -14.71 5.24 54.29
C LEU C 211 -14.37 6.65 53.80
N ARG C 212 -15.08 7.68 54.26
CA ARG C 212 -14.72 9.10 53.98
C ARG C 212 -13.30 9.34 54.53
N ARG C 213 -13.03 8.90 55.77
CA ARG C 213 -11.67 9.09 56.35
C ARG C 213 -10.68 8.40 55.40
N ALA C 214 -10.95 7.13 55.06
CA ALA C 214 -10.08 6.27 54.22
C ALA C 214 -9.68 7.00 52.93
N TYR C 215 -10.63 7.66 52.25
CA TYR C 215 -10.40 8.42 51.00
C TYR C 215 -9.40 9.56 51.27
N LYS C 216 -9.53 10.23 52.41
CA LYS C 216 -8.67 11.39 52.75
C LYS C 216 -7.25 10.87 53.01
N VAL C 217 -7.12 9.71 53.65
CA VAL C 217 -5.79 9.05 53.92
C VAL C 217 -5.08 8.82 52.58
N VAL C 218 -5.79 8.29 51.57
CA VAL C 218 -5.18 7.86 50.29
C VAL C 218 -4.89 9.09 49.42
N TYR C 219 -5.85 10.00 49.30
CA TYR C 219 -5.88 11.03 48.23
C TYR C 219 -5.55 12.45 48.71
N ARG C 220 -5.77 12.81 49.98
CA ARG C 220 -5.82 14.23 50.41
C ARG C 220 -4.74 14.57 51.45
N GLN C 221 -3.85 13.65 51.80
CA GLN C 221 -2.90 13.85 52.93
C GLN C 221 -1.45 13.55 52.49
N GLY C 222 -1.17 13.70 51.19
CA GLY C 222 0.19 13.63 50.60
C GLY C 222 0.90 12.34 50.93
N HIS C 223 0.21 11.33 51.46
CA HIS C 223 0.76 9.99 51.75
C HIS C 223 1.12 9.29 50.42
N THR C 224 2.07 8.35 50.48
CA THR C 224 2.32 7.34 49.42
C THR C 224 1.30 6.21 49.62
N VAL C 225 1.18 5.30 48.64
CA VAL C 225 0.26 4.13 48.73
C VAL C 225 0.69 3.28 49.92
N GLU C 226 2.00 2.99 50.03
CA GLU C 226 2.60 2.16 51.12
C GLU C 226 2.25 2.76 52.48
N GLU C 227 2.40 4.08 52.62
CA GLU C 227 2.05 4.86 53.84
C GLU C 227 0.54 4.83 54.08
N ALA C 228 -0.25 5.02 53.02
CA ALA C 228 -1.74 5.04 53.06
C ALA C 228 -2.24 3.65 53.49
N LEU C 229 -1.69 2.58 52.89
CA LEU C 229 -2.04 1.17 53.23
C LEU C 229 -1.76 0.91 54.72
N ALA C 230 -0.72 1.55 55.27
CA ALA C 230 -0.18 1.33 56.63
C ALA C 230 -1.15 1.90 57.67
N GLU C 231 -1.62 3.13 57.50
CA GLU C 231 -2.57 3.81 58.43
C GLU C 231 -3.95 3.13 58.37
N LEU C 232 -4.35 2.58 57.22
CA LEU C 232 -5.68 1.95 57.00
C LEU C 232 -5.79 0.64 57.81
N ALA C 233 -4.66 -0.05 58.02
CA ALA C 233 -4.56 -1.43 58.58
C ALA C 233 -5.55 -1.67 59.74
N GLU C 234 -5.72 -0.70 60.66
CA GLU C 234 -6.58 -0.85 61.88
C GLU C 234 -8.04 -0.61 61.51
N SER C 235 -8.32 0.40 60.69
CA SER C 235 -9.69 0.75 60.19
C SER C 235 -10.27 -0.43 59.39
N ALA C 236 -9.41 -1.17 58.69
CA ALA C 236 -9.75 -2.35 57.86
C ALA C 236 -9.99 -3.56 58.75
N ALA C 237 -9.26 -3.66 59.87
CA ALA C 237 -9.48 -4.66 60.94
C ALA C 237 -10.85 -4.41 61.58
N GLN C 238 -11.21 -3.14 61.74
CA GLN C 238 -12.42 -2.67 62.47
C GLN C 238 -13.66 -2.80 61.57
N PHE C 239 -13.56 -2.38 60.31
CA PHE C 239 -14.68 -2.32 59.33
C PHE C 239 -14.37 -3.20 58.12
N PRO C 240 -15.13 -4.28 57.86
CA PRO C 240 -14.91 -5.08 56.64
C PRO C 240 -15.07 -4.19 55.40
N GLU C 241 -15.97 -3.20 55.47
CA GLU C 241 -16.24 -2.20 54.40
C GLU C 241 -14.94 -1.47 54.03
N VAL C 242 -14.08 -1.18 55.01
CA VAL C 242 -12.80 -0.45 54.79
C VAL C 242 -11.75 -1.42 54.24
N ALA C 243 -11.76 -2.69 54.68
CA ALA C 243 -10.88 -3.76 54.16
C ALA C 243 -11.04 -3.88 52.63
N VAL C 244 -12.28 -3.78 52.14
CA VAL C 244 -12.62 -3.86 50.68
C VAL C 244 -11.81 -2.77 49.95
N PHE C 245 -11.86 -1.54 50.47
CA PHE C 245 -11.18 -0.34 49.90
C PHE C 245 -9.66 -0.56 49.95
N ARG C 246 -9.16 -1.00 51.12
CA ARG C 246 -7.72 -1.21 51.42
C ARG C 246 -7.19 -2.29 50.47
N ASP C 247 -7.90 -3.43 50.39
CA ASP C 247 -7.52 -4.58 49.52
C ASP C 247 -7.48 -4.15 48.05
N SER C 248 -8.37 -3.26 47.58
CA SER C 248 -8.37 -2.82 46.14
C SER C 248 -7.09 -2.03 45.84
N ILE C 249 -6.65 -1.18 46.76
CA ILE C 249 -5.40 -0.38 46.62
C ILE C 249 -4.20 -1.34 46.71
N GLN C 250 -4.19 -2.25 47.69
CA GLN C 250 -3.07 -3.21 47.93
C GLN C 250 -2.79 -4.01 46.65
N SER C 251 -3.85 -4.49 45.99
CA SER C 251 -3.78 -5.37 44.80
C SER C 251 -3.51 -4.57 43.52
N ALA C 252 -3.16 -3.29 43.63
CA ALA C 252 -3.08 -2.33 42.52
C ALA C 252 -1.62 -1.90 42.27
N THR C 253 -0.74 -2.83 41.90
CA THR C 253 0.72 -2.57 41.74
C THR C 253 1.02 -2.13 40.29
N ARG C 254 0.11 -1.42 39.64
CA ARG C 254 0.32 -0.77 38.32
C ARG C 254 0.00 0.73 38.45
N GLY C 255 -0.41 1.18 39.65
CA GLY C 255 -0.89 2.54 39.92
C GLY C 255 -2.41 2.59 40.10
N ILE C 256 -2.88 3.43 41.02
CA ILE C 256 -4.32 3.73 41.19
C ILE C 256 -4.64 4.98 40.39
N THR C 257 -5.90 5.15 40.01
CA THR C 257 -6.42 6.40 39.39
C THR C 257 -6.31 7.52 40.43
N ARG C 258 -5.58 8.58 40.06
CA ARG C 258 -5.56 9.90 40.73
C ARG C 258 -6.08 10.94 39.73
N SER D 2 13.92 -34.86 -5.45
CA SER D 2 14.43 -35.55 -6.68
C SER D 2 15.95 -35.59 -6.62
N LEU D 3 16.63 -34.62 -7.25
CA LEU D 3 18.10 -34.53 -7.25
C LEU D 3 18.49 -33.18 -6.64
N ILE D 4 18.98 -33.22 -5.41
CA ILE D 4 19.80 -32.16 -4.79
C ILE D 4 21.25 -32.46 -5.19
N ASP D 5 21.80 -31.70 -6.15
CA ASP D 5 23.22 -31.85 -6.55
C ASP D 5 24.09 -31.60 -5.32
N PRO D 6 25.05 -32.49 -5.01
CA PRO D 6 25.91 -32.32 -3.84
C PRO D 6 26.81 -31.07 -3.93
N ARG D 7 27.00 -30.53 -5.14
CA ARG D 7 27.82 -29.29 -5.34
C ARG D 7 27.00 -28.05 -4.96
N ALA D 8 25.69 -28.20 -4.70
CA ALA D 8 24.78 -27.14 -4.21
C ALA D 8 25.01 -26.90 -2.71
N ILE D 9 24.68 -25.71 -2.23
CA ILE D 9 24.75 -25.36 -0.78
C ILE D 9 23.33 -25.13 -0.30
N ILE D 10 22.82 -26.05 0.53
CA ILE D 10 21.45 -25.99 1.13
C ILE D 10 21.61 -25.60 2.61
N ASP D 11 21.13 -24.43 2.99
CA ASP D 11 21.13 -23.97 4.40
C ASP D 11 20.34 -24.97 5.23
N PRO D 12 20.78 -25.31 6.46
CA PRO D 12 19.98 -26.20 7.31
C PRO D 12 18.57 -25.66 7.63
N SER D 13 18.33 -24.34 7.56
CA SER D 13 16.98 -23.74 7.82
C SER D 13 16.10 -23.74 6.56
N ALA D 14 16.62 -24.11 5.38
CA ALA D 14 15.84 -24.13 4.11
C ALA D 14 14.88 -25.31 4.15
N ARG D 15 13.72 -25.20 3.49
CA ARG D 15 12.73 -26.29 3.39
C ARG D 15 12.45 -26.60 1.91
N LEU D 16 12.78 -27.83 1.49
CA LEU D 16 12.52 -28.40 0.14
C LEU D 16 11.39 -29.42 0.24
N ALA D 17 10.37 -29.31 -0.62
CA ALA D 17 9.26 -30.27 -0.74
C ALA D 17 9.65 -31.41 -1.70
N ALA D 18 8.73 -32.37 -1.87
CA ALA D 18 8.86 -33.56 -2.75
C ALA D 18 9.18 -33.08 -4.17
N ASP D 19 10.02 -33.83 -4.89
CA ASP D 19 10.37 -33.68 -6.33
C ASP D 19 11.03 -32.32 -6.62
N VAL D 20 11.61 -31.66 -5.61
CA VAL D 20 12.43 -30.44 -5.82
C VAL D 20 13.81 -30.85 -6.34
N GLN D 21 14.27 -30.15 -7.38
CA GLN D 21 15.63 -30.34 -7.95
C GLN D 21 16.44 -29.07 -7.73
N VAL D 22 17.70 -29.23 -7.35
CA VAL D 22 18.67 -28.12 -7.17
C VAL D 22 19.95 -28.52 -7.91
N GLY D 23 20.28 -27.77 -8.95
CA GLY D 23 21.45 -28.00 -9.81
C GLY D 23 22.77 -27.69 -9.09
N PRO D 24 23.90 -28.03 -9.73
CA PRO D 24 25.21 -27.79 -9.14
C PRO D 24 25.51 -26.30 -8.95
N TRP D 25 26.21 -25.96 -7.85
CA TRP D 25 26.76 -24.63 -7.57
C TRP D 25 25.64 -23.61 -7.33
N SER D 26 24.46 -24.07 -6.94
CA SER D 26 23.33 -23.21 -6.49
C SER D 26 23.34 -23.10 -4.95
N ILE D 27 22.91 -21.94 -4.42
CA ILE D 27 22.80 -21.68 -2.96
C ILE D 27 21.32 -21.52 -2.62
N VAL D 28 20.77 -22.39 -1.77
CA VAL D 28 19.42 -22.20 -1.19
C VAL D 28 19.65 -21.70 0.25
N GLY D 29 19.60 -20.37 0.43
CA GLY D 29 19.95 -19.68 1.68
C GLY D 29 18.98 -19.97 2.81
N ALA D 30 19.33 -19.55 4.02
CA ALA D 30 18.48 -19.71 5.23
C ALA D 30 17.09 -19.11 4.97
N GLU D 31 16.05 -19.71 5.53
CA GLU D 31 14.64 -19.21 5.50
C GLU D 31 14.07 -19.23 4.06
N VAL D 32 14.62 -20.05 3.17
CA VAL D 32 14.06 -20.24 1.80
C VAL D 32 13.27 -21.54 1.79
N GLU D 33 11.97 -21.47 1.48
CA GLU D 33 11.10 -22.66 1.30
C GLU D 33 10.81 -22.81 -0.19
N ILE D 34 10.94 -24.03 -0.70
CA ILE D 34 10.69 -24.37 -2.14
C ILE D 34 9.61 -25.47 -2.19
N GLY D 35 8.51 -25.15 -2.86
CA GLY D 35 7.33 -26.00 -3.07
C GLY D 35 7.56 -27.13 -4.09
N GLU D 36 6.59 -28.04 -4.14
CA GLU D 36 6.69 -29.39 -4.75
C GLU D 36 7.04 -29.27 -6.24
N GLY D 37 8.03 -30.03 -6.71
CA GLY D 37 8.32 -30.18 -8.15
C GLY D 37 8.98 -28.94 -8.76
N THR D 38 9.37 -27.95 -7.95
CA THR D 38 10.15 -26.78 -8.44
C THR D 38 11.56 -27.23 -8.84
N VAL D 39 12.00 -26.81 -10.02
CA VAL D 39 13.38 -27.06 -10.52
C VAL D 39 14.21 -25.77 -10.40
N ILE D 40 15.24 -25.80 -9.54
CA ILE D 40 16.31 -24.78 -9.47
C ILE D 40 17.47 -25.25 -10.36
N GLY D 41 17.84 -24.42 -11.33
CA GLY D 41 18.93 -24.69 -12.29
C GLY D 41 20.28 -24.67 -11.60
N PRO D 42 21.39 -24.81 -12.36
CA PRO D 42 22.72 -24.56 -11.83
C PRO D 42 22.97 -23.06 -11.62
N HIS D 43 23.91 -22.72 -10.75
CA HIS D 43 24.43 -21.33 -10.57
C HIS D 43 23.31 -20.37 -10.20
N VAL D 44 22.34 -20.80 -9.40
CA VAL D 44 21.23 -19.94 -8.89
C VAL D 44 21.57 -19.54 -7.45
N VAL D 45 21.33 -18.28 -7.09
CA VAL D 45 21.36 -17.79 -5.68
C VAL D 45 19.93 -17.48 -5.23
N LEU D 46 19.45 -18.25 -4.25
CA LEU D 46 18.19 -18.02 -3.49
C LEU D 46 18.53 -17.49 -2.09
N LYS D 47 17.92 -16.38 -1.70
CA LYS D 47 18.10 -15.72 -0.37
C LYS D 47 16.71 -15.50 0.21
N GLY D 48 16.57 -15.56 1.54
CA GLY D 48 15.28 -15.48 2.24
C GLY D 48 15.19 -14.26 3.16
N PRO D 49 14.10 -14.10 3.95
CA PRO D 49 12.98 -15.04 3.96
C PRO D 49 12.17 -15.02 2.65
N THR D 50 12.12 -16.19 2.00
CA THR D 50 11.51 -16.37 0.67
C THR D 50 10.70 -17.67 0.68
N LYS D 51 9.48 -17.62 0.14
CA LYS D 51 8.61 -18.78 -0.14
C LYS D 51 8.38 -18.91 -1.65
N ILE D 52 8.75 -20.04 -2.25
CA ILE D 52 8.53 -20.38 -3.68
C ILE D 52 7.57 -21.58 -3.71
N GLY D 53 6.53 -21.50 -4.55
CA GLY D 53 5.48 -22.50 -4.67
C GLY D 53 5.91 -23.70 -5.49
N LYS D 54 4.95 -24.30 -6.21
CA LYS D 54 5.07 -25.62 -6.85
C LYS D 54 5.36 -25.48 -8.35
N HIS D 55 6.19 -26.38 -8.90
CA HIS D 55 6.35 -26.60 -10.35
C HIS D 55 6.90 -25.32 -11.02
N ASN D 56 7.73 -24.56 -10.30
CA ASN D 56 8.44 -23.40 -10.87
C ASN D 56 9.71 -23.91 -11.55
N ARG D 57 10.27 -23.09 -12.41
CA ARG D 57 11.58 -23.35 -13.07
C ARG D 57 12.38 -22.04 -12.95
N ILE D 58 13.56 -22.12 -12.35
CA ILE D 58 14.48 -20.98 -12.16
C ILE D 58 15.82 -21.32 -12.82
N TYR D 59 16.21 -20.52 -13.81
CA TYR D 59 17.40 -20.75 -14.65
C TYR D 59 18.64 -20.12 -14.00
N GLN D 60 19.80 -20.63 -14.44
CA GLN D 60 21.18 -20.22 -14.05
C GLN D 60 21.38 -18.70 -13.99
N PHE D 61 22.17 -18.27 -13.01
CA PHE D 61 22.73 -16.90 -12.82
C PHE D 61 21.66 -15.97 -12.25
N SER D 62 20.47 -16.48 -11.92
CA SER D 62 19.40 -15.67 -11.28
C SER D 62 19.77 -15.43 -9.79
N SER D 63 19.38 -14.27 -9.27
CA SER D 63 19.45 -13.89 -7.86
C SER D 63 18.02 -13.62 -7.39
N VAL D 64 17.42 -14.57 -6.67
CA VAL D 64 15.99 -14.50 -6.25
C VAL D 64 15.92 -14.36 -4.72
N GLY D 65 15.43 -13.21 -4.24
CA GLY D 65 15.27 -12.89 -2.81
C GLY D 65 16.43 -12.11 -2.23
N GLU D 66 17.27 -11.47 -3.06
CA GLU D 66 18.31 -10.53 -2.58
C GLU D 66 17.65 -9.31 -1.94
N ASP D 67 18.42 -8.61 -1.12
CA ASP D 67 18.09 -7.28 -0.54
C ASP D 67 18.18 -6.26 -1.66
N THR D 68 17.27 -5.28 -1.67
CA THR D 68 17.38 -4.17 -2.64
C THR D 68 18.64 -3.36 -2.28
N PRO D 69 19.32 -2.75 -3.25
CA PRO D 69 20.43 -1.87 -2.93
C PRO D 69 19.89 -0.49 -2.53
N ASP D 70 18.59 -0.27 -2.76
CA ASP D 70 17.93 1.03 -2.48
C ASP D 70 18.63 1.85 -1.41
N LEU D 71 18.56 1.44 -0.15
CA LEU D 71 19.10 2.34 0.91
C LEU D 71 20.26 1.66 1.61
N LYS D 72 20.60 2.15 2.81
CA LYS D 72 21.79 1.59 3.50
C LYS D 72 21.34 0.62 4.58
N TYR D 73 20.17 0.86 5.19
CA TYR D 73 19.76 0.04 6.35
C TYR D 73 18.64 -0.93 5.95
N LYS D 74 18.95 -2.21 5.84
CA LYS D 74 17.93 -3.26 5.61
C LYS D 74 16.90 -3.15 6.74
N GLY D 75 15.67 -2.79 6.41
CA GLY D 75 14.52 -3.19 7.23
C GLY D 75 14.55 -4.69 7.36
N GLU D 76 14.03 -5.25 8.45
CA GLU D 76 13.88 -6.73 8.59
C GLU D 76 12.77 -7.02 9.61
N PRO D 77 11.92 -8.03 9.38
CA PRO D 77 12.01 -8.91 8.21
C PRO D 77 11.33 -8.31 6.97
N THR D 78 11.85 -8.60 5.76
CA THR D 78 11.11 -8.37 4.48
C THR D 78 11.16 -9.66 3.66
N ARG D 79 10.11 -9.89 2.87
CA ARG D 79 9.81 -11.21 2.28
C ARG D 79 9.71 -11.14 0.76
N LEU D 80 9.80 -12.32 0.16
CA LEU D 80 9.44 -12.57 -1.26
C LEU D 80 8.55 -13.81 -1.29
N VAL D 81 7.42 -13.71 -1.96
CA VAL D 81 6.48 -14.84 -2.18
C VAL D 81 6.31 -15.02 -3.69
N ILE D 82 6.62 -16.22 -4.18
CA ILE D 82 6.41 -16.65 -5.59
C ILE D 82 5.43 -17.82 -5.57
N GLY D 83 4.42 -17.77 -6.45
CA GLY D 83 3.36 -18.79 -6.54
C GLY D 83 3.84 -20.02 -7.31
N ASP D 84 2.98 -20.54 -8.18
CA ASP D 84 3.10 -21.85 -8.87
C ASP D 84 3.28 -21.65 -10.38
N HIS D 85 4.05 -22.54 -11.02
CA HIS D 85 4.10 -22.73 -12.49
C HIS D 85 4.71 -21.51 -13.18
N ASN D 86 5.63 -20.81 -12.49
CA ASN D 86 6.38 -19.66 -13.05
C ASN D 86 7.67 -20.17 -13.68
N VAL D 87 8.11 -19.47 -14.71
CA VAL D 87 9.40 -19.69 -15.40
C VAL D 87 10.17 -18.39 -15.23
N ILE D 88 11.32 -18.48 -14.56
CA ILE D 88 12.26 -17.36 -14.33
C ILE D 88 13.54 -17.72 -15.08
N ARG D 89 13.87 -16.94 -16.12
CA ARG D 89 14.95 -17.27 -17.09
C ARG D 89 16.29 -16.78 -16.55
N GLU D 90 17.31 -16.84 -17.39
CA GLU D 90 18.73 -16.61 -17.05
C GLU D 90 18.92 -15.20 -16.45
N GLY D 91 19.62 -15.12 -15.32
CA GLY D 91 20.15 -13.86 -14.78
C GLY D 91 19.05 -12.91 -14.29
N VAL D 92 17.84 -13.42 -14.02
CA VAL D 92 16.73 -12.58 -13.48
C VAL D 92 17.09 -12.17 -12.05
N THR D 93 16.81 -10.91 -11.67
CA THR D 93 16.99 -10.40 -10.29
C THR D 93 15.61 -10.11 -9.71
N ILE D 94 15.36 -10.63 -8.50
CA ILE D 94 14.09 -10.42 -7.76
C ILE D 94 14.45 -10.02 -6.33
N HIS D 95 14.15 -8.79 -5.94
CA HIS D 95 14.45 -8.24 -4.61
C HIS D 95 13.23 -8.45 -3.70
N ARG D 96 13.49 -8.70 -2.42
CA ARG D 96 12.46 -8.77 -1.36
C ARG D 96 11.92 -7.35 -1.15
N GLY D 97 10.90 -7.22 -0.32
CA GLY D 97 10.25 -5.93 -0.01
C GLY D 97 11.05 -5.06 0.96
N THR D 98 10.49 -3.91 1.30
CA THR D 98 11.08 -2.94 2.25
C THR D 98 10.06 -2.64 3.36
N VAL D 99 10.55 -2.43 4.57
CA VAL D 99 9.73 -2.15 5.78
C VAL D 99 9.00 -0.81 5.59
N GLN D 100 9.55 0.09 4.78
CA GLN D 100 8.89 1.37 4.40
C GLN D 100 7.46 1.05 3.94
N ASP D 101 7.34 0.29 2.84
CA ASP D 101 6.10 0.07 2.05
C ASP D 101 5.43 -1.25 2.47
N ARG D 102 5.44 -2.28 1.61
CA ARG D 102 4.62 -3.52 1.75
C ARG D 102 5.34 -4.60 2.58
N ALA D 103 6.67 -4.51 2.71
CA ALA D 103 7.56 -5.53 3.34
C ALA D 103 7.53 -6.87 2.58
N GLU D 104 7.00 -6.89 1.35
CA GLU D 104 6.85 -8.16 0.56
C GLU D 104 6.89 -7.82 -0.92
N THR D 105 7.71 -8.56 -1.68
CA THR D 105 7.60 -8.68 -3.15
C THR D 105 6.79 -9.96 -3.43
N THR D 106 5.76 -9.87 -4.28
CA THR D 106 4.76 -10.94 -4.51
C THR D 106 4.66 -11.24 -6.00
N ILE D 107 4.76 -12.52 -6.37
CA ILE D 107 4.54 -13.04 -7.75
C ILE D 107 3.51 -14.16 -7.65
N GLY D 108 2.49 -14.12 -8.51
CA GLY D 108 1.40 -15.12 -8.61
C GLY D 108 1.84 -16.37 -9.38
N ASP D 109 0.99 -16.88 -10.26
CA ASP D 109 1.14 -18.20 -10.93
C ASP D 109 1.27 -18.03 -12.44
N HIS D 110 1.95 -18.96 -13.12
CA HIS D 110 1.95 -19.07 -14.59
C HIS D 110 2.60 -17.84 -15.25
N ASN D 111 3.57 -17.22 -14.60
CA ASN D 111 4.27 -16.03 -15.18
C ASN D 111 5.51 -16.53 -15.95
N LEU D 112 5.88 -15.81 -17.00
CA LEU D 112 7.15 -16.01 -17.73
C LEU D 112 7.96 -14.73 -17.57
N ILE D 113 9.09 -14.82 -16.88
CA ILE D 113 10.03 -13.71 -16.61
C ILE D 113 11.33 -14.06 -17.31
N MET D 114 11.60 -13.37 -18.42
CA MET D 114 12.64 -13.73 -19.38
C MET D 114 13.95 -13.11 -18.92
N ALA D 115 15.04 -13.40 -19.63
CA ALA D 115 16.43 -13.25 -19.17
C ALA D 115 16.72 -11.83 -18.70
N TYR D 116 17.35 -11.67 -17.53
CA TYR D 116 17.91 -10.40 -17.01
C TYR D 116 16.82 -9.37 -16.75
N ALA D 117 15.55 -9.79 -16.73
CA ALA D 117 14.43 -8.98 -16.22
C ALA D 117 14.69 -8.70 -14.73
N HIS D 118 14.23 -7.53 -14.25
CA HIS D 118 14.44 -7.07 -12.86
C HIS D 118 13.06 -6.78 -12.21
N ILE D 119 12.79 -7.41 -11.09
CA ILE D 119 11.55 -7.19 -10.27
C ILE D 119 11.99 -6.54 -8.95
N GLY D 120 11.77 -5.23 -8.85
CA GLY D 120 12.23 -4.41 -7.72
C GLY D 120 11.39 -4.60 -6.46
N HIS D 121 12.00 -4.23 -5.32
CA HIS D 121 11.37 -4.30 -3.96
C HIS D 121 9.91 -3.87 -4.01
N ASP D 122 9.04 -4.67 -3.37
CA ASP D 122 7.62 -4.31 -3.10
C ASP D 122 6.76 -4.42 -4.36
N SER D 123 7.28 -4.98 -5.44
CA SER D 123 6.48 -5.13 -6.69
C SER D 123 5.52 -6.30 -6.49
N VAL D 124 4.40 -6.27 -7.20
CA VAL D 124 3.33 -7.31 -7.13
C VAL D 124 3.03 -7.74 -8.57
N ILE D 125 3.29 -8.99 -8.90
CA ILE D 125 2.92 -9.57 -10.23
C ILE D 125 1.77 -10.56 -9.99
N GLY D 126 0.70 -10.41 -10.75
CA GLY D 126 -0.43 -11.35 -10.74
C GLY D 126 -0.08 -12.65 -11.45
N ASN D 127 -0.92 -13.06 -12.37
CA ASN D 127 -0.94 -14.41 -13.00
C ASN D 127 -0.87 -14.24 -14.52
N HIS D 128 -0.15 -15.13 -15.19
CA HIS D 128 -0.12 -15.29 -16.67
C HIS D 128 0.52 -14.06 -17.36
N CYS D 129 1.39 -13.34 -16.65
CA CYS D 129 2.12 -12.18 -17.22
C CYS D 129 3.37 -12.66 -17.95
N ILE D 130 3.82 -11.88 -18.91
CA ILE D 130 5.08 -12.09 -19.66
C ILE D 130 5.91 -10.82 -19.55
N LEU D 131 7.05 -10.91 -18.85
CA LEU D 131 8.11 -9.88 -18.81
C LEU D 131 9.24 -10.35 -19.74
N VAL D 132 9.40 -9.66 -20.86
CA VAL D 132 10.40 -10.00 -21.91
C VAL D 132 11.75 -9.49 -21.42
N ASN D 133 12.81 -10.05 -22.00
CA ASN D 133 14.24 -9.77 -21.66
C ASN D 133 14.43 -8.36 -21.11
N ASN D 134 15.08 -8.27 -19.95
CA ASN D 134 15.63 -7.02 -19.37
C ASN D 134 14.51 -6.01 -19.06
N THR D 135 13.26 -6.44 -18.96
CA THR D 135 12.16 -5.62 -18.39
C THR D 135 12.56 -5.30 -16.94
N ALA D 136 12.46 -4.03 -16.55
CA ALA D 136 12.91 -3.58 -15.20
C ALA D 136 11.77 -2.81 -14.53
N LEU D 137 11.24 -3.38 -13.45
CA LEU D 137 10.27 -2.75 -12.51
C LEU D 137 11.08 -2.14 -11.36
N ALA D 138 11.16 -0.81 -11.26
CA ALA D 138 12.07 -0.10 -10.32
C ALA D 138 11.71 -0.43 -8.86
N GLY D 139 10.41 -0.49 -8.55
CA GLY D 139 9.95 -0.80 -7.19
C GLY D 139 8.50 -0.43 -7.02
N HIS D 140 7.80 -1.14 -6.13
CA HIS D 140 6.36 -0.90 -5.86
C HIS D 140 5.54 -0.90 -7.16
N VAL D 141 5.94 -1.70 -8.13
CA VAL D 141 5.15 -1.78 -9.41
C VAL D 141 4.14 -2.91 -9.29
N HIS D 142 2.90 -2.67 -9.71
CA HIS D 142 1.81 -3.69 -9.75
C HIS D 142 1.56 -4.02 -11.22
N VAL D 143 1.79 -5.29 -11.60
CA VAL D 143 1.44 -5.86 -12.94
C VAL D 143 0.28 -6.83 -12.73
N ASP D 144 -0.87 -6.51 -13.34
CA ASP D 144 -2.10 -7.32 -13.20
C ASP D 144 -2.09 -8.41 -14.28
N ASP D 145 -3.05 -9.34 -14.23
CA ASP D 145 -3.07 -10.62 -14.99
C ASP D 145 -2.93 -10.38 -16.49
N TRP D 146 -2.16 -11.24 -17.17
CA TRP D 146 -2.06 -11.36 -18.65
C TRP D 146 -1.32 -10.17 -19.29
N ALA D 147 -0.80 -9.24 -18.51
CA ALA D 147 -0.02 -8.10 -19.04
C ALA D 147 1.23 -8.64 -19.75
N ILE D 148 1.63 -7.99 -20.84
CA ILE D 148 2.88 -8.29 -21.58
C ILE D 148 3.72 -7.01 -21.62
N LEU D 149 4.93 -7.06 -21.07
CA LEU D 149 5.92 -5.98 -21.17
C LEU D 149 7.04 -6.49 -22.07
N SER D 150 7.20 -5.89 -23.25
CA SER D 150 8.15 -6.31 -24.30
C SER D 150 9.57 -6.00 -23.84
N GLY D 151 10.58 -6.46 -24.60
CA GLY D 151 11.99 -6.39 -24.23
C GLY D 151 12.37 -4.99 -23.79
N TYR D 152 13.05 -4.87 -22.65
CA TYR D 152 13.71 -3.63 -22.21
C TYR D 152 12.65 -2.57 -21.87
N THR D 153 11.45 -2.98 -21.44
CA THR D 153 10.44 -2.04 -20.88
C THR D 153 10.94 -1.61 -19.50
N LEU D 154 11.07 -0.31 -19.29
CA LEU D 154 11.43 0.28 -17.97
C LEU D 154 10.14 0.85 -17.33
N VAL D 155 9.88 0.48 -16.08
CA VAL D 155 8.67 0.95 -15.34
C VAL D 155 9.14 1.71 -14.09
N HIS D 156 8.70 2.97 -14.02
CA HIS D 156 9.00 3.81 -12.85
C HIS D 156 8.27 3.28 -11.63
N GLN D 157 8.82 3.56 -10.46
CA GLN D 157 8.24 3.09 -9.18
C GLN D 157 6.78 3.52 -9.03
N TYR D 158 5.98 2.66 -8.41
CA TYR D 158 4.55 2.89 -8.08
C TYR D 158 3.63 2.77 -9.29
N CYS D 159 4.14 2.58 -10.50
CA CYS D 159 3.25 2.47 -11.69
C CYS D 159 2.46 1.18 -11.63
N ARG D 160 1.22 1.22 -12.09
CA ARG D 160 0.31 0.07 -12.24
C ARG D 160 0.25 -0.27 -13.72
N ILE D 161 0.47 -1.55 -14.04
CA ILE D 161 0.30 -2.14 -15.41
C ILE D 161 -1.00 -2.94 -15.42
N GLY D 162 -1.99 -2.47 -16.17
CA GLY D 162 -3.35 -3.04 -16.15
C GLY D 162 -3.40 -4.43 -16.79
N ALA D 163 -4.42 -5.20 -16.46
CA ALA D 163 -4.67 -6.55 -16.98
C ALA D 163 -4.71 -6.49 -18.51
N HIS D 164 -4.08 -7.46 -19.20
CA HIS D 164 -4.10 -7.63 -20.68
C HIS D 164 -3.48 -6.44 -21.42
N SER D 165 -2.76 -5.55 -20.74
CA SER D 165 -2.09 -4.40 -21.39
C SER D 165 -0.83 -4.89 -22.12
N PHE D 166 -0.20 -4.02 -22.89
CA PHE D 166 0.93 -4.38 -23.77
C PHE D 166 1.85 -3.17 -23.90
N SER D 167 3.12 -3.36 -23.60
CA SER D 167 4.18 -2.34 -23.85
C SER D 167 5.04 -2.80 -25.04
N GLY D 168 5.38 -1.88 -25.94
CA GLY D 168 6.29 -2.15 -27.05
C GLY D 168 7.72 -2.11 -26.55
N MET D 169 8.64 -2.58 -27.38
CA MET D 169 10.08 -2.71 -27.06
C MET D 169 10.63 -1.36 -26.59
N GLY D 170 11.42 -1.38 -25.53
CA GLY D 170 12.16 -0.19 -25.05
C GLY D 170 11.24 0.88 -24.50
N SER D 171 9.97 0.57 -24.23
CA SER D 171 9.00 1.49 -23.60
C SER D 171 9.52 1.92 -22.24
N ALA D 172 9.35 3.19 -21.89
CA ALA D 172 9.71 3.74 -20.56
C ALA D 172 8.42 4.30 -19.94
N ILE D 173 7.83 3.56 -19.01
CA ILE D 173 6.47 3.83 -18.46
C ILE D 173 6.63 4.65 -17.17
N GLY D 174 6.00 5.83 -17.13
CA GLY D 174 6.05 6.76 -15.98
C GLY D 174 4.69 6.96 -15.35
N LYS D 175 3.63 6.54 -16.03
CA LYS D 175 2.23 6.69 -15.56
C LYS D 175 1.51 5.33 -15.70
N ASP D 176 0.47 5.12 -14.91
CA ASP D 176 -0.32 3.86 -14.92
C ASP D 176 -0.73 3.57 -16.36
N VAL D 177 -0.72 2.28 -16.72
CA VAL D 177 -1.19 1.80 -18.04
C VAL D 177 -2.54 1.11 -17.78
N PRO D 178 -3.66 1.66 -18.29
CA PRO D 178 -4.94 0.98 -18.15
C PRO D 178 -4.92 -0.45 -18.72
N ALA D 179 -5.81 -1.29 -18.20
CA ALA D 179 -6.06 -2.64 -18.74
C ALA D 179 -6.29 -2.51 -20.25
N TYR D 180 -5.73 -3.44 -21.01
CA TYR D 180 -5.93 -3.67 -22.47
C TYR D 180 -5.13 -2.67 -23.32
N VAL D 181 -4.57 -1.61 -22.75
CA VAL D 181 -3.98 -0.49 -23.55
C VAL D 181 -2.58 -0.89 -24.03
N THR D 182 -2.27 -0.55 -25.28
CA THR D 182 -0.94 -0.66 -25.92
C THR D 182 -0.21 0.68 -25.73
N VAL D 183 1.01 0.65 -25.19
CA VAL D 183 1.90 1.82 -25.03
C VAL D 183 3.26 1.51 -25.68
N PHE D 184 3.86 2.54 -26.30
CA PHE D 184 5.17 2.50 -26.99
C PHE D 184 5.94 3.79 -26.68
N GLY D 185 7.27 3.71 -26.63
CA GLY D 185 8.16 4.88 -26.58
C GLY D 185 8.70 5.20 -25.20
N ASN D 186 9.72 6.05 -25.18
CA ASN D 186 10.28 6.74 -23.99
C ASN D 186 10.15 8.24 -24.23
N PRO D 187 9.21 8.96 -23.56
CA PRO D 187 8.22 8.35 -22.66
C PRO D 187 7.08 7.60 -23.38
N ALA D 188 6.46 6.64 -22.69
CA ALA D 188 5.37 5.80 -23.24
C ALA D 188 4.17 6.67 -23.61
N GLU D 189 3.53 6.36 -24.73
CA GLU D 189 2.28 6.98 -25.18
C GLU D 189 1.32 5.83 -25.51
N ALA D 190 0.07 5.96 -25.06
CA ALA D 190 -1.04 5.04 -25.41
C ALA D 190 -1.20 5.11 -26.92
N ARG D 191 -1.35 3.97 -27.58
CA ARG D 191 -1.61 3.94 -29.04
C ARG D 191 -2.97 3.30 -29.32
N SER D 192 -3.28 2.16 -28.70
CA SER D 192 -4.48 1.37 -29.04
C SER D 192 -4.81 0.40 -27.91
N MET D 193 -5.56 -0.66 -28.24
CA MET D 193 -5.89 -1.75 -27.31
C MET D 193 -5.36 -3.08 -27.84
N ASN D 194 -5.06 -3.99 -26.92
CA ASN D 194 -4.45 -5.33 -27.15
C ASN D 194 -5.54 -6.28 -27.67
N PHE D 195 -6.09 -6.00 -28.86
CA PHE D 195 -7.24 -6.74 -29.45
C PHE D 195 -6.87 -8.21 -29.67
N GLU D 196 -5.66 -8.45 -30.20
CA GLU D 196 -5.13 -9.82 -30.46
C GLU D 196 -5.17 -10.59 -29.13
N GLY D 197 -4.62 -9.98 -28.08
CA GLY D 197 -4.80 -10.47 -26.69
C GLY D 197 -6.23 -10.93 -26.44
N MET D 198 -7.22 -10.04 -26.56
CA MET D 198 -8.64 -10.34 -26.21
C MET D 198 -9.10 -11.59 -26.98
N ARG D 199 -8.82 -11.65 -28.29
CA ARG D 199 -9.18 -12.79 -29.17
C ARG D 199 -8.63 -14.10 -28.56
N ARG D 200 -7.32 -14.13 -28.29
CA ARG D 200 -6.60 -15.37 -27.88
C ARG D 200 -6.99 -15.78 -26.45
N ARG D 201 -7.56 -14.88 -25.66
CA ARG D 201 -8.09 -15.22 -24.31
C ARG D 201 -9.62 -15.41 -24.43
N GLY D 202 -10.15 -15.39 -25.65
CA GLY D 202 -11.50 -15.86 -26.01
C GLY D 202 -12.62 -14.89 -25.65
N PHE D 203 -12.40 -13.58 -25.76
CA PHE D 203 -13.45 -12.54 -25.57
C PHE D 203 -14.47 -12.64 -26.71
N SER D 204 -15.75 -12.42 -26.41
CA SER D 204 -16.84 -12.27 -27.42
C SER D 204 -16.61 -10.97 -28.21
N SER D 205 -17.14 -10.91 -29.44
CA SER D 205 -17.16 -9.70 -30.31
C SER D 205 -17.77 -8.52 -29.56
N GLU D 206 -18.87 -8.76 -28.86
CA GLU D 206 -19.62 -7.72 -28.14
C GLU D 206 -18.70 -7.05 -27.10
N ALA D 207 -17.91 -7.85 -26.37
CA ALA D 207 -16.96 -7.37 -25.34
C ALA D 207 -15.85 -6.54 -26.02
N ILE D 208 -15.28 -7.06 -27.09
CA ILE D 208 -14.19 -6.42 -27.88
C ILE D 208 -14.70 -5.05 -28.36
N HIS D 209 -15.85 -5.04 -29.03
CA HIS D 209 -16.46 -3.81 -29.62
C HIS D 209 -16.72 -2.81 -28.49
N ALA D 210 -17.20 -3.26 -27.33
CA ALA D 210 -17.45 -2.43 -26.15
C ALA D 210 -16.12 -1.88 -25.59
N LEU D 211 -15.05 -2.66 -25.65
CA LEU D 211 -13.74 -2.19 -25.11
C LEU D 211 -13.18 -1.12 -26.06
N ARG D 212 -13.35 -1.30 -27.37
CA ARG D 212 -12.91 -0.34 -28.40
C ARG D 212 -13.62 1.00 -28.17
N ARG D 213 -14.95 0.96 -27.93
CA ARG D 213 -15.78 2.16 -27.67
C ARG D 213 -15.36 2.76 -26.33
N ALA D 214 -15.01 1.94 -25.33
CA ALA D 214 -14.49 2.41 -24.02
C ALA D 214 -13.15 3.13 -24.24
N TYR D 215 -12.26 2.59 -25.08
CA TYR D 215 -10.96 3.23 -25.38
C TYR D 215 -11.20 4.68 -25.85
N LYS D 216 -12.02 4.84 -26.89
CA LYS D 216 -12.37 6.15 -27.51
C LYS D 216 -12.96 7.09 -26.45
N VAL D 217 -13.88 6.61 -25.59
CA VAL D 217 -14.51 7.46 -24.54
C VAL D 217 -13.40 8.10 -23.70
N VAL D 218 -12.31 7.39 -23.44
CA VAL D 218 -11.26 7.83 -22.47
C VAL D 218 -10.27 8.76 -23.20
N TYR D 219 -9.89 8.44 -24.44
CA TYR D 219 -8.64 8.92 -25.09
C TYR D 219 -8.90 9.86 -26.27
N ARG D 220 -10.07 9.74 -26.93
CA ARG D 220 -10.32 10.28 -28.29
C ARG D 220 -11.58 11.16 -28.36
N GLN D 221 -12.12 11.61 -27.22
CA GLN D 221 -13.45 12.30 -27.20
C GLN D 221 -13.43 13.50 -26.24
N GLY D 222 -12.30 13.81 -25.61
CA GLY D 222 -12.06 15.07 -24.88
C GLY D 222 -12.44 15.02 -23.40
N HIS D 223 -13.15 13.97 -22.95
CA HIS D 223 -13.65 13.84 -21.56
C HIS D 223 -12.48 13.95 -20.58
N THR D 224 -12.72 14.52 -19.39
CA THR D 224 -11.81 14.37 -18.22
C THR D 224 -11.89 12.91 -17.73
N VAL D 225 -10.94 12.51 -16.87
CA VAL D 225 -10.89 11.15 -16.23
C VAL D 225 -12.18 10.93 -15.44
N GLU D 226 -12.46 11.82 -14.48
CA GLU D 226 -13.68 11.80 -13.61
C GLU D 226 -14.92 11.63 -14.51
N GLU D 227 -15.00 12.36 -15.63
CA GLU D 227 -16.14 12.31 -16.59
C GLU D 227 -16.16 11.00 -17.35
N ALA D 228 -15.01 10.60 -17.94
CA ALA D 228 -14.82 9.36 -18.72
C ALA D 228 -15.40 8.17 -17.93
N LEU D 229 -15.05 8.07 -16.64
CA LEU D 229 -15.45 6.98 -15.70
C LEU D 229 -16.97 7.01 -15.47
N ALA D 230 -17.53 8.17 -15.14
CA ALA D 230 -19.00 8.40 -15.07
C ALA D 230 -19.63 7.86 -16.36
N GLU D 231 -19.03 8.09 -17.54
CA GLU D 231 -19.64 7.62 -18.82
C GLU D 231 -19.50 6.10 -18.96
N LEU D 232 -18.49 5.48 -18.31
CA LEU D 232 -18.21 4.03 -18.52
C LEU D 232 -19.00 3.16 -17.53
N ALA D 233 -19.70 3.77 -16.56
CA ALA D 233 -20.50 3.07 -15.53
C ALA D 233 -21.45 2.06 -16.20
N GLU D 234 -22.13 2.52 -17.25
CA GLU D 234 -23.14 1.73 -18.00
C GLU D 234 -22.46 0.50 -18.58
N SER D 235 -21.58 0.66 -19.56
CA SER D 235 -20.84 -0.44 -20.23
C SER D 235 -20.17 -1.37 -19.19
N ALA D 236 -19.57 -0.81 -18.15
CA ALA D 236 -18.88 -1.56 -17.05
C ALA D 236 -19.86 -2.55 -16.41
N ALA D 237 -21.05 -2.09 -16.02
CA ALA D 237 -22.10 -2.92 -15.39
C ALA D 237 -22.58 -4.01 -16.36
N GLN D 238 -22.54 -3.73 -17.67
CA GLN D 238 -22.97 -4.71 -18.71
C GLN D 238 -21.89 -5.76 -19.00
N PHE D 239 -20.64 -5.35 -19.24
CA PHE D 239 -19.51 -6.25 -19.60
C PHE D 239 -18.44 -6.21 -18.51
N PRO D 240 -18.16 -7.33 -17.80
CA PRO D 240 -17.10 -7.35 -16.78
C PRO D 240 -15.74 -7.02 -17.40
N GLU D 241 -15.59 -7.30 -18.70
CA GLU D 241 -14.38 -6.97 -19.50
C GLU D 241 -14.15 -5.47 -19.46
N VAL D 242 -15.21 -4.69 -19.72
CA VAL D 242 -15.20 -3.20 -19.71
C VAL D 242 -14.97 -2.72 -18.27
N ALA D 243 -15.51 -3.42 -17.27
CA ALA D 243 -15.36 -3.03 -15.85
C ALA D 243 -13.87 -3.13 -15.44
N VAL D 244 -13.15 -4.10 -16.00
CA VAL D 244 -11.70 -4.25 -15.72
C VAL D 244 -11.01 -2.94 -16.15
N PHE D 245 -11.36 -2.43 -17.33
CA PHE D 245 -10.83 -1.15 -17.91
C PHE D 245 -11.15 0.02 -16.96
N ARG D 246 -12.43 0.25 -16.70
CA ARG D 246 -12.95 1.32 -15.78
C ARG D 246 -12.19 1.25 -14.45
N ASP D 247 -12.10 0.06 -13.84
CA ASP D 247 -11.45 -0.14 -12.52
C ASP D 247 -9.98 0.30 -12.58
N SER D 248 -9.27 0.02 -13.69
CA SER D 248 -7.83 0.35 -13.84
C SER D 248 -7.63 1.87 -13.91
N ILE D 249 -8.55 2.57 -14.58
CA ILE D 249 -8.53 4.07 -14.69
C ILE D 249 -8.91 4.68 -13.33
N GLN D 250 -9.90 4.12 -12.62
CA GLN D 250 -10.30 4.59 -11.27
C GLN D 250 -9.11 4.51 -10.32
N SER D 251 -8.37 3.38 -10.31
CA SER D 251 -7.27 3.14 -9.35
C SER D 251 -6.02 3.96 -9.75
N ALA D 252 -6.10 4.75 -10.82
CA ALA D 252 -4.97 5.54 -11.38
C ALA D 252 -5.06 6.98 -10.91
N THR D 253 -5.05 7.18 -9.59
CA THR D 253 -5.19 8.50 -8.93
C THR D 253 -4.07 9.44 -9.40
N ARG D 254 -2.85 8.92 -9.56
CA ARG D 254 -1.70 9.75 -10.02
C ARG D 254 -1.70 9.87 -11.55
N GLY D 255 -2.82 9.57 -12.22
CA GLY D 255 -3.00 9.82 -13.66
C GLY D 255 -2.50 8.68 -14.53
N ILE D 256 -2.99 8.60 -15.77
CA ILE D 256 -2.86 7.46 -16.72
C ILE D 256 -1.93 7.83 -17.87
N THR D 257 -1.23 6.85 -18.44
CA THR D 257 -0.42 7.01 -19.67
C THR D 257 -1.33 7.50 -20.80
N ARG D 258 -0.99 8.64 -21.41
CA ARG D 258 -1.74 9.26 -22.53
C ARG D 258 -0.98 9.07 -23.85
N SER E 2 34.76 -20.81 7.08
CA SER E 2 36.05 -20.09 6.80
C SER E 2 35.78 -18.83 5.96
N LEU E 3 36.66 -17.83 6.03
CA LEU E 3 36.55 -16.53 5.32
C LEU E 3 36.82 -16.71 3.82
N ILE E 4 37.88 -17.44 3.46
CA ILE E 4 38.18 -17.83 2.05
C ILE E 4 37.64 -19.24 1.83
N ASP E 5 36.41 -19.36 1.28
CA ASP E 5 35.70 -20.64 1.08
C ASP E 5 36.63 -21.58 0.32
N PRO E 6 36.68 -22.89 0.68
CA PRO E 6 37.58 -23.84 0.01
C PRO E 6 37.26 -24.11 -1.47
N ARG E 7 36.04 -23.80 -1.93
CA ARG E 7 35.63 -23.99 -3.35
C ARG E 7 36.03 -22.76 -4.19
N ALA E 8 36.64 -21.73 -3.60
CA ALA E 8 37.19 -20.55 -4.32
C ALA E 8 38.56 -20.93 -4.89
N ILE E 9 38.98 -20.25 -5.97
CA ILE E 9 40.30 -20.44 -6.61
C ILE E 9 41.07 -19.13 -6.46
N ILE E 10 42.21 -19.18 -5.77
CA ILE E 10 43.11 -18.01 -5.49
C ILE E 10 44.44 -18.26 -6.20
N ASP E 11 44.84 -17.38 -7.11
CA ASP E 11 46.16 -17.46 -7.78
C ASP E 11 47.24 -17.24 -6.72
N PRO E 12 48.35 -18.01 -6.77
CA PRO E 12 49.53 -17.73 -5.94
C PRO E 12 49.94 -16.25 -5.95
N SER E 13 49.81 -15.58 -7.11
CA SER E 13 50.18 -14.16 -7.34
C SER E 13 49.27 -13.20 -6.55
N ALA E 14 48.04 -13.62 -6.22
CA ALA E 14 47.04 -12.80 -5.51
C ALA E 14 47.57 -12.39 -4.14
N ARG E 15 47.27 -11.16 -3.69
CA ARG E 15 47.65 -10.68 -2.34
C ARG E 15 46.37 -10.19 -1.63
N LEU E 16 45.77 -11.04 -0.78
CA LEU E 16 44.53 -10.71 -0.03
C LEU E 16 44.89 -10.35 1.41
N ALA E 17 44.30 -9.28 1.95
CA ALA E 17 44.27 -9.01 3.40
C ALA E 17 43.69 -10.25 4.11
N ALA E 18 43.87 -10.36 5.42
CA ALA E 18 43.75 -11.62 6.20
C ALA E 18 42.29 -11.86 6.60
N ASP E 19 41.46 -10.80 6.63
CA ASP E 19 40.02 -10.88 6.96
C ASP E 19 39.17 -10.86 5.67
N VAL E 20 39.79 -10.91 4.49
CA VAL E 20 39.08 -10.95 3.18
C VAL E 20 38.21 -12.22 3.14
N GLN E 21 36.91 -12.06 2.85
CA GLN E 21 35.95 -13.17 2.58
C GLN E 21 35.82 -13.37 1.07
N VAL E 22 35.94 -14.62 0.61
CA VAL E 22 35.73 -15.02 -0.81
C VAL E 22 34.71 -16.16 -0.81
N GLY E 23 33.56 -15.95 -1.44
CA GLY E 23 32.44 -16.91 -1.46
C GLY E 23 32.82 -18.13 -2.27
N PRO E 24 32.02 -19.21 -2.21
CA PRO E 24 32.29 -20.39 -3.03
C PRO E 24 32.24 -20.11 -4.56
N TRP E 25 33.12 -20.81 -5.28
CA TRP E 25 33.19 -20.88 -6.77
C TRP E 25 33.56 -19.50 -7.35
N SER E 26 34.35 -18.70 -6.61
CA SER E 26 34.90 -17.41 -7.10
C SER E 26 36.36 -17.61 -7.53
N ILE E 27 36.81 -16.83 -8.50
CA ILE E 27 38.20 -16.84 -9.02
C ILE E 27 38.83 -15.49 -8.72
N VAL E 28 39.88 -15.48 -7.91
CA VAL E 28 40.81 -14.32 -7.74
C VAL E 28 42.07 -14.66 -8.56
N GLY E 29 42.26 -14.01 -9.71
CA GLY E 29 43.34 -14.30 -10.67
C GLY E 29 44.67 -13.72 -10.21
N ALA E 30 45.70 -13.89 -11.04
CA ALA E 30 47.07 -13.38 -10.80
C ALA E 30 47.05 -11.84 -10.73
N GLU E 31 47.95 -11.27 -9.91
CA GLU E 31 48.18 -9.80 -9.81
C GLU E 31 46.86 -9.09 -9.44
N VAL E 32 45.97 -9.78 -8.72
CA VAL E 32 44.75 -9.17 -8.10
C VAL E 32 45.06 -8.95 -6.60
N GLU E 33 44.94 -7.71 -6.14
CA GLU E 33 45.11 -7.33 -4.71
C GLU E 33 43.73 -6.98 -4.13
N ILE E 34 43.43 -7.48 -2.93
CA ILE E 34 42.20 -7.13 -2.16
C ILE E 34 42.60 -6.68 -0.75
N GLY E 35 42.00 -5.58 -0.29
CA GLY E 35 42.28 -4.93 0.99
C GLY E 35 41.31 -5.39 2.06
N GLU E 36 41.62 -5.10 3.33
CA GLU E 36 40.95 -5.70 4.51
C GLU E 36 39.48 -5.29 4.54
N GLY E 37 38.64 -6.17 5.12
CA GLY E 37 37.19 -5.98 5.27
C GLY E 37 36.41 -6.25 3.98
N THR E 38 37.07 -6.48 2.86
CA THR E 38 36.40 -6.70 1.55
C THR E 38 35.75 -8.10 1.57
N VAL E 39 34.48 -8.17 1.16
CA VAL E 39 33.70 -9.42 0.95
C VAL E 39 33.46 -9.62 -0.56
N ILE E 40 34.11 -10.62 -1.14
CA ILE E 40 33.81 -11.16 -2.49
C ILE E 40 32.79 -12.30 -2.33
N GLY E 41 31.59 -12.10 -2.88
CA GLY E 41 30.46 -13.04 -2.85
C GLY E 41 30.80 -14.34 -3.59
N PRO E 42 29.81 -15.23 -3.80
CA PRO E 42 30.04 -16.44 -4.60
C PRO E 42 30.01 -16.07 -6.08
N HIS E 43 30.55 -16.92 -6.96
CA HIS E 43 30.42 -16.80 -8.44
C HIS E 43 30.97 -15.48 -8.98
N VAL E 44 32.05 -14.97 -8.39
CA VAL E 44 32.69 -13.68 -8.81
C VAL E 44 33.99 -14.01 -9.53
N VAL E 45 34.21 -13.38 -10.70
CA VAL E 45 35.50 -13.50 -11.43
C VAL E 45 36.26 -12.17 -11.29
N LEU E 46 37.46 -12.25 -10.70
CA LEU E 46 38.43 -11.11 -10.61
C LEU E 46 39.63 -11.43 -11.49
N LYS E 47 40.03 -10.46 -12.32
CA LYS E 47 41.18 -10.57 -13.24
C LYS E 47 42.05 -9.32 -13.02
N GLY E 48 43.38 -9.49 -13.01
CA GLY E 48 44.36 -8.41 -12.75
C GLY E 48 45.09 -8.02 -14.03
N PRO E 49 46.04 -7.05 -13.98
CA PRO E 49 46.42 -6.35 -12.75
C PRO E 49 45.32 -5.44 -12.17
N THR E 50 44.85 -5.73 -10.95
CA THR E 50 43.72 -5.05 -10.28
C THR E 50 44.05 -4.84 -8.80
N LYS E 51 43.84 -3.64 -8.28
CA LYS E 51 43.94 -3.35 -6.82
C LYS E 51 42.55 -2.98 -6.33
N ILE E 52 42.06 -3.71 -5.31
CA ILE E 52 40.73 -3.48 -4.65
C ILE E 52 41.00 -3.14 -3.18
N GLY E 53 40.39 -2.05 -2.69
CA GLY E 53 40.65 -1.48 -1.37
C GLY E 53 39.93 -2.22 -0.26
N LYS E 54 39.46 -1.47 0.74
CA LYS E 54 38.94 -1.96 2.03
C LYS E 54 37.42 -1.80 2.07
N HIS E 55 36.74 -2.73 2.74
CA HIS E 55 35.29 -2.67 3.09
C HIS E 55 34.43 -2.61 1.81
N ASN E 56 34.89 -3.27 0.74
CA ASN E 56 34.16 -3.35 -0.56
C ASN E 56 33.24 -4.57 -0.52
N ARG E 57 32.15 -4.56 -1.29
CA ARG E 57 31.25 -5.74 -1.44
C ARG E 57 31.00 -6.00 -2.93
N ILE E 58 31.34 -7.18 -3.43
CA ILE E 58 31.16 -7.54 -4.86
C ILE E 58 30.25 -8.77 -4.93
N TYR E 59 29.08 -8.59 -5.52
CA TYR E 59 27.99 -9.60 -5.60
C TYR E 59 28.24 -10.61 -6.73
N GLN E 60 27.56 -11.75 -6.62
CA GLN E 60 27.54 -12.90 -7.56
C GLN E 60 27.45 -12.44 -9.03
N PHE E 61 28.19 -13.13 -9.89
CA PHE E 61 28.09 -13.10 -11.37
C PHE E 61 28.79 -11.85 -11.92
N SER E 62 29.52 -11.12 -11.06
CA SER E 62 30.31 -9.94 -11.45
C SER E 62 31.63 -10.38 -12.08
N SER E 63 32.06 -9.68 -13.14
CA SER E 63 33.37 -9.86 -13.82
C SER E 63 34.14 -8.57 -13.67
N VAL E 64 35.10 -8.53 -12.73
CA VAL E 64 35.81 -7.29 -12.33
C VAL E 64 37.28 -7.42 -12.75
N GLY E 65 37.71 -6.59 -13.71
CA GLY E 65 39.10 -6.48 -14.17
C GLY E 65 39.35 -7.26 -15.46
N GLU E 66 38.32 -7.54 -16.25
CA GLU E 66 38.49 -8.24 -17.55
C GLU E 66 39.11 -7.25 -18.55
N ASP E 67 39.68 -7.77 -19.63
CA ASP E 67 40.12 -7.01 -20.83
C ASP E 67 38.88 -6.38 -21.48
N THR E 68 39.01 -5.14 -21.96
CA THR E 68 37.99 -4.56 -22.87
C THR E 68 37.94 -5.46 -24.09
N PRO E 69 36.75 -5.67 -24.71
CA PRO E 69 36.67 -6.23 -26.05
C PRO E 69 36.99 -5.22 -27.17
N ASP E 70 37.21 -3.94 -26.84
CA ASP E 70 37.62 -2.86 -27.78
C ASP E 70 38.87 -3.32 -28.54
N LEU E 71 38.82 -3.29 -29.88
CA LEU E 71 39.82 -3.92 -30.79
C LEU E 71 41.15 -3.16 -30.74
N LYS E 72 41.20 -1.97 -30.12
CA LYS E 72 42.45 -1.17 -29.96
C LYS E 72 43.30 -1.68 -28.79
N TYR E 73 42.75 -2.53 -27.91
CA TYR E 73 43.49 -3.18 -26.79
C TYR E 73 44.20 -4.43 -27.33
N LYS E 74 45.50 -4.59 -27.03
CA LYS E 74 46.38 -5.62 -27.63
C LYS E 74 47.02 -6.50 -26.52
N GLY E 75 46.30 -6.69 -25.40
CA GLY E 75 46.71 -7.57 -24.29
C GLY E 75 47.76 -6.95 -23.39
N GLU E 76 47.86 -5.61 -23.36
CA GLU E 76 48.88 -4.86 -22.54
C GLU E 76 48.54 -5.03 -21.06
N PRO E 77 49.54 -4.90 -20.15
CA PRO E 77 49.31 -5.12 -18.72
C PRO E 77 48.67 -3.90 -18.02
N THR E 78 47.55 -3.43 -18.57
CA THR E 78 46.76 -2.25 -18.09
C THR E 78 46.12 -2.61 -16.75
N ARG E 79 45.63 -1.61 -16.02
CA ARG E 79 45.24 -1.77 -14.59
C ARG E 79 43.75 -1.45 -14.37
N LEU E 80 43.21 -1.95 -13.26
CA LEU E 80 41.95 -1.46 -12.63
C LEU E 80 42.27 -1.18 -11.16
N VAL E 81 41.83 -0.02 -10.66
CA VAL E 81 41.99 0.40 -9.24
C VAL E 81 40.61 0.76 -8.72
N ILE E 82 40.17 0.08 -7.65
CA ILE E 82 38.91 0.36 -6.91
C ILE E 82 39.33 0.74 -5.49
N GLY E 83 38.66 1.74 -4.92
CA GLY E 83 38.94 2.24 -3.56
C GLY E 83 38.20 1.44 -2.51
N ASP E 84 37.61 2.15 -1.55
CA ASP E 84 37.10 1.60 -0.28
C ASP E 84 35.60 1.85 -0.22
N HIS E 85 34.87 0.96 0.46
CA HIS E 85 33.44 1.11 0.84
C HIS E 85 32.53 1.10 -0.40
N ASN E 86 32.96 0.48 -1.49
CA ASN E 86 32.16 0.35 -2.74
C ASN E 86 31.27 -0.89 -2.67
N VAL E 87 30.04 -0.78 -3.19
CA VAL E 87 29.10 -1.93 -3.35
C VAL E 87 28.87 -2.15 -4.85
N ILE E 88 29.35 -3.29 -5.34
CA ILE E 88 29.22 -3.73 -6.77
C ILE E 88 28.21 -4.89 -6.78
N ARG E 89 27.05 -4.67 -7.40
CA ARG E 89 25.89 -5.59 -7.33
C ARG E 89 25.99 -6.71 -8.40
N GLU E 90 24.92 -7.50 -8.54
CA GLU E 90 24.86 -8.74 -9.38
C GLU E 90 25.27 -8.43 -10.82
N GLY E 91 26.18 -9.22 -11.37
CA GLY E 91 26.49 -9.25 -12.81
C GLY E 91 27.12 -7.97 -13.36
N VAL E 92 27.74 -7.15 -12.52
CA VAL E 92 28.41 -5.89 -12.97
C VAL E 92 29.69 -6.30 -13.71
N THR E 93 29.99 -5.60 -14.82
CA THR E 93 31.24 -5.81 -15.60
C THR E 93 32.06 -4.53 -15.52
N ILE E 94 33.32 -4.67 -15.15
CA ILE E 94 34.33 -3.57 -15.08
C ILE E 94 35.57 -4.00 -15.84
N HIS E 95 35.91 -3.27 -16.91
CA HIS E 95 37.10 -3.52 -17.76
C HIS E 95 38.33 -2.71 -17.26
N ARG E 96 39.52 -3.29 -17.42
CA ARG E 96 40.81 -2.61 -17.17
C ARG E 96 41.06 -1.58 -18.28
N GLY E 97 42.08 -0.73 -18.14
CA GLY E 97 42.34 0.42 -19.03
C GLY E 97 43.01 0.03 -20.34
N THR E 98 43.49 1.03 -21.08
CA THR E 98 44.20 0.91 -22.37
C THR E 98 45.42 1.84 -22.34
N VAL E 99 46.53 1.45 -22.99
CA VAL E 99 47.79 2.27 -23.00
C VAL E 99 47.50 3.60 -23.70
N GLN E 100 46.55 3.60 -24.65
CA GLN E 100 46.12 4.78 -25.45
C GLN E 100 45.65 5.93 -24.54
N ASP E 101 45.48 5.68 -23.23
CA ASP E 101 45.07 6.71 -22.23
C ASP E 101 45.23 6.16 -20.81
N ARG E 102 46.36 6.43 -20.16
CA ARG E 102 46.58 6.31 -18.67
C ARG E 102 46.62 4.84 -18.23
N ALA E 103 46.19 3.88 -19.06
CA ALA E 103 46.34 2.42 -18.83
C ALA E 103 45.69 2.01 -17.50
N GLU E 104 44.64 2.72 -17.09
CA GLU E 104 43.94 2.47 -15.81
C GLU E 104 42.44 2.80 -15.91
N THR E 105 41.58 1.91 -15.41
CA THR E 105 40.18 2.21 -15.04
C THR E 105 40.20 2.47 -13.54
N THR E 106 39.55 3.54 -13.07
CA THR E 106 39.67 4.03 -11.67
C THR E 106 38.28 4.19 -11.05
N ILE E 107 38.06 3.63 -9.87
CA ILE E 107 36.84 3.83 -9.06
C ILE E 107 37.27 4.29 -7.67
N GLY E 108 36.62 5.35 -7.16
CA GLY E 108 36.93 5.93 -5.85
C GLY E 108 36.29 5.12 -4.75
N ASP E 109 35.60 5.80 -3.84
CA ASP E 109 35.14 5.27 -2.52
C ASP E 109 33.64 5.50 -2.40
N HIS E 110 32.93 4.61 -1.70
CA HIS E 110 31.49 4.81 -1.33
C HIS E 110 30.61 4.86 -2.59
N ASN E 111 31.03 4.21 -3.68
CA ASN E 111 30.20 4.13 -4.91
C ASN E 111 29.22 2.95 -4.80
N LEU E 112 28.01 3.14 -5.32
CA LEU E 112 26.99 2.07 -5.46
C LEU E 112 26.78 1.80 -6.96
N ILE E 113 27.19 0.62 -7.42
CA ILE E 113 27.10 0.21 -8.84
C ILE E 113 26.13 -0.97 -8.87
N MET E 114 24.89 -0.73 -9.33
CA MET E 114 23.77 -1.71 -9.23
C MET E 114 23.83 -2.72 -10.38
N ALA E 115 22.90 -3.68 -10.37
CA ALA E 115 22.98 -4.95 -11.15
C ALA E 115 23.21 -4.68 -12.65
N TYR E 116 24.16 -5.39 -13.23
CA TYR E 116 24.46 -5.46 -14.70
C TYR E 116 24.91 -4.09 -15.23
N ALA E 117 25.32 -3.16 -14.35
CA ALA E 117 25.96 -1.91 -14.79
C ALA E 117 27.28 -2.32 -15.43
N HIS E 118 27.77 -1.49 -16.35
CA HIS E 118 29.03 -1.74 -17.11
C HIS E 118 29.92 -0.51 -16.99
N ILE E 119 31.19 -0.72 -16.58
CA ILE E 119 32.24 0.34 -16.51
C ILE E 119 33.29 -0.02 -17.54
N GLY E 120 33.32 0.75 -18.63
CA GLY E 120 34.20 0.52 -19.78
C GLY E 120 35.62 0.95 -19.50
N HIS E 121 36.55 0.49 -20.33
CA HIS E 121 38.01 0.79 -20.23
C HIS E 121 38.24 2.28 -19.99
N ASP E 122 39.15 2.58 -19.05
CA ASP E 122 39.75 3.92 -18.80
C ASP E 122 38.71 4.89 -18.21
N SER E 123 37.54 4.39 -17.84
CA SER E 123 36.55 5.21 -17.11
C SER E 123 37.14 5.58 -15.74
N VAL E 124 36.73 6.72 -15.20
CA VAL E 124 37.13 7.23 -13.87
C VAL E 124 35.84 7.63 -13.17
N ILE E 125 35.50 6.90 -12.09
CA ILE E 125 34.34 7.21 -11.22
C ILE E 125 34.95 7.73 -9.91
N GLY E 126 34.43 8.85 -9.41
CA GLY E 126 34.94 9.46 -8.17
C GLY E 126 34.36 8.74 -6.99
N ASN E 127 33.60 9.49 -6.17
CA ASN E 127 33.20 9.07 -4.80
C ASN E 127 31.71 9.35 -4.66
N HIS E 128 30.98 8.46 -3.97
CA HIS E 128 29.54 8.59 -3.62
C HIS E 128 28.65 8.68 -4.87
N CYS E 129 29.09 8.08 -5.99
CA CYS E 129 28.28 8.02 -7.23
C CYS E 129 27.31 6.82 -7.14
N ILE E 130 26.15 6.92 -7.79
CA ILE E 130 25.17 5.81 -7.90
C ILE E 130 24.94 5.51 -9.40
N LEU E 131 25.30 4.31 -9.85
CA LEU E 131 25.00 3.77 -11.19
C LEU E 131 23.92 2.71 -11.00
N VAL E 132 22.69 3.04 -11.37
CA VAL E 132 21.48 2.19 -11.24
C VAL E 132 21.51 1.14 -12.36
N ASN E 133 20.74 0.08 -12.19
CA ASN E 133 20.75 -1.17 -13.01
C ASN E 133 21.04 -0.84 -14.48
N ASN E 134 22.02 -1.52 -15.06
CA ASN E 134 22.20 -1.59 -16.53
C ASN E 134 22.66 -0.23 -17.07
N THR E 135 23.18 0.66 -16.23
CA THR E 135 23.94 1.85 -16.65
C THR E 135 25.21 1.35 -17.35
N ALA E 136 25.52 1.88 -18.55
CA ALA E 136 26.66 1.47 -19.38
C ALA E 136 27.48 2.69 -19.78
N LEU E 137 28.75 2.71 -19.33
CA LEU E 137 29.75 3.73 -19.67
C LEU E 137 30.70 3.12 -20.72
N ALA E 138 30.63 3.58 -21.96
CA ALA E 138 31.33 2.97 -23.12
C ALA E 138 32.84 2.89 -22.85
N GLY E 139 33.42 3.97 -22.39
CA GLY E 139 34.88 4.05 -22.13
C GLY E 139 35.32 5.49 -21.96
N HIS E 140 36.41 5.71 -21.24
CA HIS E 140 36.99 7.05 -20.97
C HIS E 140 35.90 7.97 -20.43
N VAL E 141 34.95 7.45 -19.66
CA VAL E 141 33.87 8.28 -19.06
C VAL E 141 34.35 8.67 -17.66
N HIS E 142 34.28 9.97 -17.37
CA HIS E 142 34.64 10.59 -16.09
C HIS E 142 33.34 10.95 -15.39
N VAL E 143 33.00 10.26 -14.30
CA VAL E 143 31.79 10.51 -13.48
C VAL E 143 32.26 11.11 -12.16
N ASP E 144 31.98 12.40 -11.97
CA ASP E 144 32.43 13.17 -10.80
C ASP E 144 31.54 12.81 -9.60
N ASP E 145 31.96 13.25 -8.40
CA ASP E 145 31.43 12.82 -7.08
C ASP E 145 29.92 13.11 -7.01
N TRP E 146 29.15 12.19 -6.43
CA TRP E 146 27.70 12.35 -6.12
C TRP E 146 26.81 12.26 -7.38
N ALA E 147 27.38 12.05 -8.56
CA ALA E 147 26.59 11.83 -9.79
C ALA E 147 25.68 10.61 -9.59
N ILE E 148 24.40 10.74 -9.95
CA ILE E 148 23.40 9.64 -9.99
C ILE E 148 23.00 9.39 -11.44
N LEU E 149 23.27 8.19 -11.95
CA LEU E 149 22.81 7.72 -13.29
C LEU E 149 21.69 6.69 -13.09
N SER E 150 20.46 7.06 -13.47
CA SER E 150 19.25 6.21 -13.39
C SER E 150 19.34 4.99 -14.32
N GLY E 151 18.47 4.02 -14.09
CA GLY E 151 18.51 2.69 -14.73
C GLY E 151 18.65 2.82 -16.25
N TYR E 152 19.54 2.05 -16.84
CA TYR E 152 19.68 1.88 -18.30
C TYR E 152 20.14 3.21 -18.92
N THR E 153 20.90 4.01 -18.16
CA THR E 153 21.56 5.22 -18.69
C THR E 153 22.77 4.77 -19.47
N LEU E 154 22.85 5.21 -20.74
CA LEU E 154 23.93 4.88 -21.70
C LEU E 154 24.81 6.12 -21.86
N VAL E 155 26.11 5.95 -21.74
CA VAL E 155 27.08 7.08 -21.89
C VAL E 155 28.13 6.72 -22.94
N HIS E 156 28.23 7.58 -23.97
CA HIS E 156 29.25 7.47 -25.06
C HIS E 156 30.64 7.78 -24.48
N GLN E 157 31.64 7.39 -25.24
CA GLN E 157 33.03 7.57 -24.81
C GLN E 157 33.43 9.03 -24.66
N TYR E 158 34.23 9.33 -23.65
CA TYR E 158 34.89 10.65 -23.43
C TYR E 158 33.95 11.63 -22.72
N CYS E 159 32.68 11.28 -22.54
CA CYS E 159 31.70 12.16 -21.84
C CYS E 159 32.12 12.34 -20.38
N ARG E 160 32.03 13.58 -19.91
CA ARG E 160 32.22 13.96 -18.49
C ARG E 160 30.80 14.10 -17.89
N ILE E 161 30.52 13.39 -16.80
CA ILE E 161 29.25 13.54 -16.03
C ILE E 161 29.58 14.33 -14.77
N GLY E 162 29.03 15.54 -14.66
CA GLY E 162 29.42 16.50 -13.59
C GLY E 162 29.01 16.03 -12.20
N ALA E 163 29.65 16.59 -11.18
CA ALA E 163 29.34 16.36 -9.75
C ALA E 163 27.88 16.71 -9.49
N HIS E 164 27.17 15.87 -8.73
CA HIS E 164 25.75 16.04 -8.29
C HIS E 164 24.80 16.08 -9.50
N SER E 165 25.23 15.73 -10.71
CA SER E 165 24.34 15.65 -11.91
C SER E 165 23.43 14.41 -11.78
N PHE E 166 22.36 14.37 -12.56
CA PHE E 166 21.34 13.29 -12.52
C PHE E 166 20.86 12.99 -13.95
N SER E 167 20.82 11.72 -14.34
CA SER E 167 20.16 11.26 -15.59
C SER E 167 18.88 10.50 -15.24
N GLY E 168 17.79 10.75 -15.96
CA GLY E 168 16.55 9.96 -15.90
C GLY E 168 16.73 8.57 -16.53
N MET E 169 15.74 7.72 -16.32
CA MET E 169 15.73 6.31 -16.78
C MET E 169 15.86 6.28 -18.31
N GLY E 170 16.73 5.42 -18.85
CA GLY E 170 16.86 5.20 -20.31
C GLY E 170 17.45 6.41 -21.04
N SER E 171 18.16 7.31 -20.34
CA SER E 171 18.88 8.46 -20.94
C SER E 171 20.02 7.93 -21.81
N ALA E 172 20.29 8.59 -22.95
CA ALA E 172 21.46 8.29 -23.79
C ALA E 172 22.26 9.60 -23.92
N ILE E 173 23.41 9.66 -23.22
CA ILE E 173 24.23 10.88 -23.05
C ILE E 173 25.34 10.83 -24.11
N GLY E 174 25.41 11.87 -24.94
CA GLY E 174 26.38 12.00 -26.04
C GLY E 174 27.29 13.20 -25.86
N LYS E 175 27.01 14.09 -24.90
CA LYS E 175 27.86 15.26 -24.57
C LYS E 175 28.10 15.35 -23.06
N ASP E 176 29.04 16.19 -22.63
CA ASP E 176 29.33 16.44 -21.20
C ASP E 176 28.03 16.89 -20.53
N VAL E 177 27.80 16.41 -19.30
CA VAL E 177 26.68 16.87 -18.46
C VAL E 177 27.30 17.76 -17.40
N PRO E 178 26.97 19.08 -17.35
CA PRO E 178 27.56 19.95 -16.34
C PRO E 178 27.14 19.49 -14.95
N ALA E 179 27.91 19.88 -13.93
CA ALA E 179 27.60 19.58 -12.52
C ALA E 179 26.18 20.08 -12.23
N TYR E 180 25.41 19.30 -11.45
CA TYR E 180 24.07 19.63 -10.92
C TYR E 180 22.98 19.43 -11.97
N VAL E 181 23.32 19.28 -13.25
CA VAL E 181 22.30 19.29 -14.33
C VAL E 181 21.57 17.93 -14.33
N THR E 182 20.24 17.98 -14.47
CA THR E 182 19.37 16.80 -14.68
C THR E 182 19.11 16.67 -16.19
N VAL E 183 19.36 15.49 -16.76
CA VAL E 183 19.15 15.21 -18.21
C VAL E 183 18.22 13.98 -18.37
N PHE E 184 17.48 13.97 -19.47
CA PHE E 184 16.44 12.96 -19.80
C PHE E 184 16.43 12.72 -21.30
N GLY E 185 16.05 11.50 -21.71
CA GLY E 185 15.72 11.14 -23.10
C GLY E 185 16.90 10.56 -23.86
N ASN E 186 16.61 10.10 -25.09
CA ASN E 186 17.59 9.62 -26.10
C ASN E 186 17.35 10.35 -27.42
N PRO E 187 18.15 11.36 -27.79
CA PRO E 187 19.33 11.77 -27.02
C PRO E 187 18.97 12.63 -25.80
N ALA E 188 19.90 12.71 -24.85
CA ALA E 188 19.71 13.37 -23.54
C ALA E 188 19.52 14.87 -23.74
N GLU E 189 18.55 15.46 -23.04
CA GLU E 189 18.36 16.94 -23.00
C GLU E 189 18.40 17.41 -21.54
N ALA E 190 18.99 18.57 -21.31
CA ALA E 190 19.00 19.30 -20.03
C ALA E 190 17.56 19.69 -19.70
N ARG E 191 17.15 19.52 -18.43
CA ARG E 191 15.80 19.90 -17.93
C ARG E 191 15.92 20.89 -16.77
N SER E 192 16.79 20.67 -15.79
CA SER E 192 16.87 21.50 -14.56
C SER E 192 18.16 21.17 -13.78
N MET E 193 18.17 21.50 -12.48
CA MET E 193 19.30 21.20 -11.57
C MET E 193 18.85 20.15 -10.53
N ASN E 194 19.82 19.43 -9.96
CA ASN E 194 19.60 18.41 -8.91
C ASN E 194 19.54 19.11 -7.55
N PHE E 195 18.47 19.88 -7.30
CA PHE E 195 18.27 20.62 -6.02
C PHE E 195 18.27 19.64 -4.85
N GLU E 196 17.63 18.48 -5.03
CA GLU E 196 17.55 17.45 -3.97
C GLU E 196 18.97 17.02 -3.58
N GLY E 197 19.86 16.87 -4.57
CA GLY E 197 21.31 16.57 -4.38
C GLY E 197 22.02 17.62 -3.53
N MET E 198 21.67 18.89 -3.72
CA MET E 198 22.27 20.05 -3.00
C MET E 198 21.80 19.99 -1.54
N ARG E 199 20.49 19.91 -1.34
CA ARG E 199 19.87 19.74 0.01
C ARG E 199 20.52 18.54 0.70
N ARG E 200 20.61 17.39 0.01
N ARG E 200 20.62 17.39 0.01
CA ARG E 200 21.20 16.13 0.54
CA ARG E 200 21.18 16.13 0.56
C ARG E 200 22.60 16.38 1.13
C ARG E 200 22.60 16.36 1.12
N ARG E 201 23.39 17.25 0.50
CA ARG E 201 24.78 17.56 0.93
C ARG E 201 24.77 18.71 1.94
N GLY E 202 23.59 19.23 2.28
CA GLY E 202 23.40 20.35 3.23
C GLY E 202 23.95 21.64 2.66
N PHE E 203 23.64 21.93 1.39
CA PHE E 203 23.96 23.21 0.71
C PHE E 203 23.15 24.32 1.40
N SER E 204 23.72 25.53 1.46
CA SER E 204 23.04 26.73 2.01
C SER E 204 21.92 27.12 1.03
N SER E 205 20.92 27.86 1.53
CA SER E 205 19.79 28.42 0.74
C SER E 205 20.30 29.40 -0.33
N GLU E 206 21.41 30.10 -0.04
CA GLU E 206 22.04 31.11 -0.95
C GLU E 206 22.75 30.39 -2.10
N ALA E 207 23.52 29.34 -1.79
CA ALA E 207 24.19 28.45 -2.76
C ALA E 207 23.16 27.94 -3.78
N ILE E 208 22.01 27.49 -3.28
CA ILE E 208 20.94 26.85 -4.09
C ILE E 208 20.31 27.93 -4.99
N HIS E 209 19.92 29.08 -4.43
CA HIS E 209 19.35 30.22 -5.20
C HIS E 209 20.35 30.66 -6.29
N ALA E 210 21.64 30.74 -5.95
CA ALA E 210 22.73 31.14 -6.86
C ALA E 210 22.87 30.12 -8.01
N LEU E 211 22.72 28.82 -7.70
CA LEU E 211 22.86 27.74 -8.71
C LEU E 211 21.64 27.76 -9.64
N ARG E 212 20.44 27.94 -9.10
CA ARG E 212 19.20 28.14 -9.90
C ARG E 212 19.44 29.27 -10.91
N ARG E 213 20.00 30.40 -10.46
CA ARG E 213 20.31 31.58 -11.30
C ARG E 213 21.29 31.16 -12.40
N ALA E 214 22.36 30.42 -12.03
CA ALA E 214 23.45 30.00 -12.94
C ALA E 214 22.85 29.15 -14.08
N TYR E 215 21.89 28.29 -13.78
CA TYR E 215 21.21 27.42 -14.78
C TYR E 215 20.57 28.34 -15.82
N LYS E 216 19.84 29.35 -15.37
CA LYS E 216 19.14 30.33 -16.26
C LYS E 216 20.18 30.98 -17.20
N VAL E 217 21.31 31.43 -16.66
CA VAL E 217 22.38 32.14 -17.44
C VAL E 217 22.84 31.23 -18.59
N VAL E 218 23.03 29.94 -18.32
CA VAL E 218 23.63 29.00 -19.31
C VAL E 218 22.57 28.51 -20.30
N TYR E 219 21.34 28.26 -19.85
CA TYR E 219 20.33 27.52 -20.66
C TYR E 219 19.14 28.38 -21.10
N ARG E 220 18.70 29.36 -20.31
CA ARG E 220 17.40 30.07 -20.53
C ARG E 220 17.61 31.58 -20.74
N GLN E 221 18.77 32.03 -21.26
CA GLN E 221 19.04 33.48 -21.51
C GLN E 221 19.58 33.73 -22.92
N GLY E 222 19.50 32.75 -23.81
CA GLY E 222 19.95 32.85 -25.22
C GLY E 222 21.44 33.13 -25.35
N HIS E 223 22.25 32.84 -24.32
CA HIS E 223 23.71 33.09 -24.31
C HIS E 223 24.45 31.98 -25.07
N THR E 224 25.58 32.32 -25.68
CA THR E 224 26.62 31.35 -26.08
C THR E 224 27.28 30.88 -24.78
N VAL E 225 28.08 29.79 -24.83
CA VAL E 225 28.78 29.23 -23.65
C VAL E 225 29.77 30.28 -23.12
N GLU E 226 30.60 30.85 -24.01
CA GLU E 226 31.65 31.85 -23.67
C GLU E 226 31.01 33.07 -22.99
N GLU E 227 29.85 33.52 -23.49
CA GLU E 227 29.03 34.62 -22.90
C GLU E 227 28.65 34.25 -21.46
N ALA E 228 28.03 33.07 -21.29
CA ALA E 228 27.54 32.52 -20.01
C ALA E 228 28.68 32.43 -19.00
N LEU E 229 29.85 31.94 -19.41
CA LEU E 229 31.02 31.75 -18.51
C LEU E 229 31.46 33.10 -17.94
N ALA E 230 31.56 34.13 -18.77
CA ALA E 230 32.01 35.49 -18.36
C ALA E 230 30.99 36.05 -17.36
N GLU E 231 29.68 35.86 -17.62
CA GLU E 231 28.60 36.33 -16.71
C GLU E 231 28.66 35.56 -15.37
N LEU E 232 28.90 34.25 -15.41
CA LEU E 232 28.95 33.41 -14.17
C LEU E 232 30.16 33.79 -13.32
N ALA E 233 31.19 34.40 -13.92
CA ALA E 233 32.51 34.67 -13.29
C ALA E 233 32.31 35.28 -11.90
N GLU E 234 31.42 36.28 -11.78
CA GLU E 234 31.14 37.00 -10.51
C GLU E 234 30.60 36.00 -9.47
N SER E 235 29.51 35.30 -9.79
CA SER E 235 28.86 34.30 -8.90
C SER E 235 29.83 33.14 -8.57
N ALA E 236 30.66 32.72 -9.52
CA ALA E 236 31.66 31.64 -9.37
C ALA E 236 32.63 32.01 -8.23
N ALA E 237 33.12 33.24 -8.22
CA ALA E 237 34.06 33.81 -7.22
C ALA E 237 33.42 33.82 -5.82
N GLN E 238 32.13 34.19 -5.73
CA GLN E 238 31.35 34.28 -4.46
C GLN E 238 31.14 32.87 -3.87
N PHE E 239 30.63 31.95 -4.71
CA PHE E 239 30.10 30.61 -4.34
C PHE E 239 30.95 29.50 -4.96
N PRO E 240 31.79 28.80 -4.16
CA PRO E 240 32.57 27.66 -4.68
C PRO E 240 31.69 26.54 -5.25
N GLU E 241 30.42 26.52 -4.84
CA GLU E 241 29.37 25.62 -5.39
C GLU E 241 29.14 25.99 -6.85
N VAL E 242 28.96 27.29 -7.12
CA VAL E 242 28.75 27.86 -8.48
C VAL E 242 30.02 27.66 -9.31
N ALA E 243 31.20 27.68 -8.69
CA ALA E 243 32.50 27.44 -9.36
C ALA E 243 32.57 26.00 -9.91
N VAL E 244 31.98 25.03 -9.21
CA VAL E 244 31.94 23.60 -9.65
C VAL E 244 31.18 23.52 -10.98
N PHE E 245 30.07 24.25 -11.07
CA PHE E 245 29.18 24.38 -12.25
C PHE E 245 29.97 24.99 -13.40
N ARG E 246 30.49 26.21 -13.21
CA ARG E 246 31.24 27.02 -14.20
C ARG E 246 32.41 26.18 -14.73
N ASP E 247 33.21 25.60 -13.85
CA ASP E 247 34.41 24.80 -14.23
C ASP E 247 34.00 23.59 -15.10
N SER E 248 32.89 22.93 -14.78
CA SER E 248 32.39 21.75 -15.53
C SER E 248 32.02 22.17 -16.96
N ILE E 249 31.47 23.39 -17.11
CA ILE E 249 31.10 23.98 -18.42
C ILE E 249 32.38 24.42 -19.15
N GLN E 250 33.31 25.07 -18.43
CA GLN E 250 34.63 25.52 -18.95
C GLN E 250 35.42 24.31 -19.49
N SER E 251 35.42 23.19 -18.77
CA SER E 251 36.23 21.99 -19.16
C SER E 251 35.52 21.18 -20.25
N ALA E 252 34.28 21.54 -20.64
CA ALA E 252 33.45 20.80 -21.63
C ALA E 252 33.99 21.02 -23.04
N THR E 253 35.08 20.32 -23.38
CA THR E 253 35.79 20.41 -24.69
C THR E 253 34.81 20.24 -25.86
N ARG E 254 33.99 19.18 -25.84
CA ARG E 254 33.14 18.74 -26.99
C ARG E 254 31.66 18.93 -26.66
N GLY E 255 31.25 20.18 -26.38
CA GLY E 255 29.85 20.57 -26.15
C GLY E 255 29.33 20.13 -24.79
N ILE E 256 28.33 20.83 -24.26
CA ILE E 256 27.55 20.44 -23.04
C ILE E 256 26.20 19.91 -23.51
N THR E 257 25.57 19.02 -22.73
CA THR E 257 24.20 18.53 -22.96
C THR E 257 23.23 19.72 -22.85
N ARG E 258 22.37 19.93 -23.87
CA ARG E 258 21.40 21.05 -23.92
C ARG E 258 19.97 20.53 -23.96
N SER F 2 45.27 -29.43 -16.56
CA SER F 2 45.18 -29.74 -18.03
C SER F 2 44.18 -28.78 -18.70
N LEU F 3 43.74 -29.10 -19.92
CA LEU F 3 42.93 -28.21 -20.77
C LEU F 3 41.48 -28.18 -20.28
N ILE F 4 40.91 -29.33 -19.91
CA ILE F 4 39.56 -29.46 -19.31
C ILE F 4 39.71 -29.52 -17.78
N ASP F 5 39.27 -28.48 -17.10
CA ASP F 5 39.33 -28.37 -15.62
C ASP F 5 38.52 -29.54 -15.03
N PRO F 6 39.03 -30.22 -13.98
CA PRO F 6 38.32 -31.37 -13.40
C PRO F 6 36.98 -31.00 -12.75
N ARG F 7 36.74 -29.71 -12.47
CA ARG F 7 35.47 -29.22 -11.87
C ARG F 7 34.40 -28.94 -12.95
N ALA F 8 34.76 -28.98 -14.22
CA ALA F 8 33.79 -28.86 -15.34
C ALA F 8 32.99 -30.17 -15.48
N ILE F 9 31.71 -30.03 -15.82
CA ILE F 9 30.80 -31.15 -16.22
C ILE F 9 30.92 -31.30 -17.74
N ILE F 10 31.34 -32.49 -18.21
CA ILE F 10 31.40 -32.84 -19.67
C ILE F 10 30.46 -34.03 -19.91
N ASP F 11 29.29 -33.80 -20.48
CA ASP F 11 28.37 -34.91 -20.82
C ASP F 11 29.15 -35.96 -21.61
N PRO F 12 28.91 -37.26 -21.37
CA PRO F 12 29.62 -38.30 -22.11
C PRO F 12 29.32 -38.32 -23.62
N SER F 13 28.19 -37.73 -24.07
CA SER F 13 27.86 -37.65 -25.52
C SER F 13 28.44 -36.38 -26.17
N ALA F 14 29.15 -35.55 -25.40
CA ALA F 14 29.81 -34.32 -25.89
C ALA F 14 31.06 -34.72 -26.67
N ARG F 15 31.46 -33.91 -27.67
CA ARG F 15 32.65 -34.14 -28.53
C ARG F 15 33.52 -32.88 -28.54
N LEU F 16 34.70 -32.95 -27.92
CA LEU F 16 35.71 -31.87 -27.88
C LEU F 16 36.88 -32.27 -28.77
N ALA F 17 37.48 -31.33 -29.52
CA ALA F 17 38.79 -31.51 -30.18
C ALA F 17 39.88 -31.55 -29.12
N ALA F 18 41.06 -32.07 -29.47
CA ALA F 18 42.17 -32.38 -28.53
C ALA F 18 42.53 -31.17 -27.64
N ASP F 19 42.61 -29.95 -28.22
CA ASP F 19 43.25 -28.78 -27.56
C ASP F 19 42.18 -27.83 -26.96
N VAL F 20 40.91 -28.19 -27.01
CA VAL F 20 39.77 -27.40 -26.44
C VAL F 20 40.02 -27.19 -24.94
N GLN F 21 39.82 -25.96 -24.45
CA GLN F 21 39.93 -25.62 -22.99
C GLN F 21 38.54 -25.38 -22.42
N VAL F 22 38.26 -25.95 -21.24
CA VAL F 22 36.99 -25.73 -20.48
C VAL F 22 37.38 -25.36 -19.05
N GLY F 23 36.88 -24.22 -18.58
CA GLY F 23 37.22 -23.67 -17.25
C GLY F 23 36.40 -24.33 -16.15
N PRO F 24 36.70 -24.03 -14.87
CA PRO F 24 35.97 -24.64 -13.75
C PRO F 24 34.48 -24.27 -13.75
N TRP F 25 33.65 -25.23 -13.38
CA TRP F 25 32.20 -25.07 -13.08
C TRP F 25 31.42 -24.73 -14.35
N SER F 26 31.94 -25.15 -15.50
CA SER F 26 31.28 -24.98 -16.81
C SER F 26 30.57 -26.29 -17.14
N ILE F 27 29.44 -26.23 -17.85
CA ILE F 27 28.68 -27.43 -18.28
C ILE F 27 28.80 -27.51 -19.81
N VAL F 28 29.38 -28.60 -20.32
CA VAL F 28 29.24 -28.99 -21.74
C VAL F 28 28.23 -30.14 -21.81
N GLY F 29 26.99 -29.84 -22.17
CA GLY F 29 25.90 -30.82 -22.12
C GLY F 29 25.93 -31.79 -23.28
N ALA F 30 24.93 -32.66 -23.32
CA ALA F 30 24.70 -33.70 -24.36
C ALA F 30 24.58 -33.05 -25.75
N GLU F 31 25.15 -33.71 -26.76
CA GLU F 31 25.09 -33.32 -28.20
C GLU F 31 25.71 -31.93 -28.39
N VAL F 32 26.70 -31.56 -27.58
CA VAL F 32 27.50 -30.32 -27.77
C VAL F 32 28.85 -30.75 -28.37
N GLU F 33 29.17 -30.22 -29.55
CA GLU F 33 30.48 -30.35 -30.23
C GLU F 33 31.24 -29.03 -30.14
N ILE F 34 32.55 -29.12 -29.87
CA ILE F 34 33.49 -27.97 -29.81
C ILE F 34 34.71 -28.27 -30.69
N GLY F 35 35.01 -27.37 -31.63
CA GLY F 35 36.10 -27.47 -32.60
C GLY F 35 37.43 -27.03 -32.01
N GLU F 36 38.51 -27.29 -32.74
CA GLU F 36 39.91 -27.14 -32.25
C GLU F 36 40.19 -25.68 -31.82
N GLY F 37 40.95 -25.50 -30.75
CA GLY F 37 41.45 -24.18 -30.33
C GLY F 37 40.42 -23.39 -29.53
N THR F 38 39.15 -23.83 -29.50
CA THR F 38 38.07 -23.08 -28.79
C THR F 38 38.38 -23.06 -27.28
N VAL F 39 38.18 -21.92 -26.64
CA VAL F 39 38.36 -21.69 -25.18
C VAL F 39 36.99 -21.36 -24.55
N ILE F 40 36.48 -22.25 -23.69
CA ILE F 40 35.32 -22.03 -22.79
C ILE F 40 35.87 -21.55 -21.45
N GLY F 41 35.43 -20.37 -21.00
CA GLY F 41 35.76 -19.79 -19.70
C GLY F 41 35.12 -20.57 -18.56
N PRO F 42 35.26 -20.10 -17.31
CA PRO F 42 34.56 -20.72 -16.18
C PRO F 42 33.08 -20.32 -16.15
N HIS F 43 32.21 -21.09 -15.49
CA HIS F 43 30.79 -20.71 -15.22
C HIS F 43 30.03 -20.55 -16.53
N VAL F 44 30.30 -21.40 -17.52
CA VAL F 44 29.61 -21.36 -18.83
C VAL F 44 28.66 -22.54 -18.88
N VAL F 45 27.44 -22.30 -19.36
CA VAL F 45 26.43 -23.34 -19.65
C VAL F 45 26.33 -23.50 -21.17
N LEU F 46 26.67 -24.69 -21.67
CA LEU F 46 26.49 -25.07 -23.08
C LEU F 46 25.45 -26.17 -23.15
N LYS F 47 24.38 -25.98 -23.92
CA LYS F 47 23.34 -27.00 -24.13
C LYS F 47 23.28 -27.29 -25.64
N GLY F 48 22.84 -28.49 -26.02
CA GLY F 48 22.80 -28.96 -27.42
C GLY F 48 21.38 -29.35 -27.81
N PRO F 49 21.14 -29.88 -29.03
CA PRO F 49 22.18 -30.05 -30.05
C PRO F 49 22.80 -28.72 -30.52
N THR F 50 24.11 -28.57 -30.30
CA THR F 50 24.90 -27.35 -30.59
C THR F 50 26.28 -27.73 -31.14
N LYS F 51 26.67 -27.09 -32.23
CA LYS F 51 28.03 -27.20 -32.81
C LYS F 51 28.73 -25.85 -32.64
N ILE F 52 29.92 -25.85 -32.08
CA ILE F 52 30.83 -24.68 -31.98
C ILE F 52 32.13 -25.02 -32.74
N GLY F 53 32.52 -24.17 -33.69
CA GLY F 53 33.69 -24.36 -34.57
C GLY F 53 35.00 -24.09 -33.85
N LYS F 54 36.00 -23.60 -34.60
CA LYS F 54 37.41 -23.52 -34.14
C LYS F 54 37.72 -22.11 -33.63
N HIS F 55 38.61 -22.01 -32.66
CA HIS F 55 39.27 -20.76 -32.21
C HIS F 55 38.25 -19.75 -31.64
N ASN F 56 37.16 -20.25 -31.06
CA ASN F 56 36.13 -19.41 -30.40
C ASN F 56 36.54 -19.18 -28.94
N ARG F 57 36.14 -18.03 -28.39
CA ARG F 57 36.29 -17.72 -26.94
C ARG F 57 34.88 -17.44 -26.37
N ILE F 58 34.47 -18.18 -25.34
CA ILE F 58 33.17 -17.94 -24.64
C ILE F 58 33.46 -17.64 -23.16
N TYR F 59 33.04 -16.45 -22.75
CA TYR F 59 33.27 -15.88 -21.40
C TYR F 59 32.19 -16.41 -20.44
N GLN F 60 32.54 -16.33 -19.15
CA GLN F 60 31.77 -16.73 -17.97
C GLN F 60 30.33 -16.18 -17.97
N PHE F 61 29.40 -16.95 -17.40
CA PHE F 61 27.97 -16.59 -17.16
C PHE F 61 27.18 -16.55 -18.47
N SER F 62 27.78 -17.01 -19.57
CA SER F 62 27.10 -17.20 -20.86
C SER F 62 26.25 -18.47 -20.81
N SER F 63 25.05 -18.41 -21.39
CA SER F 63 24.13 -19.54 -21.61
C SER F 63 23.97 -19.74 -23.11
N VAL F 64 24.67 -20.70 -23.69
CA VAL F 64 24.74 -20.94 -25.16
C VAL F 64 24.09 -22.27 -25.53
N GLY F 65 22.98 -22.23 -26.27
CA GLY F 65 22.23 -23.40 -26.75
C GLY F 65 21.02 -23.70 -25.88
N GLU F 66 20.58 -22.74 -25.06
CA GLU F 66 19.37 -22.92 -24.23
C GLU F 66 18.16 -22.97 -25.16
N ASP F 67 17.09 -23.60 -24.70
CA ASP F 67 15.74 -23.57 -25.32
C ASP F 67 15.25 -22.12 -25.27
N THR F 68 14.56 -21.67 -26.31
CA THR F 68 13.81 -20.41 -26.29
C THR F 68 12.63 -20.53 -25.31
N PRO F 69 12.27 -19.46 -24.58
CA PRO F 69 11.08 -19.51 -23.74
C PRO F 69 9.82 -19.33 -24.61
N ASP F 70 9.99 -19.06 -25.91
CA ASP F 70 8.87 -18.86 -26.87
C ASP F 70 7.93 -20.07 -26.72
N LEU F 71 6.65 -19.79 -26.45
CA LEU F 71 5.59 -20.81 -26.16
C LEU F 71 5.36 -21.70 -27.39
N LYS F 72 5.75 -21.23 -28.60
CA LYS F 72 5.80 -22.03 -29.85
C LYS F 72 6.58 -23.32 -29.60
N TYR F 73 7.79 -23.20 -29.03
CA TYR F 73 8.77 -24.29 -28.81
C TYR F 73 8.19 -25.33 -27.83
N LYS F 74 8.28 -26.62 -28.17
CA LYS F 74 7.70 -27.75 -27.38
C LYS F 74 8.72 -28.88 -27.23
N GLY F 75 10.00 -28.54 -27.07
CA GLY F 75 11.08 -29.46 -26.64
C GLY F 75 11.75 -30.19 -27.81
N GLU F 76 11.51 -29.77 -29.07
CA GLU F 76 12.02 -30.47 -30.29
C GLU F 76 13.54 -30.39 -30.35
N PRO F 77 14.21 -31.34 -31.06
CA PRO F 77 15.68 -31.37 -31.12
C PRO F 77 16.25 -30.37 -32.15
N THR F 78 15.97 -29.09 -31.95
CA THR F 78 16.45 -27.97 -32.80
C THR F 78 17.90 -27.65 -32.46
N ARG F 79 18.56 -26.85 -33.29
CA ARG F 79 20.03 -26.72 -33.30
C ARG F 79 20.49 -25.27 -33.10
N LEU F 80 21.72 -25.14 -32.64
CA LEU F 80 22.56 -23.94 -32.74
C LEU F 80 23.86 -24.34 -33.43
N VAL F 81 24.30 -23.55 -34.41
CA VAL F 81 25.65 -23.71 -35.05
C VAL F 81 26.39 -22.38 -34.95
N ILE F 82 27.60 -22.42 -34.39
CA ILE F 82 28.53 -21.27 -34.32
C ILE F 82 29.76 -21.66 -35.16
N GLY F 83 30.27 -20.71 -35.96
CA GLY F 83 31.46 -20.91 -36.82
C GLY F 83 32.73 -20.75 -36.03
N ASP F 84 33.69 -20.02 -36.61
CA ASP F 84 35.09 -19.96 -36.14
C ASP F 84 35.47 -18.52 -35.73
N HIS F 85 36.42 -18.38 -34.81
CA HIS F 85 37.07 -17.10 -34.44
C HIS F 85 36.05 -16.12 -33.83
N ASN F 86 34.99 -16.63 -33.22
CA ASN F 86 33.98 -15.77 -32.55
C ASN F 86 34.43 -15.48 -31.14
N VAL F 87 34.11 -14.28 -30.66
CA VAL F 87 34.26 -13.92 -29.23
C VAL F 87 32.87 -13.67 -28.67
N ILE F 88 32.48 -14.46 -27.69
CA ILE F 88 31.19 -14.33 -26.94
C ILE F 88 31.55 -13.92 -25.51
N ARG F 89 31.20 -12.68 -25.15
CA ARG F 89 31.57 -12.02 -23.87
C ARG F 89 30.63 -12.47 -22.74
N GLU F 90 30.74 -11.84 -21.56
CA GLU F 90 30.14 -12.21 -20.27
C GLU F 90 28.61 -12.16 -20.37
N GLY F 91 27.94 -13.20 -19.91
CA GLY F 91 26.47 -13.24 -19.70
C GLY F 91 25.66 -13.30 -20.99
N VAL F 92 26.29 -13.65 -22.12
CA VAL F 92 25.58 -13.71 -23.42
C VAL F 92 24.64 -14.91 -23.42
N THR F 93 23.39 -14.71 -23.88
CA THR F 93 22.39 -15.77 -24.08
C THR F 93 22.19 -16.01 -25.57
N ILE F 94 22.22 -17.27 -26.00
CA ILE F 94 21.99 -17.71 -27.41
C ILE F 94 21.10 -18.94 -27.39
N HIS F 95 19.93 -18.82 -28.01
CA HIS F 95 18.89 -19.86 -28.02
C HIS F 95 18.96 -20.63 -29.33
N ARG F 96 18.57 -21.90 -29.27
CA ARG F 96 18.54 -22.82 -30.43
C ARG F 96 17.27 -22.48 -31.21
N GLY F 97 17.13 -23.01 -32.42
CA GLY F 97 16.00 -22.67 -33.32
C GLY F 97 14.70 -23.31 -32.90
N THR F 98 13.67 -23.17 -33.73
CA THR F 98 12.31 -23.76 -33.54
C THR F 98 11.93 -24.49 -34.83
N VAL F 99 11.14 -25.57 -34.71
CA VAL F 99 10.66 -26.37 -35.87
C VAL F 99 9.77 -25.47 -36.74
N GLN F 100 9.04 -24.55 -36.11
CA GLN F 100 8.11 -23.61 -36.81
C GLN F 100 8.86 -22.87 -37.92
N ASP F 101 10.17 -22.68 -37.78
CA ASP F 101 10.98 -21.85 -38.73
C ASP F 101 12.03 -22.71 -39.42
N ARG F 102 13.30 -22.64 -39.00
CA ARG F 102 14.46 -23.32 -39.67
C ARG F 102 15.04 -24.41 -38.76
N ALA F 103 14.59 -24.50 -37.52
CA ALA F 103 15.06 -25.48 -36.52
C ALA F 103 16.55 -25.25 -36.26
N GLU F 104 17.05 -24.05 -36.52
CA GLU F 104 18.48 -23.70 -36.31
C GLU F 104 18.68 -22.19 -36.07
N THR F 105 19.49 -21.86 -35.07
CA THR F 105 20.12 -20.55 -34.88
C THR F 105 21.54 -20.69 -35.41
N THR F 106 22.00 -19.76 -36.25
CA THR F 106 23.30 -19.85 -36.94
C THR F 106 24.12 -18.58 -36.71
N ILE F 107 25.38 -18.76 -36.29
CA ILE F 107 26.42 -17.70 -36.21
C ILE F 107 27.61 -18.14 -37.09
N GLY F 108 28.14 -17.22 -37.90
CA GLY F 108 29.31 -17.45 -38.76
C GLY F 108 30.61 -17.29 -37.99
N ASP F 109 31.55 -16.53 -38.55
CA ASP F 109 32.96 -16.48 -38.11
C ASP F 109 33.35 -15.04 -37.81
N HIS F 110 34.30 -14.83 -36.91
CA HIS F 110 34.95 -13.51 -36.66
C HIS F 110 33.95 -12.48 -36.08
N ASN F 111 32.89 -12.95 -35.41
CA ASN F 111 31.89 -12.06 -34.78
C ASN F 111 32.37 -11.72 -33.37
N LEU F 112 32.03 -10.52 -32.91
CA LEU F 112 32.29 -10.06 -31.53
C LEU F 112 30.91 -9.79 -30.91
N ILE F 113 30.51 -10.62 -29.96
CA ILE F 113 29.21 -10.49 -29.23
C ILE F 113 29.53 -10.07 -27.80
N MET F 114 29.28 -8.82 -27.45
CA MET F 114 29.72 -8.24 -26.15
C MET F 114 28.67 -8.53 -25.07
N ALA F 115 28.96 -8.13 -23.83
CA ALA F 115 28.36 -8.65 -22.58
C ALA F 115 26.84 -8.50 -22.60
N TYR F 116 26.12 -9.56 -22.24
CA TYR F 116 24.65 -9.59 -22.01
C TYR F 116 23.88 -9.37 -23.32
N ALA F 117 24.55 -9.44 -24.47
CA ALA F 117 23.85 -9.53 -25.77
C ALA F 117 22.98 -10.78 -25.76
N HIS F 118 21.85 -10.74 -26.46
CA HIS F 118 20.90 -11.84 -26.65
C HIS F 118 20.68 -12.10 -28.14
N ILE F 119 20.80 -13.36 -28.54
CA ILE F 119 20.54 -13.87 -29.92
C ILE F 119 19.39 -14.85 -29.81
N GLY F 120 18.20 -14.41 -30.19
CA GLY F 120 16.94 -15.16 -30.07
C GLY F 120 16.86 -16.30 -31.11
N HIS F 121 15.98 -17.26 -30.84
CA HIS F 121 15.76 -18.48 -31.67
C HIS F 121 15.73 -18.13 -33.17
N ASP F 122 16.40 -18.93 -34.00
CA ASP F 122 16.23 -18.92 -35.48
C ASP F 122 16.92 -17.70 -36.10
N SER F 123 17.66 -16.90 -35.32
CA SER F 123 18.42 -15.74 -35.83
C SER F 123 19.61 -16.29 -36.60
N VAL F 124 20.10 -15.51 -37.57
CA VAL F 124 21.25 -15.88 -38.44
C VAL F 124 22.18 -14.68 -38.40
N ILE F 125 23.37 -14.87 -37.87
CA ILE F 125 24.45 -13.85 -37.90
C ILE F 125 25.52 -14.35 -38.89
N GLY F 126 25.98 -13.46 -39.77
CA GLY F 126 27.03 -13.79 -40.77
C GLY F 126 28.40 -13.73 -40.15
N ASN F 127 29.28 -12.92 -40.73
CA ASN F 127 30.73 -12.85 -40.42
C ASN F 127 31.10 -11.41 -40.06
N HIS F 128 32.09 -11.26 -39.18
CA HIS F 128 32.70 -9.96 -38.78
C HIS F 128 31.66 -8.97 -38.20
N CYS F 129 30.50 -9.44 -37.75
CA CYS F 129 29.50 -8.57 -37.09
C CYS F 129 29.98 -8.15 -35.71
N ILE F 130 29.52 -7.00 -35.20
CA ILE F 130 29.76 -6.58 -33.80
C ILE F 130 28.41 -6.27 -33.13
N LEU F 131 28.05 -7.04 -32.10
CA LEU F 131 26.86 -6.80 -31.26
C LEU F 131 27.39 -6.24 -29.94
N VAL F 132 27.22 -4.93 -29.73
CA VAL F 132 27.75 -4.25 -28.52
C VAL F 132 26.83 -4.67 -27.36
N ASN F 133 27.27 -4.42 -26.12
CA ASN F 133 26.61 -4.78 -24.85
C ASN F 133 25.09 -4.69 -24.96
N ASN F 134 24.41 -5.77 -24.60
CA ASN F 134 22.95 -5.78 -24.32
C ASN F 134 22.16 -5.62 -25.61
N THR F 135 22.80 -5.77 -26.78
CA THR F 135 22.04 -5.89 -28.06
C THR F 135 21.14 -7.12 -27.93
N ALA F 136 19.89 -7.00 -28.33
CA ALA F 136 18.88 -8.06 -28.20
C ALA F 136 18.20 -8.30 -29.56
N LEU F 137 18.39 -9.50 -30.12
CA LEU F 137 17.68 -9.99 -31.32
C LEU F 137 16.53 -10.90 -30.87
N ALA F 138 15.29 -10.46 -31.05
CA ALA F 138 14.05 -11.11 -30.54
C ALA F 138 13.91 -12.54 -31.08
N GLY F 139 14.13 -12.76 -32.36
CA GLY F 139 13.95 -14.08 -33.00
C GLY F 139 13.86 -13.93 -34.51
N HIS F 140 14.35 -14.93 -35.27
CA HIS F 140 14.31 -14.93 -36.75
C HIS F 140 14.96 -13.66 -37.33
N VAL F 141 15.95 -13.09 -36.64
CA VAL F 141 16.62 -11.86 -37.11
C VAL F 141 17.85 -12.27 -37.92
N HIS F 142 18.05 -11.66 -39.08
CA HIS F 142 19.21 -11.93 -39.98
C HIS F 142 20.13 -10.71 -39.90
N VAL F 143 21.37 -10.92 -39.45
CA VAL F 143 22.40 -9.85 -39.37
C VAL F 143 23.50 -10.22 -40.36
N ASP F 144 23.63 -9.42 -41.43
CA ASP F 144 24.55 -9.70 -42.55
C ASP F 144 25.93 -9.17 -42.18
N ASP F 145 26.94 -9.57 -42.96
CA ASP F 145 28.38 -9.36 -42.71
C ASP F 145 28.68 -7.90 -42.32
N TRP F 146 29.56 -7.73 -41.34
CA TRP F 146 30.24 -6.46 -40.95
C TRP F 146 29.26 -5.48 -40.27
N ALA F 147 27.98 -5.82 -40.12
CA ALA F 147 27.00 -4.98 -39.39
C ALA F 147 27.52 -4.71 -37.98
N ILE F 148 27.37 -3.48 -37.49
CA ILE F 148 27.64 -3.06 -36.08
C ILE F 148 26.33 -2.58 -35.46
N LEU F 149 25.87 -3.28 -34.42
CA LEU F 149 24.73 -2.85 -33.56
C LEU F 149 25.31 -2.32 -32.25
N SER F 150 25.13 -1.03 -32.00
CA SER F 150 25.72 -0.34 -30.81
C SER F 150 24.99 -0.81 -29.55
N GLY F 151 25.46 -0.39 -28.38
CA GLY F 151 24.94 -0.84 -27.08
C GLY F 151 23.41 -0.76 -27.03
N TYR F 152 22.77 -1.79 -26.48
CA TYR F 152 21.32 -1.79 -26.14
C TYR F 152 20.49 -1.55 -27.41
N THR F 153 20.96 -2.02 -28.57
CA THR F 153 20.14 -2.03 -29.80
C THR F 153 19.14 -3.16 -29.69
N LEU F 154 17.86 -2.86 -29.89
CA LEU F 154 16.76 -3.86 -29.84
C LEU F 154 16.30 -4.13 -31.27
N VAL F 155 16.17 -5.40 -31.65
CA VAL F 155 15.65 -5.79 -32.99
C VAL F 155 14.44 -6.69 -32.82
N HIS F 156 13.37 -6.31 -33.50
N HIS F 156 13.36 -6.31 -33.48
CA HIS F 156 12.10 -7.06 -33.45
CA HIS F 156 12.12 -7.09 -33.47
C HIS F 156 12.20 -8.31 -34.33
C HIS F 156 12.29 -8.38 -34.27
N GLN F 157 11.38 -9.32 -34.07
CA GLN F 157 11.36 -10.60 -34.82
C GLN F 157 11.32 -10.34 -36.34
N TYR F 158 12.10 -11.09 -37.10
CA TYR F 158 12.02 -11.23 -38.58
C TYR F 158 12.74 -10.07 -39.29
N CYS F 159 13.33 -9.13 -38.55
CA CYS F 159 13.99 -7.96 -39.17
C CYS F 159 15.31 -8.39 -39.79
N ARG F 160 15.68 -7.74 -40.88
CA ARG F 160 16.96 -7.98 -41.57
C ARG F 160 17.83 -6.76 -41.31
N ILE F 161 19.04 -7.00 -40.81
CA ILE F 161 20.09 -5.98 -40.59
C ILE F 161 21.14 -6.18 -41.70
N GLY F 162 21.27 -5.21 -42.59
CA GLY F 162 22.03 -5.28 -43.85
C GLY F 162 23.51 -5.26 -43.58
N ALA F 163 24.30 -5.77 -44.52
CA ALA F 163 25.79 -5.80 -44.44
C ALA F 163 26.31 -4.38 -44.29
N HIS F 164 27.37 -4.21 -43.49
CA HIS F 164 28.12 -2.95 -43.23
C HIS F 164 27.20 -1.85 -42.65
N SER F 165 25.97 -2.18 -42.22
CA SER F 165 25.02 -1.23 -41.55
C SER F 165 25.47 -0.93 -40.11
N PHE F 166 24.89 0.10 -39.52
CA PHE F 166 25.27 0.61 -38.19
C PHE F 166 24.02 1.11 -37.45
N SER F 167 23.86 0.70 -36.19
CA SER F 167 22.82 1.26 -35.29
C SER F 167 23.49 2.03 -34.16
N GLY F 168 22.93 3.19 -33.83
CA GLY F 168 23.35 3.99 -32.68
C GLY F 168 22.86 3.38 -31.37
N MET F 169 23.42 3.86 -30.28
CA MET F 169 23.12 3.36 -28.92
C MET F 169 21.63 3.50 -28.66
N GLY F 170 21.02 2.43 -28.15
CA GLY F 170 19.60 2.39 -27.77
C GLY F 170 18.66 2.41 -28.96
N SER F 171 19.12 2.08 -30.16
CA SER F 171 18.22 1.96 -31.33
C SER F 171 17.19 0.84 -31.08
N ALA F 172 15.94 1.08 -31.45
CA ALA F 172 14.83 0.10 -31.44
C ALA F 172 14.39 -0.11 -32.88
N ILE F 173 14.81 -1.24 -33.44
CA ILE F 173 14.68 -1.56 -34.89
C ILE F 173 13.43 -2.45 -35.04
N GLY F 174 12.45 -1.96 -35.78
CA GLY F 174 11.18 -2.63 -36.07
C GLY F 174 11.02 -2.93 -37.55
N LYS F 175 11.90 -2.41 -38.40
CA LYS F 175 11.83 -2.62 -39.86
C LYS F 175 13.25 -2.95 -40.36
N ASP F 176 13.34 -3.56 -41.54
CA ASP F 176 14.63 -3.91 -42.18
C ASP F 176 15.52 -2.67 -42.26
N VAL F 177 16.80 -2.87 -41.91
CA VAL F 177 17.88 -1.87 -42.09
C VAL F 177 18.63 -2.27 -43.35
N PRO F 178 18.51 -1.47 -44.44
CA PRO F 178 19.24 -1.76 -45.67
C PRO F 178 20.74 -1.78 -45.40
N ALA F 179 21.48 -2.56 -46.21
CA ALA F 179 22.96 -2.54 -46.32
C ALA F 179 23.47 -1.08 -46.27
N TYR F 180 24.60 -0.89 -45.58
CA TYR F 180 25.35 0.36 -45.33
C TYR F 180 24.53 1.47 -44.63
N VAL F 181 23.28 1.24 -44.23
CA VAL F 181 22.45 2.35 -43.68
C VAL F 181 22.79 2.52 -42.20
N THR F 182 22.85 3.76 -41.74
CA THR F 182 23.01 4.12 -40.29
C THR F 182 21.62 4.49 -39.76
N VAL F 183 21.22 3.88 -38.65
CA VAL F 183 19.92 4.13 -37.96
C VAL F 183 20.18 4.51 -36.50
N PHE F 184 19.26 5.27 -35.92
CA PHE F 184 19.34 5.84 -34.55
C PHE F 184 17.92 5.96 -33.99
N GLY F 185 17.77 5.77 -32.68
CA GLY F 185 16.59 6.18 -31.90
C GLY F 185 15.60 5.06 -31.70
N ASN F 186 14.55 5.39 -30.94
CA ASN F 186 13.38 4.53 -30.64
C ASN F 186 12.13 5.30 -31.00
N PRO F 187 11.44 5.02 -32.11
CA PRO F 187 11.84 3.97 -33.06
C PRO F 187 13.00 4.38 -34.00
N ALA F 188 13.68 3.40 -34.61
CA ALA F 188 14.90 3.61 -35.41
C ALA F 188 14.56 4.47 -36.63
N GLU F 189 15.41 5.45 -36.94
CA GLU F 189 15.29 6.35 -38.11
C GLU F 189 16.55 6.21 -38.99
N ALA F 190 16.40 6.16 -40.32
CA ALA F 190 17.52 6.19 -41.29
C ALA F 190 18.17 7.59 -41.30
N ARG F 191 19.43 7.69 -40.95
CA ARG F 191 20.10 9.02 -40.87
C ARG F 191 20.94 9.22 -42.12
N SER F 192 21.66 8.21 -42.55
CA SER F 192 22.44 8.27 -43.81
C SER F 192 23.13 6.94 -44.01
N MET F 193 24.33 6.99 -44.59
CA MET F 193 25.12 5.75 -44.78
C MET F 193 26.38 5.77 -43.91
N ASN F 194 26.94 4.59 -43.67
CA ASN F 194 28.08 4.34 -42.76
C ASN F 194 29.38 4.61 -43.51
N PHE F 195 29.58 5.86 -43.96
CA PHE F 195 30.69 6.28 -44.85
C PHE F 195 32.03 6.02 -44.15
N GLU F 196 32.07 6.31 -42.85
CA GLU F 196 33.24 6.10 -41.94
C GLU F 196 33.62 4.61 -41.95
N GLY F 197 32.66 3.74 -41.68
CA GLY F 197 32.79 2.27 -41.78
C GLY F 197 33.36 1.85 -43.13
N MET F 198 32.82 2.39 -44.22
CA MET F 198 33.24 2.03 -45.60
C MET F 198 34.69 2.46 -45.80
N ARG F 199 35.02 3.70 -45.46
CA ARG F 199 36.39 4.24 -45.67
C ARG F 199 37.40 3.45 -44.84
N ARG F 200 37.09 3.14 -43.57
CA ARG F 200 37.98 2.33 -42.69
C ARG F 200 38.18 0.92 -43.27
N ARG F 201 37.12 0.29 -43.82
CA ARG F 201 37.19 -1.04 -44.46
C ARG F 201 37.77 -0.90 -45.88
N GLY F 202 37.99 0.32 -46.34
CA GLY F 202 38.70 0.62 -47.60
C GLY F 202 37.86 0.30 -48.82
N PHE F 203 36.57 0.63 -48.80
CA PHE F 203 35.73 0.62 -50.02
C PHE F 203 36.33 1.64 -50.98
N SER F 204 36.08 1.46 -52.29
CA SER F 204 36.56 2.36 -53.37
C SER F 204 35.90 3.72 -53.17
N SER F 205 36.59 4.79 -53.59
CA SER F 205 36.01 6.16 -53.62
C SER F 205 34.78 6.17 -54.53
N GLU F 206 34.80 5.38 -55.62
CA GLU F 206 33.74 5.39 -56.65
C GLU F 206 32.50 4.63 -56.16
N ALA F 207 32.67 3.54 -55.40
CA ALA F 207 31.54 2.74 -54.87
C ALA F 207 30.77 3.60 -53.84
N ILE F 208 31.49 4.31 -52.98
CA ILE F 208 30.92 5.26 -51.97
C ILE F 208 29.98 6.24 -52.67
N HIS F 209 30.40 6.84 -53.78
CA HIS F 209 29.65 7.91 -54.48
C HIS F 209 28.43 7.32 -55.17
N ALA F 210 28.54 6.09 -55.69
CA ALA F 210 27.39 5.33 -56.23
C ALA F 210 26.41 4.95 -55.11
N LEU F 211 26.88 4.68 -53.88
CA LEU F 211 25.94 4.34 -52.76
C LEU F 211 25.18 5.59 -52.30
N ARG F 212 25.85 6.75 -52.26
CA ARG F 212 25.19 8.07 -52.06
C ARG F 212 24.01 8.23 -53.03
N ARG F 213 24.21 7.95 -54.32
CA ARG F 213 23.17 8.18 -55.34
C ARG F 213 22.04 7.21 -55.03
N ALA F 214 22.40 5.95 -54.76
CA ALA F 214 21.45 4.87 -54.43
C ALA F 214 20.59 5.28 -53.22
N TYR F 215 21.21 5.80 -52.17
CA TYR F 215 20.50 6.31 -50.97
C TYR F 215 19.45 7.35 -51.38
N LYS F 216 19.85 8.32 -52.22
CA LYS F 216 18.93 9.39 -52.70
C LYS F 216 17.74 8.74 -53.40
N VAL F 217 17.98 7.73 -54.25
CA VAL F 217 16.91 7.14 -55.12
C VAL F 217 15.84 6.51 -54.23
N VAL F 218 16.25 5.87 -53.13
CA VAL F 218 15.32 5.13 -52.22
C VAL F 218 14.63 6.13 -51.29
N TYR F 219 15.36 7.08 -50.72
CA TYR F 219 14.92 7.84 -49.52
C TYR F 219 14.43 9.27 -49.87
N ARG F 220 14.96 9.91 -50.92
CA ARG F 220 14.95 11.39 -51.07
C ARG F 220 14.27 11.86 -52.37
N GLN F 221 13.69 10.97 -53.18
CA GLN F 221 13.13 11.31 -54.51
C GLN F 221 11.65 10.90 -54.59
N GLY F 222 10.99 10.72 -53.44
CA GLY F 222 9.56 10.44 -53.32
C GLY F 222 9.12 9.16 -54.04
N HIS F 223 10.06 8.30 -54.43
CA HIS F 223 9.81 7.03 -55.17
C HIS F 223 9.17 5.97 -54.26
N THR F 224 8.52 5.00 -54.88
CA THR F 224 8.09 3.71 -54.28
C THR F 224 9.30 2.77 -54.19
N VAL F 225 9.19 1.68 -53.42
CA VAL F 225 10.22 0.61 -53.39
C VAL F 225 10.43 0.13 -54.83
N GLU F 226 9.33 -0.13 -55.56
CA GLU F 226 9.32 -0.59 -56.98
C GLU F 226 10.12 0.38 -57.85
N GLU F 227 9.67 1.63 -57.95
CA GLU F 227 10.31 2.70 -58.77
C GLU F 227 11.80 2.73 -58.42
N ALA F 228 12.11 2.84 -57.12
CA ALA F 228 13.48 2.91 -56.59
C ALA F 228 14.30 1.72 -57.09
N LEU F 229 13.69 0.52 -57.06
CA LEU F 229 14.36 -0.75 -57.49
C LEU F 229 14.76 -0.65 -58.98
N ALA F 230 13.89 -0.12 -59.84
CA ALA F 230 14.18 0.14 -61.28
C ALA F 230 15.48 0.94 -61.42
N GLU F 231 15.60 2.05 -60.69
CA GLU F 231 16.63 3.09 -60.90
C GLU F 231 18.04 2.57 -60.58
N LEU F 232 18.14 1.57 -59.70
CA LEU F 232 19.44 1.07 -59.14
C LEU F 232 20.04 -0.03 -60.03
N ALA F 233 19.20 -0.71 -60.83
CA ALA F 233 19.60 -1.82 -61.74
C ALA F 233 20.91 -1.46 -62.44
N GLU F 234 20.90 -0.30 -63.10
CA GLU F 234 22.00 0.27 -63.92
C GLU F 234 23.26 0.42 -63.07
N SER F 235 23.09 0.95 -61.85
CA SER F 235 24.20 1.16 -60.88
C SER F 235 24.58 -0.16 -60.21
N ALA F 236 23.60 -1.02 -59.91
CA ALA F 236 23.81 -2.37 -59.34
C ALA F 236 24.78 -3.16 -60.22
N ALA F 237 24.67 -3.01 -61.54
CA ALA F 237 25.49 -3.70 -62.56
C ALA F 237 26.97 -3.29 -62.42
N GLN F 238 27.24 -1.99 -62.27
CA GLN F 238 28.63 -1.43 -62.34
C GLN F 238 29.36 -1.64 -61.01
N PHE F 239 28.66 -1.55 -59.89
CA PHE F 239 29.22 -1.77 -58.53
C PHE F 239 28.34 -2.78 -57.80
N PRO F 240 28.92 -3.88 -57.27
CA PRO F 240 28.14 -4.86 -56.53
C PRO F 240 27.53 -4.26 -55.24
N GLU F 241 28.20 -3.29 -54.62
CA GLU F 241 27.75 -2.66 -53.35
C GLU F 241 26.34 -2.12 -53.55
N VAL F 242 26.05 -1.55 -54.71
CA VAL F 242 24.68 -1.02 -55.02
C VAL F 242 23.75 -2.21 -55.21
N ALA F 243 24.25 -3.33 -55.74
CA ALA F 243 23.49 -4.60 -55.85
C ALA F 243 23.15 -5.13 -54.44
N VAL F 244 24.17 -5.29 -53.58
CA VAL F 244 24.01 -5.62 -52.12
C VAL F 244 22.95 -4.69 -51.51
N PHE F 245 23.13 -3.38 -51.69
CA PHE F 245 22.16 -2.34 -51.23
C PHE F 245 20.80 -2.62 -51.82
N ARG F 246 20.72 -2.73 -53.15
CA ARG F 246 19.46 -2.93 -53.90
C ARG F 246 18.76 -4.19 -53.38
N ASP F 247 19.54 -5.26 -53.17
CA ASP F 247 19.03 -6.60 -52.71
C ASP F 247 18.41 -6.46 -51.31
N SER F 248 19.02 -5.67 -50.42
CA SER F 248 18.52 -5.50 -49.02
C SER F 248 17.17 -4.79 -49.05
N ILE F 249 16.96 -3.87 -50.00
CA ILE F 249 15.64 -3.20 -50.20
C ILE F 249 14.66 -4.19 -50.84
N GLN F 250 15.09 -4.90 -51.89
CA GLN F 250 14.24 -5.90 -52.60
C GLN F 250 13.84 -7.02 -51.65
N SER F 251 14.78 -7.52 -50.84
CA SER F 251 14.58 -8.68 -49.92
C SER F 251 14.10 -8.20 -48.55
N ALA F 252 13.26 -7.15 -48.51
CA ALA F 252 12.73 -6.52 -47.27
C ALA F 252 11.28 -6.95 -47.02
N THR F 253 11.07 -7.89 -46.09
CA THR F 253 9.73 -8.39 -45.69
C THR F 253 8.87 -7.22 -45.20
N ARG F 254 9.36 -6.50 -44.18
CA ARG F 254 8.52 -5.66 -43.27
C ARG F 254 8.61 -4.18 -43.65
N GLY F 255 8.95 -3.86 -44.91
CA GLY F 255 9.33 -2.51 -45.38
C GLY F 255 10.67 -2.09 -44.79
N ILE F 256 11.22 -0.94 -45.21
CA ILE F 256 12.57 -0.49 -44.75
C ILE F 256 12.42 0.57 -43.66
N THR F 257 13.48 0.76 -42.88
CA THR F 257 13.60 1.84 -41.87
C THR F 257 13.76 3.15 -42.65
N ARG F 258 12.85 4.11 -42.42
CA ARG F 258 12.83 5.42 -43.12
C ARG F 258 13.22 6.55 -42.15
#